data_5X66
#
_entry.id   5X66
#
_cell.length_a   109.198
_cell.length_b   109.198
_cell.length_c   317.125
_cell.angle_alpha   90.000
_cell.angle_beta   90.000
_cell.angle_gamma   90.000
#
_symmetry.space_group_name_H-M   'P 43 21 2'
#
loop_
_entity.id
_entity.type
_entity.pdbx_description
1 polymer 'Thymidylate synthase'
2 non-polymer "2'-DEOXYURIDINE 5'-MONOPHOSPHATE"
3 non-polymer METHOTREXATE
4 water water
#
_entity_poly.entity_id   1
_entity_poly.type   'polypeptide(L)'
_entity_poly.pdbx_seq_one_letter_code
;SMPPHGELQYLGQIQHILRCGVRKDDRTGTGTLSVFGMQARYSLRDEFPLLTTKRVFWKGVLEELLWFIKGSTNAKELSS
KGVKIWDANGSRDFLDSLGFSTREEGDLGPVYGFQWRHFGAEYRDMESDYSGQGVDQLQRVIDTIKTNPDDRRIIMCAWN
PRDLPLMALPPCHALCQFYVVNSELSCQLYQRSGDMGLGVPFNIASYALLTYMIAHITGLKPGDFIHTLGDAHIYLNHIE
PLKIQLQREPRPFPKLRILRKVEKIDDFKAEDFQIEGYNPHPTIKMEMAV
;
_entity_poly.pdbx_strand_id   A,B,C,D,E,F
#
loop_
_chem_comp.id
_chem_comp.type
_chem_comp.name
_chem_comp.formula
MTX non-polymer METHOTREXATE 'C20 H22 N8 O5'
UMP non-polymer '2'-DEOXYURIDINE 5'-MONOPHOSPHATE' 'C9 H13 N2 O8 P'
#
# COMPACT_ATOMS: atom_id res chain seq x y z
N PRO A 3 -9.65 -12.54 31.43
CA PRO A 3 -9.11 -13.16 30.18
C PRO A 3 -8.46 -12.11 29.25
N PRO A 4 -7.26 -12.39 28.73
CA PRO A 4 -6.56 -11.35 28.01
C PRO A 4 -7.33 -10.89 26.72
N HIS A 5 -7.15 -9.62 26.39
CA HIS A 5 -7.61 -9.04 25.13
C HIS A 5 -7.08 -9.90 23.94
N GLY A 6 -7.94 -10.30 23.03
CA GLY A 6 -7.54 -11.07 21.86
C GLY A 6 -6.44 -10.45 21.00
N GLU A 7 -6.39 -9.13 20.96
CA GLU A 7 -5.40 -8.42 20.17
C GLU A 7 -3.98 -8.70 20.63
N LEU A 8 -3.82 -9.06 21.91
CA LEU A 8 -2.50 -9.40 22.40
C LEU A 8 -1.92 -10.65 21.74
N GLN A 9 -2.75 -11.49 21.17
CA GLN A 9 -2.22 -12.59 20.30
C GLN A 9 -1.45 -12.01 19.09
N TYR A 10 -2.07 -11.08 18.38
CA TYR A 10 -1.47 -10.44 17.23
C TYR A 10 -0.17 -9.74 17.67
N LEU A 11 -0.24 -8.98 18.77
CA LEU A 11 0.92 -8.24 19.22
C LEU A 11 2.02 -9.23 19.71
N GLY A 12 1.61 -10.32 20.33
CA GLY A 12 2.56 -11.39 20.64
C GLY A 12 3.27 -11.97 19.41
N GLN A 13 2.55 -12.06 18.29
CA GLN A 13 3.15 -12.56 17.05
C GLN A 13 4.20 -11.58 16.50
N ILE A 14 3.85 -10.29 16.49
CA ILE A 14 4.78 -9.26 16.11
C ILE A 14 6.09 -9.39 16.96
N GLN A 15 5.94 -9.49 18.28
CA GLN A 15 7.10 -9.62 19.21
C GLN A 15 7.92 -10.85 18.90
N HIS A 16 7.25 -11.96 18.63
CA HIS A 16 7.94 -13.19 18.34
C HIS A 16 8.73 -13.09 17.06
N ILE A 17 8.18 -12.46 16.02
CA ILE A 17 8.92 -12.30 14.78
C ILE A 17 10.13 -11.35 14.95
N LEU A 18 9.93 -10.25 15.64
CA LEU A 18 11.03 -9.30 15.92
C LEU A 18 12.13 -10.02 16.70
N ARG A 19 11.78 -10.85 17.67
CA ARG A 19 12.81 -11.52 18.49
C ARG A 19 13.41 -12.77 17.86
N CYS A 20 12.58 -13.62 17.21
CA CYS A 20 13.03 -14.92 16.66
C CYS A 20 12.96 -15.06 15.14
N GLY A 21 12.40 -14.06 14.45
CA GLY A 21 12.31 -14.11 13.00
C GLY A 21 13.68 -14.09 12.40
N VAL A 22 13.80 -14.71 11.24
CA VAL A 22 15.04 -14.79 10.53
C VAL A 22 15.00 -13.89 9.29
N ARG A 23 16.13 -13.36 8.90
CA ARG A 23 16.21 -12.50 7.74
C ARG A 23 15.89 -13.31 6.50
N LYS A 24 14.99 -12.80 5.68
CA LYS A 24 14.56 -13.52 4.47
C LYS A 24 14.21 -12.50 3.39
N ASP A 25 14.86 -12.63 2.26
CA ASP A 25 14.72 -11.67 1.15
C ASP A 25 13.35 -11.86 0.48
N ASP A 26 12.95 -10.83 -0.24
CA ASP A 26 11.74 -10.92 -1.06
C ASP A 26 12.04 -10.24 -2.42
N ARG A 27 11.12 -10.47 -3.35
CA ARG A 27 11.14 -9.90 -4.72
C ARG A 27 11.42 -8.41 -4.80
N THR A 28 10.93 -7.64 -3.83
CA THR A 28 11.09 -6.20 -3.83
C THR A 28 12.46 -5.70 -3.38
N GLY A 29 13.29 -6.57 -2.79
CA GLY A 29 14.53 -6.13 -2.18
C GLY A 29 14.39 -5.39 -0.87
N THR A 30 13.17 -5.36 -0.31
CA THR A 30 12.93 -4.71 0.99
C THR A 30 13.53 -5.55 2.12
N GLY A 31 13.38 -6.88 2.04
CA GLY A 31 13.78 -7.81 3.07
C GLY A 31 12.70 -7.94 4.14
N THR A 32 12.73 -9.04 4.86
CA THR A 32 11.82 -9.30 5.97
C THR A 32 12.50 -10.03 7.08
N LEU A 33 11.92 -9.95 8.27
CA LEU A 33 12.10 -10.91 9.31
C LEU A 33 10.88 -11.87 9.21
N SER A 34 11.15 -13.17 9.24
CA SER A 34 10.17 -14.21 8.88
C SER A 34 10.17 -15.37 9.84
N VAL A 35 8.96 -15.83 10.21
CA VAL A 35 8.74 -17.11 10.95
C VAL A 35 7.74 -17.91 10.04
N PHE A 36 7.95 -19.20 9.92
CA PHE A 36 7.05 -20.09 9.17
C PHE A 36 6.20 -20.85 10.15
N GLY A 37 4.88 -20.66 10.03
CA GLY A 37 3.90 -21.40 10.87
C GLY A 37 3.52 -20.62 12.14
N MET A 38 2.37 -19.96 12.15
CA MET A 38 1.81 -19.34 13.36
C MET A 38 0.34 -19.57 13.40
N GLN A 39 -0.24 -19.39 14.57
CA GLN A 39 -1.68 -19.59 14.76
C GLN A 39 -2.18 -18.74 15.91
N ALA A 40 -3.27 -18.03 15.69
CA ALA A 40 -3.93 -17.25 16.77
C ALA A 40 -5.41 -17.57 16.71
N ARG A 41 -6.09 -17.50 17.85
CA ARG A 41 -7.53 -17.69 17.95
C ARG A 41 -8.18 -16.37 18.42
N TYR A 42 -9.18 -15.89 17.71
CA TYR A 42 -9.88 -14.64 18.04
C TYR A 42 -11.34 -14.98 18.30
N SER A 43 -11.82 -14.74 19.53
CA SER A 43 -13.22 -15.01 19.83
C SER A 43 -14.09 -14.06 19.06
N LEU A 44 -15.21 -14.55 18.59
CA LEU A 44 -16.23 -13.74 17.89
C LEU A 44 -17.49 -13.55 18.75
N ARG A 45 -17.40 -13.96 20.01
CA ARG A 45 -18.59 -14.11 20.88
C ARG A 45 -18.80 -12.77 21.53
N ASP A 46 -19.78 -12.03 21.04
CA ASP A 46 -20.09 -10.67 21.59
C ASP A 46 -18.98 -9.67 21.41
N GLU A 47 -18.10 -9.86 20.42
CA GLU A 47 -17.05 -8.91 20.10
C GLU A 47 -16.59 -9.20 18.66
N PHE A 48 -16.04 -8.21 18.01
CA PHE A 48 -15.55 -8.29 16.65
C PHE A 48 -14.08 -7.86 16.64
N PRO A 49 -13.16 -8.75 16.17
CA PRO A 49 -11.73 -8.49 16.29
C PRO A 49 -11.13 -7.54 15.23
N LEU A 50 -11.60 -6.28 15.28
CA LEU A 50 -11.07 -5.21 14.49
C LEU A 50 -10.02 -4.53 15.33
N LEU A 51 -8.75 -4.61 14.89
CA LEU A 51 -7.68 -4.21 15.73
C LEU A 51 -7.69 -2.71 16.12
N THR A 52 -7.32 -2.46 17.38
CA THR A 52 -7.35 -1.15 18.00
C THR A 52 -5.98 -0.50 18.15
N THR A 53 -4.87 -1.22 18.08
CA THR A 53 -3.56 -0.56 18.24
C THR A 53 -3.11 0.24 17.02
N LYS A 54 -3.76 -0.03 15.91
CA LYS A 54 -3.69 0.87 14.73
C LYS A 54 -5.03 0.64 14.00
N ARG A 55 -5.57 1.72 13.45
CA ARG A 55 -6.86 1.67 12.80
C ARG A 55 -6.80 0.74 11.57
N VAL A 56 -7.79 -0.12 11.44
CA VAL A 56 -7.97 -0.99 10.30
C VAL A 56 -8.97 -0.32 9.32
N PHE A 57 -8.70 -0.52 8.04
CA PHE A 57 -9.55 0.03 6.96
C PHE A 57 -10.80 -0.74 6.78
N TRP A 58 -11.75 -0.54 7.73
CA TRP A 58 -13.01 -1.24 7.78
C TRP A 58 -13.82 -1.10 6.50
N LYS A 59 -13.85 0.10 5.95
CA LYS A 59 -14.61 0.28 4.70
C LYS A 59 -14.06 -0.65 3.60
N GLY A 60 -12.74 -0.73 3.51
CA GLY A 60 -12.07 -1.65 2.59
C GLY A 60 -12.41 -3.10 2.83
N VAL A 61 -12.39 -3.52 4.11
CA VAL A 61 -12.76 -4.89 4.49
C VAL A 61 -14.16 -5.24 3.95
N LEU A 62 -15.13 -4.41 4.29
CA LEU A 62 -16.52 -4.66 4.00
C LEU A 62 -16.80 -4.62 2.49
N GLU A 63 -16.34 -3.58 1.80
CA GLU A 63 -16.57 -3.47 0.34
C GLU A 63 -15.83 -4.60 -0.44
N GLU A 64 -14.61 -4.90 -0.05
CA GLU A 64 -13.88 -6.01 -0.69
C GLU A 64 -14.65 -7.33 -0.51
N LEU A 65 -15.15 -7.58 0.68
CA LEU A 65 -15.84 -8.83 0.89
C LEU A 65 -17.14 -8.95 0.09
N LEU A 66 -17.89 -7.86 0.01
CA LEU A 66 -19.10 -7.84 -0.78
C LEU A 66 -18.75 -8.06 -2.25
N TRP A 67 -17.66 -7.50 -2.69
CA TRP A 67 -17.17 -7.66 -4.07
C TRP A 67 -16.80 -9.13 -4.40
N PHE A 68 -16.16 -9.81 -3.47
CA PHE A 68 -15.84 -11.22 -3.55
C PHE A 68 -17.15 -12.01 -3.66
N ILE A 69 -18.11 -11.75 -2.77
CA ILE A 69 -19.37 -12.49 -2.71
C ILE A 69 -20.13 -12.40 -4.06
N LYS A 70 -20.13 -11.24 -4.70
CA LYS A 70 -20.80 -11.12 -5.98
C LYS A 70 -20.04 -11.75 -7.12
N GLY A 71 -18.86 -12.27 -6.84
CA GLY A 71 -18.08 -13.00 -7.81
C GLY A 71 -17.25 -12.13 -8.72
N SER A 72 -17.07 -10.86 -8.38
CA SER A 72 -16.40 -9.98 -9.29
C SER A 72 -14.90 -10.22 -9.33
N THR A 73 -14.30 -9.99 -10.48
CA THR A 73 -12.86 -10.00 -10.68
C THR A 73 -12.40 -8.67 -11.33
N ASN A 74 -13.22 -7.66 -11.19
CA ASN A 74 -13.04 -6.36 -11.84
C ASN A 74 -12.63 -5.32 -10.79
N ALA A 75 -11.35 -4.93 -10.81
CA ALA A 75 -10.81 -3.99 -9.85
C ALA A 75 -11.53 -2.65 -9.90
N LYS A 76 -11.96 -2.26 -11.13
CA LYS A 76 -12.65 -0.99 -11.31
C LYS A 76 -13.95 -0.92 -10.53
N GLU A 77 -14.64 -2.04 -10.40
CA GLU A 77 -15.87 -2.10 -9.67
C GLU A 77 -15.71 -1.93 -8.13
N LEU A 78 -14.59 -2.41 -7.59
CA LEU A 78 -14.24 -2.18 -6.19
C LEU A 78 -13.77 -0.73 -6.04
N SER A 79 -12.92 -0.26 -6.94
CA SER A 79 -12.42 1.13 -6.97
C SER A 79 -13.53 2.17 -6.96
N SER A 80 -14.64 1.83 -7.63
CA SER A 80 -15.74 2.76 -7.76
C SER A 80 -16.39 3.01 -6.39
N LYS A 81 -16.20 2.08 -5.46
CA LYS A 81 -16.68 2.24 -4.08
C LYS A 81 -15.69 2.94 -3.14
N GLY A 82 -14.64 3.52 -3.68
CA GLY A 82 -13.63 4.21 -2.85
C GLY A 82 -12.55 3.33 -2.23
N VAL A 83 -12.44 2.06 -2.72
CA VAL A 83 -11.51 1.06 -2.16
C VAL A 83 -10.51 0.72 -3.26
N LYS A 84 -9.28 1.21 -3.10
CA LYS A 84 -8.31 1.22 -4.18
C LYS A 84 -7.28 0.05 -4.10
N ILE A 85 -7.52 -0.91 -3.21
CA ILE A 85 -6.46 -1.86 -2.83
C ILE A 85 -6.09 -2.84 -3.95
N TRP A 86 -6.93 -3.02 -4.94
CA TRP A 86 -6.60 -3.90 -6.04
C TRP A 86 -6.27 -3.13 -7.33
N ASP A 87 -6.30 -1.83 -7.30
CA ASP A 87 -6.18 -1.04 -8.53
C ASP A 87 -4.81 -1.16 -9.19
N ALA A 88 -3.75 -1.11 -8.40
CA ALA A 88 -2.41 -1.29 -8.94
C ALA A 88 -2.27 -2.67 -9.64
N ASN A 89 -2.94 -3.71 -9.15
CA ASN A 89 -2.84 -5.01 -9.75
C ASN A 89 -3.66 -5.21 -11.00
N GLY A 90 -4.55 -4.28 -11.29
CA GLY A 90 -5.36 -4.27 -12.50
C GLY A 90 -4.92 -3.26 -13.54
N SER A 91 -3.91 -2.47 -13.24
CA SER A 91 -3.48 -1.38 -14.13
C SER A 91 -2.89 -1.93 -15.42
N ARG A 92 -2.95 -1.13 -16.48
CA ARG A 92 -2.31 -1.46 -17.76
C ARG A 92 -0.86 -1.87 -17.54
N ASP A 93 -0.13 -1.10 -16.78
CA ASP A 93 1.27 -1.37 -16.55
C ASP A 93 1.53 -2.71 -15.87
N PHE A 94 0.78 -3.00 -14.81
CA PHE A 94 0.98 -4.25 -14.08
C PHE A 94 0.56 -5.48 -14.90
N LEU A 95 -0.58 -5.39 -15.59
CA LEU A 95 -1.03 -6.44 -16.50
C LEU A 95 0.02 -6.72 -17.59
N ASP A 96 0.57 -5.66 -18.20
CA ASP A 96 1.63 -5.81 -19.20
C ASP A 96 2.88 -6.44 -18.60
N SER A 97 3.25 -6.03 -17.39
CA SER A 97 4.40 -6.62 -16.69
C SER A 97 4.29 -8.17 -16.52
N LEU A 98 3.06 -8.71 -16.51
CA LEU A 98 2.80 -10.15 -16.40
C LEU A 98 2.61 -10.82 -17.76
N GLY A 99 2.73 -10.04 -18.86
CA GLY A 99 2.50 -10.59 -20.15
C GLY A 99 1.03 -10.62 -20.56
N PHE A 100 0.16 -9.89 -19.84
CA PHE A 100 -1.25 -9.87 -20.17
C PHE A 100 -1.57 -8.64 -21.01
N SER A 101 -0.84 -8.44 -22.11
CA SER A 101 -1.02 -7.23 -22.93
C SER A 101 -2.39 -7.16 -23.59
N THR A 102 -3.06 -8.30 -23.79
CA THR A 102 -4.34 -8.28 -24.47
C THR A 102 -5.48 -8.03 -23.51
N ARG A 103 -5.21 -8.06 -22.21
CA ARG A 103 -6.26 -8.00 -21.21
C ARG A 103 -6.68 -6.59 -20.93
N GLU A 104 -7.99 -6.36 -20.80
CA GLU A 104 -8.55 -5.05 -20.44
C GLU A 104 -8.13 -4.59 -19.01
N GLU A 105 -7.91 -3.29 -18.87
CA GLU A 105 -7.57 -2.74 -17.59
C GLU A 105 -8.66 -3.05 -16.55
N GLY A 106 -8.22 -3.39 -15.34
CA GLY A 106 -9.17 -3.85 -14.29
C GLY A 106 -9.35 -5.35 -14.16
N ASP A 107 -9.05 -6.11 -15.23
CA ASP A 107 -9.36 -7.52 -15.24
C ASP A 107 -8.24 -8.28 -14.50
N LEU A 108 -8.55 -8.64 -13.27
CA LEU A 108 -7.65 -9.32 -12.38
C LEU A 108 -7.45 -10.80 -12.68
N GLY A 109 -8.22 -11.33 -13.59
CA GLY A 109 -8.20 -12.74 -13.89
C GLY A 109 -9.03 -13.56 -12.89
N PRO A 110 -8.87 -14.88 -12.86
CA PRO A 110 -9.68 -15.69 -11.97
C PRO A 110 -9.27 -15.72 -10.50
N VAL A 111 -9.42 -14.58 -9.85
CA VAL A 111 -9.12 -14.40 -8.45
C VAL A 111 -10.30 -14.79 -7.54
N TYR A 112 -10.21 -14.48 -6.26
CA TYR A 112 -11.16 -14.83 -5.21
C TYR A 112 -12.63 -14.95 -5.60
N GLY A 113 -13.19 -13.90 -6.12
CA GLY A 113 -14.57 -13.89 -6.53
C GLY A 113 -14.94 -15.03 -7.47
N PHE A 114 -14.14 -15.26 -8.47
CA PHE A 114 -14.36 -16.32 -9.43
C PHE A 114 -14.24 -17.71 -8.81
N GLN A 115 -13.19 -17.94 -8.08
CA GLN A 115 -12.94 -19.19 -7.41
C GLN A 115 -14.03 -19.55 -6.41
N TRP A 116 -14.46 -18.59 -5.62
CA TRP A 116 -15.47 -18.80 -4.62
C TRP A 116 -16.82 -19.19 -5.19
N ARG A 117 -17.20 -18.58 -6.29
CA ARG A 117 -18.52 -18.82 -6.86
C ARG A 117 -18.54 -19.72 -8.09
N HIS A 118 -17.39 -19.93 -8.75
CA HIS A 118 -17.30 -20.65 -10.06
C HIS A 118 -16.05 -21.52 -10.24
N PHE A 119 -15.59 -22.13 -9.14
CA PHE A 119 -14.35 -22.90 -9.18
C PHE A 119 -14.43 -23.95 -10.29
N GLY A 120 -13.45 -23.91 -11.16
CA GLY A 120 -13.33 -24.92 -12.20
C GLY A 120 -13.97 -24.54 -13.53
N ALA A 121 -14.75 -23.45 -13.58
CA ALA A 121 -15.23 -22.94 -14.84
C ALA A 121 -14.09 -22.38 -15.60
N GLU A 122 -14.28 -22.23 -16.90
CA GLU A 122 -13.29 -21.63 -17.77
C GLU A 122 -13.39 -20.12 -17.70
N TYR A 123 -12.30 -19.48 -17.33
CA TYR A 123 -12.30 -18.04 -17.22
C TYR A 123 -12.13 -17.43 -18.61
N ARG A 124 -12.90 -16.39 -18.92
CA ARG A 124 -12.76 -15.65 -20.17
C ARG A 124 -12.32 -14.23 -19.85
N ASP A 125 -13.24 -13.36 -19.46
CA ASP A 125 -12.84 -12.07 -18.94
C ASP A 125 -13.74 -11.64 -17.79
N MET A 126 -13.44 -10.48 -17.23
CA MET A 126 -14.15 -9.98 -16.06
C MET A 126 -15.61 -9.60 -16.34
N GLU A 127 -15.97 -9.42 -17.61
CA GLU A 127 -17.34 -9.06 -18.00
C GLU A 127 -18.21 -10.28 -18.36
N SER A 128 -17.66 -11.49 -18.44
CA SER A 128 -18.44 -12.64 -18.93
C SER A 128 -19.47 -13.12 -17.91
N ASP A 129 -20.48 -13.80 -18.42
CA ASP A 129 -21.54 -14.36 -17.58
C ASP A 129 -21.08 -15.78 -17.24
N TYR A 130 -20.91 -16.06 -15.95
CA TYR A 130 -20.54 -17.40 -15.48
C TYR A 130 -21.66 -18.11 -14.76
N SER A 131 -22.90 -17.62 -14.87
CA SER A 131 -24.04 -18.23 -14.14
C SER A 131 -24.16 -19.68 -14.38
N GLY A 132 -24.33 -20.45 -13.31
CA GLY A 132 -24.38 -21.91 -13.44
C GLY A 132 -23.07 -22.60 -13.78
N GLN A 133 -21.95 -21.89 -13.95
CA GLN A 133 -20.71 -22.56 -14.34
C GLN A 133 -19.82 -22.73 -13.10
N GLY A 134 -19.22 -23.92 -12.98
CA GLY A 134 -18.24 -24.22 -11.94
C GLY A 134 -18.89 -24.48 -10.62
N VAL A 135 -18.08 -24.68 -9.59
CA VAL A 135 -18.60 -24.98 -8.28
C VAL A 135 -18.81 -23.72 -7.46
N ASP A 136 -20.05 -23.55 -7.00
CA ASP A 136 -20.34 -22.41 -6.10
C ASP A 136 -19.99 -22.81 -4.69
N GLN A 137 -18.72 -22.61 -4.34
CA GLN A 137 -18.27 -23.10 -3.04
C GLN A 137 -18.94 -22.36 -1.88
N LEU A 138 -19.19 -21.08 -2.06
CA LEU A 138 -19.76 -20.30 -1.00
C LEU A 138 -21.16 -20.78 -0.63
N GLN A 139 -22.00 -20.97 -1.63
CA GLN A 139 -23.36 -21.47 -1.37
C GLN A 139 -23.31 -22.91 -0.84
N ARG A 140 -22.39 -23.75 -1.36
CA ARG A 140 -22.31 -25.10 -0.84
C ARG A 140 -21.88 -25.15 0.64
N VAL A 141 -20.94 -24.29 1.04
CA VAL A 141 -20.59 -24.15 2.47
C VAL A 141 -21.85 -23.84 3.31
N ILE A 142 -22.60 -22.82 2.88
CA ILE A 142 -23.80 -22.39 3.61
C ILE A 142 -24.84 -23.55 3.72
N ASP A 143 -25.09 -24.27 2.61
CA ASP A 143 -26.04 -25.38 2.57
C ASP A 143 -25.63 -26.51 3.51
N THR A 144 -24.33 -26.85 3.52
CA THR A 144 -23.79 -27.86 4.41
C THR A 144 -23.91 -27.50 5.86
N ILE A 145 -23.62 -26.25 6.21
CA ILE A 145 -23.78 -25.80 7.59
C ILE A 145 -25.22 -25.99 8.07
N LYS A 146 -26.17 -25.63 7.22
CA LYS A 146 -27.60 -25.79 7.52
C LYS A 146 -28.02 -27.26 7.61
N THR A 147 -27.61 -28.12 6.69
CA THR A 147 -28.10 -29.49 6.69
C THR A 147 -27.23 -30.50 7.43
N ASN A 148 -25.93 -30.25 7.54
CA ASN A 148 -25.08 -31.22 8.17
C ASN A 148 -23.92 -30.51 8.93
N PRO A 149 -24.27 -29.87 10.07
CA PRO A 149 -23.31 -29.02 10.76
C PRO A 149 -22.07 -29.75 11.30
N ASP A 150 -22.18 -31.05 11.55
CA ASP A 150 -21.05 -31.85 12.05
C ASP A 150 -19.97 -32.12 10.98
N ASP A 151 -20.29 -31.83 9.72
CA ASP A 151 -19.43 -32.13 8.60
C ASP A 151 -18.03 -31.52 8.78
N ARG A 152 -17.03 -32.33 8.51
CA ARG A 152 -15.65 -31.91 8.67
C ARG A 152 -14.94 -31.58 7.35
N ARG A 153 -15.72 -31.31 6.32
CA ARG A 153 -15.27 -30.95 4.97
C ARG A 153 -15.82 -29.64 4.47
N ILE A 154 -16.14 -28.74 5.40
CA ILE A 154 -16.81 -27.49 5.01
C ILE A 154 -15.72 -26.51 4.63
N ILE A 155 -15.31 -26.56 3.36
CA ILE A 155 -14.14 -25.86 2.86
C ILE A 155 -14.45 -24.96 1.71
N MET A 156 -13.84 -23.79 1.71
CA MET A 156 -13.84 -22.90 0.54
C MET A 156 -12.39 -22.61 0.17
N CYS A 157 -11.99 -22.99 -1.06
CA CYS A 157 -10.60 -22.93 -1.49
C CYS A 157 -10.42 -22.00 -2.67
N ALA A 158 -9.56 -21.03 -2.55
CA ALA A 158 -9.25 -20.09 -3.62
C ALA A 158 -8.01 -20.53 -4.42
N TRP A 159 -7.25 -21.43 -3.88
CA TRP A 159 -6.00 -21.89 -4.51
C TRP A 159 -6.38 -22.84 -5.65
N ASN A 160 -6.14 -22.42 -6.88
CA ASN A 160 -6.53 -23.21 -8.04
C ASN A 160 -5.30 -23.26 -8.93
N PRO A 161 -4.52 -24.33 -8.82
CA PRO A 161 -3.28 -24.45 -9.61
C PRO A 161 -3.46 -24.30 -11.13
N ARG A 162 -4.57 -24.78 -11.66
CA ARG A 162 -4.83 -24.62 -13.09
C ARG A 162 -4.95 -23.15 -13.51
N ASP A 163 -5.59 -22.32 -12.69
CA ASP A 163 -5.87 -20.93 -12.99
C ASP A 163 -4.78 -19.98 -12.54
N LEU A 164 -3.85 -20.41 -11.65
CA LEU A 164 -2.82 -19.50 -11.18
C LEU A 164 -2.13 -18.63 -12.28
N PRO A 165 -1.74 -19.22 -13.40
CA PRO A 165 -1.01 -18.39 -14.40
C PRO A 165 -1.83 -17.24 -15.00
N LEU A 166 -3.17 -17.30 -14.91
CA LEU A 166 -4.01 -16.20 -15.37
C LEU A 166 -4.31 -15.09 -14.33
N MET A 167 -4.06 -15.36 -13.07
CA MET A 167 -4.33 -14.42 -12.03
C MET A 167 -3.35 -13.26 -11.97
N ALA A 168 -3.85 -12.10 -11.59
CA ALA A 168 -3.00 -10.96 -11.40
C ALA A 168 -2.03 -11.21 -10.22
N LEU A 169 -2.48 -11.91 -9.18
CA LEU A 169 -1.70 -12.29 -8.02
C LEU A 169 -2.16 -13.65 -7.51
N PRO A 170 -1.25 -14.53 -7.10
CA PRO A 170 -1.72 -15.79 -6.47
C PRO A 170 -2.38 -15.48 -5.13
N PRO A 171 -3.49 -16.10 -4.80
CA PRO A 171 -4.19 -15.84 -3.54
C PRO A 171 -3.37 -16.08 -2.28
N CYS A 172 -3.39 -15.13 -1.35
CA CYS A 172 -2.76 -15.26 -0.05
C CYS A 172 -3.62 -16.13 0.89
N HIS A 173 -4.93 -16.00 0.76
CA HIS A 173 -5.89 -16.73 1.56
C HIS A 173 -6.27 -17.93 0.75
N ALA A 174 -5.51 -18.98 0.95
CA ALA A 174 -5.55 -20.12 0.08
C ALA A 174 -6.84 -20.88 0.30
N LEU A 175 -7.22 -21.00 1.56
CA LEU A 175 -8.44 -21.69 1.89
C LEU A 175 -8.94 -21.37 3.27
N CYS A 176 -10.21 -21.68 3.46
CA CYS A 176 -10.81 -21.59 4.76
C CYS A 176 -11.74 -22.74 4.99
N GLN A 177 -11.95 -23.03 6.28
CA GLN A 177 -12.75 -24.15 6.73
C GLN A 177 -13.69 -23.67 7.85
N PHE A 178 -14.92 -24.16 7.84
CA PHE A 178 -15.91 -23.81 8.82
C PHE A 178 -16.18 -25.04 9.69
N TYR A 179 -16.69 -24.76 10.89
CA TYR A 179 -16.93 -25.77 11.90
C TYR A 179 -18.09 -25.32 12.78
N VAL A 180 -18.93 -26.28 13.17
CA VAL A 180 -20.09 -25.99 14.01
C VAL A 180 -20.11 -26.94 15.19
N VAL A 181 -20.23 -26.38 16.38
CA VAL A 181 -20.57 -27.15 17.59
C VAL A 181 -21.33 -26.24 18.55
N ASN A 182 -22.30 -26.80 19.30
CA ASN A 182 -23.11 -26.05 20.27
C ASN A 182 -23.69 -24.78 19.71
N SER A 183 -24.21 -24.87 18.48
CA SER A 183 -24.81 -23.74 17.75
C SER A 183 -23.86 -22.54 17.46
N GLU A 184 -22.55 -22.79 17.51
CA GLU A 184 -21.54 -21.77 17.22
C GLU A 184 -20.77 -22.15 15.92
N LEU A 185 -20.65 -21.18 15.03
CA LEU A 185 -19.92 -21.27 13.78
C LEU A 185 -18.51 -20.69 13.92
N SER A 186 -17.50 -21.55 13.72
CA SER A 186 -16.12 -21.13 13.69
C SER A 186 -15.54 -21.22 12.25
N CYS A 187 -14.43 -20.50 12.04
CA CYS A 187 -13.76 -20.41 10.76
C CYS A 187 -12.27 -20.43 10.98
N GLN A 188 -11.54 -21.24 10.20
CA GLN A 188 -10.08 -21.17 10.17
C GLN A 188 -9.61 -20.78 8.76
N LEU A 189 -8.72 -19.81 8.70
CA LEU A 189 -8.11 -19.35 7.48
C LEU A 189 -6.69 -19.89 7.39
N TYR A 190 -6.34 -20.45 6.22
CA TYR A 190 -4.96 -20.76 5.92
C TYR A 190 -4.43 -19.66 5.04
N GLN A 191 -3.62 -18.79 5.62
CA GLN A 191 -3.03 -17.66 4.89
C GLN A 191 -1.57 -18.01 4.62
N ARG A 192 -1.23 -18.20 3.36
CA ARG A 192 0.11 -18.65 2.99
C ARG A 192 1.22 -17.63 3.30
N SER A 193 0.84 -16.36 3.37
CA SER A 193 1.78 -15.28 3.39
C SER A 193 1.11 -14.09 4.05
N GLY A 194 1.74 -13.58 5.10
CA GLY A 194 1.19 -12.51 5.90
C GLY A 194 2.13 -11.36 6.15
N ASP A 195 1.80 -10.21 5.59
CA ASP A 195 2.46 -8.93 5.84
C ASP A 195 1.89 -8.48 7.16
N MET A 196 2.65 -8.69 8.23
CA MET A 196 2.08 -8.52 9.57
C MET A 196 1.62 -7.08 9.87
N GLY A 197 2.36 -6.10 9.36
CA GLY A 197 2.03 -4.70 9.59
C GLY A 197 0.82 -4.22 8.78
N LEU A 198 0.83 -4.50 7.48
CA LEU A 198 -0.14 -3.92 6.55
C LEU A 198 -1.31 -4.84 6.15
N GLY A 199 -1.10 -6.12 6.01
CA GLY A 199 -2.11 -7.06 5.54
C GLY A 199 -2.94 -7.72 6.66
N VAL A 200 -2.23 -8.31 7.61
CA VAL A 200 -2.82 -9.23 8.55
C VAL A 200 -4.02 -8.68 9.37
N PRO A 201 -3.92 -7.43 9.89
CA PRO A 201 -5.08 -6.88 10.60
C PRO A 201 -6.36 -6.84 9.76
N PHE A 202 -6.17 -6.49 8.49
CA PHE A 202 -7.26 -6.40 7.52
C PHE A 202 -7.81 -7.80 7.25
N ASN A 203 -6.89 -8.75 7.04
CA ASN A 203 -7.25 -10.14 6.75
C ASN A 203 -8.06 -10.79 7.91
N ILE A 204 -7.65 -10.52 9.15
CA ILE A 204 -8.39 -10.99 10.32
C ILE A 204 -9.85 -10.49 10.27
N ALA A 205 -10.00 -9.20 10.04
CA ALA A 205 -11.32 -8.61 9.94
C ALA A 205 -12.16 -9.19 8.81
N SER A 206 -11.55 -9.46 7.65
CA SER A 206 -12.33 -10.00 6.51
C SER A 206 -12.99 -11.31 6.83
N TYR A 207 -12.21 -12.22 7.41
CA TYR A 207 -12.71 -13.57 7.68
C TYR A 207 -13.60 -13.61 8.92
N ALA A 208 -13.34 -12.75 9.91
CA ALA A 208 -14.31 -12.57 11.02
C ALA A 208 -15.68 -12.10 10.48
N LEU A 209 -15.63 -11.14 9.55
CA LEU A 209 -16.83 -10.64 8.88
C LEU A 209 -17.60 -11.73 8.14
N LEU A 210 -16.84 -12.50 7.36
CA LEU A 210 -17.44 -13.58 6.59
C LEU A 210 -18.14 -14.53 7.53
N THR A 211 -17.51 -14.82 8.67
CA THR A 211 -18.09 -15.74 9.64
C THR A 211 -19.38 -15.14 10.25
N TYR A 212 -19.37 -13.84 10.55
CA TYR A 212 -20.58 -13.18 11.03
C TYR A 212 -21.70 -13.29 9.99
N MET A 213 -21.36 -13.06 8.73
CA MET A 213 -22.32 -13.15 7.65
C MET A 213 -22.94 -14.53 7.53
N ILE A 214 -22.09 -15.57 7.47
CA ILE A 214 -22.60 -16.91 7.30
C ILE A 214 -23.39 -17.38 8.56
N ALA A 215 -22.93 -17.00 9.75
CA ALA A 215 -23.68 -17.32 11.02
C ALA A 215 -25.11 -16.69 10.99
N HIS A 216 -25.20 -15.46 10.51
CA HIS A 216 -26.49 -14.76 10.40
C HIS A 216 -27.45 -15.51 9.42
N ILE A 217 -26.93 -15.86 8.25
CA ILE A 217 -27.67 -16.62 7.25
C ILE A 217 -28.13 -17.99 7.77
N THR A 218 -27.32 -18.64 8.60
CA THR A 218 -27.59 -20.05 8.98
C THR A 218 -28.26 -20.17 10.34
N GLY A 219 -28.48 -19.05 11.02
CA GLY A 219 -29.11 -19.07 12.32
C GLY A 219 -28.20 -19.52 13.45
N LEU A 220 -26.88 -19.34 13.32
CA LEU A 220 -25.92 -19.73 14.33
C LEU A 220 -25.27 -18.51 14.97
N LYS A 221 -24.58 -18.71 16.07
CA LYS A 221 -23.80 -17.66 16.74
C LYS A 221 -22.34 -17.76 16.31
N PRO A 222 -21.69 -16.63 16.08
CA PRO A 222 -20.25 -16.68 15.81
C PRO A 222 -19.47 -17.25 16.98
N GLY A 223 -18.48 -18.09 16.65
CA GLY A 223 -17.64 -18.77 17.61
C GLY A 223 -16.25 -18.23 17.67
N ASP A 224 -15.31 -18.94 17.02
CA ASP A 224 -13.93 -18.48 16.92
C ASP A 224 -13.53 -18.27 15.47
N PHE A 225 -12.60 -17.33 15.27
CA PHE A 225 -11.80 -17.24 14.05
C PHE A 225 -10.38 -17.68 14.39
N ILE A 226 -9.90 -18.69 13.69
CA ILE A 226 -8.55 -19.20 13.88
C ILE A 226 -7.77 -18.75 12.68
N HIS A 227 -6.70 -18.00 12.93
CA HIS A 227 -5.85 -17.47 11.89
C HIS A 227 -4.58 -18.24 11.83
N THR A 228 -4.40 -18.97 10.72
CA THR A 228 -3.19 -19.73 10.53
C THR A 228 -2.34 -19.08 9.45
N LEU A 229 -1.05 -18.92 9.75
CA LEU A 229 -0.13 -18.37 8.79
C LEU A 229 0.94 -19.34 8.36
N GLY A 230 1.30 -19.19 7.09
CA GLY A 230 2.50 -19.75 6.51
C GLY A 230 3.68 -18.84 6.78
N ASP A 231 4.16 -18.11 5.77
CA ASP A 231 5.25 -17.16 5.93
C ASP A 231 4.70 -15.90 6.59
N ALA A 232 4.87 -15.82 7.92
CA ALA A 232 4.49 -14.67 8.72
C ALA A 232 5.68 -13.74 8.78
N HIS A 233 5.55 -12.54 8.22
CA HIS A 233 6.75 -11.70 8.06
C HIS A 233 6.51 -10.20 8.33
N ILE A 234 7.57 -9.54 8.81
CA ILE A 234 7.62 -8.10 9.02
C ILE A 234 8.61 -7.53 8.01
N TYR A 235 8.17 -6.64 7.15
CA TYR A 235 9.09 -5.96 6.23
C TYR A 235 10.05 -5.10 7.09
N LEU A 236 11.30 -5.06 6.69
CA LEU A 236 12.34 -4.36 7.47
C LEU A 236 12.03 -2.89 7.75
N ASN A 237 11.45 -2.21 6.77
CA ASN A 237 11.02 -0.83 6.94
C ASN A 237 9.73 -0.66 7.76
N HIS A 238 9.18 -1.75 8.31
CA HIS A 238 8.05 -1.66 9.25
C HIS A 238 8.51 -1.90 10.64
N ILE A 239 9.81 -2.18 10.85
CA ILE A 239 10.22 -2.54 12.21
C ILE A 239 10.00 -1.41 13.24
N GLU A 240 10.50 -0.21 12.92
CA GLU A 240 10.34 0.93 13.82
C GLU A 240 8.85 1.34 13.99
N PRO A 241 8.10 1.46 12.88
CA PRO A 241 6.67 1.69 13.07
C PRO A 241 5.98 0.66 14.00
N LEU A 242 6.33 -0.62 13.85
CA LEU A 242 5.68 -1.67 14.66
C LEU A 242 6.09 -1.56 16.10
N LYS A 243 7.33 -1.17 16.34
CA LYS A 243 7.77 -0.94 17.75
C LYS A 243 7.01 0.22 18.40
N ILE A 244 6.70 1.26 17.61
CA ILE A 244 5.75 2.30 18.07
C ILE A 244 4.39 1.64 18.43
N GLN A 245 3.88 0.81 17.52
CA GLN A 245 2.57 0.17 17.77
C GLN A 245 2.56 -0.67 19.04
N LEU A 246 3.63 -1.40 19.24
CA LEU A 246 3.78 -2.26 20.43
C LEU A 246 3.79 -1.53 21.77
N GLN A 247 4.01 -0.23 21.77
CA GLN A 247 3.85 0.60 22.99
C GLN A 247 2.39 0.79 23.40
N ARG A 248 1.43 0.47 22.52
CA ARG A 248 0.05 0.88 22.74
C ARG A 248 -0.73 -0.21 23.39
N GLU A 249 -1.59 0.14 24.33
CA GLU A 249 -2.43 -0.85 24.97
C GLU A 249 -3.70 -0.97 24.13
N PRO A 250 -4.16 -2.18 23.82
CA PRO A 250 -5.40 -2.34 23.12
C PRO A 250 -6.60 -1.80 23.85
N ARG A 251 -7.56 -1.30 23.11
CA ARG A 251 -8.85 -0.91 23.66
C ARG A 251 -9.78 -2.10 23.43
N PRO A 252 -10.82 -2.24 24.27
CA PRO A 252 -11.78 -3.29 24.03
C PRO A 252 -12.30 -3.30 22.59
N PHE A 253 -12.43 -4.51 22.03
CA PHE A 253 -12.88 -4.67 20.69
C PHE A 253 -14.26 -4.07 20.49
N PRO A 254 -14.56 -3.61 19.27
CA PRO A 254 -15.94 -3.25 18.98
C PRO A 254 -16.86 -4.41 18.90
N LYS A 255 -18.12 -4.12 18.69
CA LYS A 255 -19.14 -5.09 18.32
C LYS A 255 -19.58 -4.80 16.88
N LEU A 256 -20.07 -5.84 16.21
CA LEU A 256 -20.59 -5.73 14.87
C LEU A 256 -22.07 -6.03 14.95
N ARG A 257 -22.89 -5.13 14.45
CA ARG A 257 -24.34 -5.29 14.39
C ARG A 257 -24.80 -5.46 12.96
N ILE A 258 -25.67 -6.43 12.76
CA ILE A 258 -26.28 -6.65 11.46
C ILE A 258 -27.69 -6.10 11.59
N LEU A 259 -28.05 -5.15 10.74
CA LEU A 259 -29.19 -4.28 11.00
C LEU A 259 -30.52 -4.74 10.47
N ARG A 260 -30.57 -5.87 9.77
CA ARG A 260 -31.84 -6.46 9.34
C ARG A 260 -31.66 -7.95 9.14
N LYS A 261 -32.80 -8.66 9.03
CA LYS A 261 -32.77 -10.06 8.74
C LYS A 261 -32.46 -10.27 7.26
N VAL A 262 -31.40 -11.00 6.93
CA VAL A 262 -31.01 -11.23 5.54
C VAL A 262 -31.05 -12.76 5.32
N GLU A 263 -31.59 -13.15 4.19
CA GLU A 263 -31.90 -14.54 3.89
C GLU A 263 -30.83 -15.25 3.08
N LYS A 264 -30.20 -14.55 2.16
CA LYS A 264 -29.23 -15.13 1.26
C LYS A 264 -27.98 -14.28 1.32
N ILE A 265 -26.83 -14.94 1.21
CA ILE A 265 -25.54 -14.22 1.33
C ILE A 265 -25.41 -13.11 0.28
N ASP A 266 -25.98 -13.33 -0.91
CA ASP A 266 -25.95 -12.32 -1.99
C ASP A 266 -26.71 -11.03 -1.73
N ASP A 267 -27.63 -11.05 -0.77
CA ASP A 267 -28.50 -9.89 -0.44
C ASP A 267 -27.89 -8.90 0.56
N PHE A 268 -26.78 -9.27 1.21
CA PHE A 268 -26.12 -8.32 2.11
C PHE A 268 -25.67 -7.10 1.34
N LYS A 269 -25.83 -5.93 1.97
CA LYS A 269 -25.35 -4.66 1.44
C LYS A 269 -24.51 -3.99 2.52
N ALA A 270 -23.67 -3.05 2.12
CA ALA A 270 -22.77 -2.37 3.04
C ALA A 270 -23.53 -1.73 4.23
N GLU A 271 -24.68 -1.15 3.94
CA GLU A 271 -25.45 -0.42 4.99
C GLU A 271 -26.14 -1.35 5.97
N ASP A 272 -26.11 -2.66 5.72
CA ASP A 272 -26.61 -3.62 6.69
C ASP A 272 -25.72 -3.77 7.92
N PHE A 273 -24.51 -3.23 7.90
CA PHE A 273 -23.50 -3.52 8.94
C PHE A 273 -23.16 -2.27 9.70
N GLN A 274 -23.04 -2.39 11.02
CA GLN A 274 -22.61 -1.27 11.84
C GLN A 274 -21.58 -1.71 12.87
N ILE A 275 -20.42 -1.11 12.82
CA ILE A 275 -19.38 -1.33 13.81
C ILE A 275 -19.69 -0.39 14.96
N GLU A 276 -19.80 -0.95 16.14
CA GLU A 276 -20.15 -0.15 17.33
C GLU A 276 -19.03 -0.14 18.37
N GLY A 277 -18.67 1.03 18.86
CA GLY A 277 -17.69 1.17 19.96
C GLY A 277 -16.25 0.92 19.50
N TYR A 278 -15.91 1.30 18.27
CA TYR A 278 -14.55 1.14 17.75
C TYR A 278 -13.73 2.34 18.11
N ASN A 279 -12.68 2.14 18.90
CA ASN A 279 -11.87 3.22 19.43
C ASN A 279 -10.42 2.93 19.15
N PRO A 280 -10.01 2.95 17.87
CA PRO A 280 -8.60 2.71 17.60
C PRO A 280 -7.64 3.85 17.89
N HIS A 281 -6.40 3.54 18.24
CA HIS A 281 -5.31 4.45 18.22
C HIS A 281 -5.07 4.86 16.74
N PRO A 282 -4.35 5.97 16.51
CA PRO A 282 -4.17 6.43 15.12
C PRO A 282 -3.36 5.51 14.19
N THR A 283 -3.73 5.54 12.90
CA THR A 283 -2.92 5.00 11.80
C THR A 283 -1.45 5.34 11.99
N ILE A 284 -0.58 4.38 11.76
CA ILE A 284 0.88 4.59 11.71
C ILE A 284 1.25 4.23 10.28
N LYS A 285 1.97 5.16 9.65
CA LYS A 285 2.35 5.04 8.24
C LYS A 285 3.36 3.90 8.13
N MET A 286 3.04 2.95 7.27
CA MET A 286 3.88 1.80 6.95
C MET A 286 3.89 1.69 5.42
N GLU A 287 5.06 1.89 4.80
CA GLU A 287 5.14 1.92 3.33
C GLU A 287 4.92 0.50 2.85
N MET A 288 4.08 0.30 1.86
CA MET A 288 3.96 -1.04 1.26
C MET A 288 5.14 -1.40 0.35
N ALA A 289 5.62 -2.63 0.44
CA ALA A 289 6.60 -3.17 -0.47
C ALA A 289 6.07 -3.33 -1.93
N VAL A 290 6.68 -2.54 -2.82
CA VAL A 290 6.82 -2.70 -4.28
C VAL A 290 8.18 -1.94 -4.53
N PRO B 3 -11.70 38.90 50.22
CA PRO B 3 -12.59 38.04 49.35
C PRO B 3 -11.77 37.13 48.40
N PRO B 4 -12.06 35.82 48.42
CA PRO B 4 -11.06 34.89 47.88
C PRO B 4 -10.83 35.07 46.35
N HIS B 5 -9.62 34.77 45.94
CA HIS B 5 -9.23 34.68 44.51
C HIS B 5 -10.21 33.73 43.77
N GLY B 6 -10.76 34.16 42.65
CA GLY B 6 -11.67 33.33 41.85
C GLY B 6 -11.10 31.99 41.40
N GLU B 7 -9.79 31.90 41.23
CA GLU B 7 -9.15 30.68 40.80
C GLU B 7 -9.31 29.56 41.80
N LEU B 8 -9.51 29.91 43.08
CA LEU B 8 -9.73 28.90 44.10
C LEU B 8 -11.02 28.11 43.87
N GLN B 9 -11.97 28.64 43.11
CA GLN B 9 -13.11 27.82 42.69
C GLN B 9 -12.66 26.63 41.82
N TYR B 10 -11.84 26.92 40.79
CA TYR B 10 -11.34 25.89 39.91
C TYR B 10 -10.52 24.89 40.71
N LEU B 11 -9.62 25.40 41.57
CA LEU B 11 -8.74 24.51 42.31
C LEU B 11 -9.57 23.70 43.32
N GLY B 12 -10.61 24.31 43.89
CA GLY B 12 -11.54 23.55 44.72
C GLY B 12 -12.22 22.43 44.00
N GLN B 13 -12.53 22.62 42.71
CA GLN B 13 -13.16 21.56 41.91
C GLN B 13 -12.19 20.41 41.67
N ILE B 14 -10.95 20.73 41.33
CA ILE B 14 -9.90 19.73 41.19
C ILE B 14 -9.84 18.87 42.49
N GLN B 15 -9.75 19.55 43.63
CA GLN B 15 -9.67 18.84 44.97
C GLN B 15 -10.88 17.98 45.19
N HIS B 16 -12.06 18.48 44.86
CA HIS B 16 -13.28 17.72 45.06
C HIS B 16 -13.30 16.49 44.20
N ILE B 17 -12.86 16.59 42.94
CA ILE B 17 -12.84 15.40 42.08
C ILE B 17 -11.79 14.37 42.57
N LEU B 18 -10.61 14.84 42.96
CA LEU B 18 -9.58 13.95 43.50
C LEU B 18 -10.10 13.25 44.76
N ARG B 19 -10.80 13.95 45.62
CA ARG B 19 -11.28 13.34 46.88
C ARG B 19 -12.56 12.54 46.74
N CYS B 20 -13.54 13.03 45.96
CA CYS B 20 -14.88 12.38 45.85
C CYS B 20 -15.23 11.83 44.46
N GLY B 21 -14.39 12.08 43.45
CA GLY B 21 -14.66 11.60 42.11
C GLY B 21 -14.62 10.09 42.10
N VAL B 22 -15.39 9.51 41.20
CA VAL B 22 -15.51 8.09 41.07
C VAL B 22 -14.81 7.63 39.80
N ARG B 23 -14.24 6.44 39.83
CA ARG B 23 -13.55 5.90 38.68
C ARG B 23 -14.57 5.66 37.55
N LYS B 24 -14.25 6.15 36.37
CA LYS B 24 -15.15 6.05 35.22
C LYS B 24 -14.31 5.92 33.97
N ASP B 25 -14.56 4.87 33.21
CA ASP B 25 -13.82 4.56 31.98
C ASP B 25 -14.20 5.57 30.89
N ASP B 26 -13.35 5.67 29.89
CA ASP B 26 -13.65 6.47 28.72
C ASP B 26 -13.19 5.70 27.47
N ARG B 27 -13.63 6.18 26.30
CA ARG B 27 -13.28 5.63 24.97
C ARG B 27 -11.81 5.34 24.74
N THR B 28 -10.92 6.18 25.31
CA THR B 28 -9.50 6.04 25.13
C THR B 28 -8.85 4.96 25.98
N GLY B 29 -9.54 4.40 26.97
CA GLY B 29 -8.92 3.50 27.93
C GLY B 29 -8.00 4.16 28.94
N THR B 30 -7.97 5.48 28.98
CA THR B 30 -7.13 6.21 29.96
C THR B 30 -7.74 6.12 31.34
N GLY B 31 -9.07 6.23 31.45
CA GLY B 31 -9.77 6.24 32.72
C GLY B 31 -9.80 7.64 33.29
N THR B 32 -10.78 7.91 34.14
CA THR B 32 -10.95 9.19 34.80
C THR B 32 -11.47 9.00 36.19
N LEU B 33 -11.26 10.01 37.01
CA LEU B 33 -12.06 10.28 38.19
C LEU B 33 -13.09 11.35 37.75
N SER B 34 -14.36 11.11 38.10
CA SER B 34 -15.51 11.84 37.53
C SER B 34 -16.53 12.23 38.60
N VAL B 35 -17.01 13.48 38.51
CA VAL B 35 -18.17 13.98 39.27
C VAL B 35 -19.15 14.51 38.20
N PHE B 36 -20.45 14.22 38.38
CA PHE B 36 -21.48 14.73 37.47
C PHE B 36 -22.16 15.90 38.13
N GLY B 37 -22.10 17.05 37.49
CA GLY B 37 -22.74 18.29 37.98
C GLY B 37 -21.85 19.15 38.86
N MET B 38 -21.26 20.20 38.30
CA MET B 38 -20.53 21.21 39.10
C MET B 38 -20.87 22.56 38.59
N GLN B 39 -20.56 23.58 39.40
CA GLN B 39 -20.82 24.97 39.02
C GLN B 39 -19.84 25.88 39.74
N ALA B 40 -19.23 26.81 39.01
CA ALA B 40 -18.35 27.82 39.63
C ALA B 40 -18.75 29.16 39.06
N ARG B 41 -18.49 30.23 39.82
CA ARG B 41 -18.81 31.59 39.38
C ARG B 41 -17.48 32.39 39.35
N TYR B 42 -17.18 33.04 38.25
CA TYR B 42 -15.95 33.82 38.08
C TYR B 42 -16.37 35.27 37.82
N SER B 43 -15.98 36.19 38.69
CA SER B 43 -16.27 37.59 38.48
C SER B 43 -15.50 38.09 37.30
N LEU B 44 -16.12 38.93 36.48
CA LEU B 44 -15.47 39.57 35.32
C LEU B 44 -15.23 41.08 35.58
N ARG B 45 -15.45 41.50 36.83
CA ARG B 45 -15.57 42.92 37.15
C ARG B 45 -14.15 43.40 37.44
N ASP B 46 -13.57 44.11 36.49
CA ASP B 46 -12.21 44.60 36.56
C ASP B 46 -11.13 43.54 36.73
N GLU B 47 -11.39 42.33 36.24
CA GLU B 47 -10.38 41.27 36.22
C GLU B 47 -10.83 40.26 35.15
N PHE B 48 -9.90 39.49 34.64
CA PHE B 48 -10.17 38.49 33.62
C PHE B 48 -9.65 37.14 34.11
N PRO B 49 -10.51 36.11 34.17
CA PRO B 49 -10.13 34.84 34.82
C PRO B 49 -9.32 33.88 33.93
N LEU B 50 -8.10 34.32 33.60
CA LEU B 50 -7.14 33.52 32.91
C LEU B 50 -6.25 32.92 33.99
N LEU B 51 -6.29 31.59 34.11
CA LEU B 51 -5.68 30.96 35.28
C LEU B 51 -4.17 31.18 35.39
N THR B 52 -3.74 31.37 36.63
CA THR B 52 -2.35 31.67 36.98
C THR B 52 -1.57 30.50 37.57
N THR B 53 -2.22 29.43 38.06
CA THR B 53 -1.42 28.30 38.62
C THR B 53 -0.81 27.41 37.51
N LYS B 54 -1.26 27.59 36.30
CA LYS B 54 -0.61 27.02 35.11
C LYS B 54 -0.98 27.92 33.93
N ARG B 55 -0.02 28.19 33.03
CA ARG B 55 -0.24 29.08 31.90
C ARG B 55 -1.32 28.51 31.00
N VAL B 56 -2.26 29.35 30.62
CA VAL B 56 -3.30 29.02 29.67
C VAL B 56 -2.85 29.63 28.32
N PHE B 57 -3.16 28.91 27.25
CA PHE B 57 -2.81 29.28 25.89
C PHE B 57 -3.74 30.37 25.36
N TRP B 58 -3.48 31.60 25.82
CA TRP B 58 -4.27 32.76 25.48
C TRP B 58 -4.39 33.01 23.98
N LYS B 59 -3.29 32.86 23.28
CA LYS B 59 -3.35 33.06 21.82
C LYS B 59 -4.38 32.11 21.19
N GLY B 60 -4.35 30.85 21.62
CA GLY B 60 -5.34 29.85 21.20
C GLY B 60 -6.77 30.25 21.52
N VAL B 61 -7.00 30.73 22.75
CA VAL B 61 -8.33 31.20 23.16
C VAL B 61 -8.87 32.27 22.19
N LEU B 62 -8.06 33.31 21.98
CA LEU B 62 -8.45 34.45 21.22
C LEU B 62 -8.65 34.13 19.74
N GLU B 63 -7.68 33.46 19.12
CA GLU B 63 -7.81 33.09 17.69
C GLU B 63 -8.96 32.09 17.45
N GLU B 64 -9.11 31.11 18.33
CA GLU B 64 -10.26 30.17 18.18
C GLU B 64 -11.57 30.95 18.25
N LEU B 65 -11.70 31.87 19.18
CA LEU B 65 -12.96 32.56 19.29
C LEU B 65 -13.28 33.44 18.07
N LEU B 66 -12.26 34.11 17.56
CA LEU B 66 -12.44 34.92 16.36
C LEU B 66 -12.83 34.01 15.19
N TRP B 67 -12.26 32.83 15.13
CA TRP B 67 -12.57 31.84 14.09
C TRP B 67 -14.06 31.35 14.17
N PHE B 68 -14.54 31.13 15.38
CA PHE B 68 -15.91 30.81 15.66
C PHE B 68 -16.81 31.94 15.16
N ILE B 69 -16.50 33.17 15.53
CA ILE B 69 -17.31 34.34 15.21
C ILE B 69 -17.46 34.53 13.67
N LYS B 70 -16.40 34.28 12.92
CA LYS B 70 -16.50 34.38 11.46
C LYS B 70 -17.23 33.21 10.83
N GLY B 71 -17.64 32.25 11.63
CA GLY B 71 -18.43 31.14 11.17
C GLY B 71 -17.65 30.02 10.53
N SER B 72 -16.34 30.00 10.73
CA SER B 72 -15.52 29.05 10.01
C SER B 72 -15.67 27.66 10.61
N THR B 73 -15.55 26.65 9.77
CA THR B 73 -15.49 25.25 10.15
C THR B 73 -14.26 24.60 9.50
N ASN B 74 -13.29 25.41 9.15
CA ASN B 74 -12.09 24.99 8.44
C ASN B 74 -10.88 25.06 9.40
N ALA B 75 -10.41 23.89 9.82
CA ALA B 75 -9.31 23.79 10.75
C ALA B 75 -8.04 24.43 10.20
N LYS B 76 -7.86 24.35 8.87
CA LYS B 76 -6.69 24.93 8.23
C LYS B 76 -6.61 26.45 8.44
N GLU B 77 -7.75 27.11 8.47
CA GLU B 77 -7.84 28.52 8.67
C GLU B 77 -7.44 28.98 10.10
N LEU B 78 -7.73 28.16 11.10
CA LEU B 78 -7.28 28.38 12.46
C LEU B 78 -5.79 28.05 12.55
N SER B 79 -5.39 26.92 11.98
CA SER B 79 -3.97 26.49 11.92
C SER B 79 -3.04 27.54 11.34
N SER B 80 -3.56 28.28 10.37
CA SER B 80 -2.76 29.29 9.68
C SER B 80 -2.39 30.41 10.63
N LYS B 81 -3.16 30.57 11.70
CA LYS B 81 -2.88 31.56 12.74
C LYS B 81 -1.96 31.05 13.86
N GLY B 82 -1.34 29.88 13.67
CA GLY B 82 -0.45 29.31 14.72
C GLY B 82 -1.14 28.54 15.83
N VAL B 83 -2.43 28.21 15.64
CA VAL B 83 -3.27 27.55 16.66
C VAL B 83 -3.68 26.20 16.08
N LYS B 84 -3.10 25.14 16.64
CA LYS B 84 -3.18 23.82 16.04
C LYS B 84 -4.26 22.89 16.71
N ILE B 85 -5.09 23.46 17.58
CA ILE B 85 -5.88 22.63 18.49
C ILE B 85 -6.99 21.82 17.79
N TRP B 86 -7.38 22.24 16.61
CA TRP B 86 -8.38 21.54 15.86
C TRP B 86 -7.80 20.70 14.69
N ASP B 87 -6.51 20.72 14.49
CA ASP B 87 -5.90 20.11 13.31
C ASP B 87 -6.01 18.60 13.31
N ALA B 88 -5.78 17.93 14.43
CA ALA B 88 -5.96 16.50 14.50
C ALA B 88 -7.40 16.07 14.12
N ASN B 89 -8.40 16.87 14.45
CA ASN B 89 -9.77 16.52 14.14
C ASN B 89 -10.19 16.77 12.71
N GLY B 90 -9.36 17.49 11.96
CA GLY B 90 -9.58 17.74 10.55
C GLY B 90 -8.69 16.94 9.63
N SER B 91 -7.78 16.15 10.18
CA SER B 91 -6.79 15.41 9.38
C SER B 91 -7.47 14.35 8.53
N ARG B 92 -6.82 13.99 7.43
CA ARG B 92 -7.28 12.89 6.56
C ARG B 92 -7.55 11.64 7.38
N ASP B 93 -6.64 11.29 8.25
CA ASP B 93 -6.78 10.09 9.04
C ASP B 93 -8.01 10.09 9.94
N PHE B 94 -8.21 11.19 10.67
CA PHE B 94 -9.32 11.30 11.60
C PHE B 94 -10.68 11.35 10.85
N LEU B 95 -10.75 12.11 9.77
CA LEU B 95 -11.94 12.18 8.94
C LEU B 95 -12.31 10.78 8.39
N ASP B 96 -11.29 10.06 7.89
CA ASP B 96 -11.51 8.69 7.40
C ASP B 96 -11.98 7.75 8.53
N SER B 97 -11.38 7.89 9.71
CA SER B 97 -11.80 7.11 10.88
C SER B 97 -13.30 7.26 11.23
N LEU B 98 -13.92 8.40 10.85
CA LEU B 98 -15.34 8.66 11.05
C LEU B 98 -16.20 8.28 9.85
N GLY B 99 -15.59 7.76 8.78
CA GLY B 99 -16.32 7.46 7.59
C GLY B 99 -16.49 8.65 6.67
N PHE B 100 -15.74 9.73 6.89
CA PHE B 100 -15.86 10.91 6.03
C PHE B 100 -14.77 10.88 4.95
N SER B 101 -14.65 9.78 4.22
CA SER B 101 -13.58 9.63 3.21
C SER B 101 -13.70 10.64 2.06
N THR B 102 -14.90 11.12 1.77
CA THR B 102 -15.09 12.04 0.67
C THR B 102 -14.84 13.48 1.08
N ARG B 103 -14.72 13.72 2.36
CA ARG B 103 -14.53 15.06 2.85
C ARG B 103 -13.13 15.62 2.71
N GLU B 104 -12.97 16.86 2.31
CA GLU B 104 -11.67 17.54 2.23
C GLU B 104 -10.98 17.71 3.59
N GLU B 105 -9.66 17.57 3.61
CA GLU B 105 -8.91 17.74 4.83
C GLU B 105 -9.16 19.15 5.40
N GLY B 106 -9.30 19.21 6.71
CA GLY B 106 -9.68 20.50 7.38
C GLY B 106 -11.15 20.74 7.62
N ASP B 107 -12.01 20.11 6.84
CA ASP B 107 -13.43 20.30 6.97
C ASP B 107 -13.98 19.55 8.20
N LEU B 108 -14.23 20.31 9.23
CA LEU B 108 -14.71 19.80 10.49
C LEU B 108 -16.20 19.51 10.52
N GLY B 109 -16.90 19.87 9.48
CA GLY B 109 -18.33 19.72 9.44
C GLY B 109 -19.05 20.85 10.17
N PRO B 110 -20.33 20.71 10.43
CA PRO B 110 -21.11 21.77 11.06
C PRO B 110 -20.90 21.98 12.58
N VAL B 111 -19.70 22.38 12.95
CA VAL B 111 -19.31 22.64 14.31
C VAL B 111 -19.67 24.09 14.75
N TYR B 112 -19.12 24.54 15.87
CA TYR B 112 -19.42 25.83 16.49
C TYR B 112 -19.70 27.01 15.60
N GLY B 113 -18.75 27.39 14.77
CA GLY B 113 -18.90 28.50 13.86
C GLY B 113 -20.19 28.45 13.06
N PHE B 114 -20.47 27.31 12.46
CA PHE B 114 -21.65 27.09 11.67
C PHE B 114 -22.94 27.18 12.49
N GLN B 115 -22.99 26.51 13.60
CA GLN B 115 -24.14 26.56 14.46
C GLN B 115 -24.48 27.97 15.00
N TRP B 116 -23.44 28.68 15.41
CA TRP B 116 -23.59 30.01 15.96
C TRP B 116 -24.12 31.01 14.95
N ARG B 117 -23.69 30.92 13.72
CA ARG B 117 -24.09 31.89 12.71
C ARG B 117 -25.15 31.41 11.72
N HIS B 118 -25.37 30.09 11.61
CA HIS B 118 -26.24 29.48 10.57
C HIS B 118 -27.06 28.25 11.03
N PHE B 119 -27.47 28.26 12.31
CA PHE B 119 -28.15 27.10 12.87
C PHE B 119 -29.34 26.73 12.00
N GLY B 120 -29.35 25.47 11.59
CA GLY B 120 -30.50 24.94 10.84
C GLY B 120 -30.35 25.01 9.34
N ALA B 121 -29.34 25.72 8.81
CA ALA B 121 -29.06 25.67 7.40
C ALA B 121 -28.52 24.31 7.07
N GLU B 122 -28.56 23.98 5.78
CA GLU B 122 -28.01 22.72 5.30
C GLU B 122 -26.51 22.86 5.10
N TYR B 123 -25.74 22.05 5.79
CA TYR B 123 -24.31 22.10 5.62
C TYR B 123 -23.87 21.39 4.36
N ARG B 124 -22.95 21.95 3.62
CA ARG B 124 -22.38 21.33 2.40
C ARG B 124 -20.91 21.07 2.65
N ASP B 125 -20.06 22.08 2.53
CA ASP B 125 -18.69 21.93 2.96
C ASP B 125 -18.17 23.23 3.58
N MET B 126 -16.93 23.19 4.05
CA MET B 126 -16.34 24.31 4.74
C MET B 126 -16.08 25.53 3.84
N GLU B 127 -16.09 25.35 2.53
CA GLU B 127 -15.89 26.46 1.60
C GLU B 127 -17.20 27.11 1.11
N SER B 128 -18.37 26.55 1.43
CA SER B 128 -19.63 27.03 0.87
C SER B 128 -20.04 28.41 1.44
N ASP B 129 -20.87 29.11 0.67
CA ASP B 129 -21.40 30.40 1.10
C ASP B 129 -22.71 30.11 1.81
N TYR B 130 -22.79 30.46 3.10
CA TYR B 130 -24.01 30.30 3.89
C TYR B 130 -24.71 31.60 4.21
N SER B 131 -24.32 32.71 3.55
CA SER B 131 -24.86 34.05 3.89
C SER B 131 -26.36 34.06 3.84
N GLY B 132 -26.98 34.62 4.85
CA GLY B 132 -28.42 34.62 4.96
C GLY B 132 -29.09 33.29 5.25
N GLN B 133 -28.34 32.19 5.42
CA GLN B 133 -28.99 30.89 5.65
C GLN B 133 -28.92 30.56 7.14
N GLY B 134 -30.04 30.06 7.67
CA GLY B 134 -30.12 29.56 9.05
C GLY B 134 -30.23 30.68 10.03
N VAL B 135 -30.23 30.34 11.30
CA VAL B 135 -30.39 31.34 12.35
C VAL B 135 -29.03 31.88 12.80
N ASP B 136 -28.87 33.19 12.70
CA ASP B 136 -27.67 33.83 13.21
C ASP B 136 -27.84 34.07 14.70
N GLN B 137 -27.51 33.05 15.49
CA GLN B 137 -27.78 33.15 16.93
C GLN B 137 -26.93 34.24 17.59
N LEU B 138 -25.70 34.40 17.13
CA LEU B 138 -24.82 35.35 17.76
C LEU B 138 -25.33 36.78 17.61
N GLN B 139 -25.72 37.14 16.39
CA GLN B 139 -26.27 38.49 16.17
C GLN B 139 -27.61 38.66 16.87
N ARG B 140 -28.45 37.59 16.92
CA ARG B 140 -29.71 37.71 17.63
C ARG B 140 -29.52 37.90 19.13
N VAL B 141 -28.56 37.21 19.74
CA VAL B 141 -28.19 37.46 21.15
C VAL B 141 -27.84 38.95 21.37
N ILE B 142 -26.97 39.47 20.54
CA ILE B 142 -26.53 40.87 20.66
C ILE B 142 -27.73 41.86 20.52
N ASP B 143 -28.59 41.63 19.53
CA ASP B 143 -29.77 42.48 19.27
C ASP B 143 -30.73 42.47 20.46
N THR B 144 -30.97 41.28 21.02
CA THR B 144 -31.83 41.13 22.19
C THR B 144 -31.28 41.82 23.41
N ILE B 145 -29.97 41.69 23.65
CA ILE B 145 -29.37 42.37 24.79
C ILE B 145 -29.59 43.90 24.70
N LYS B 146 -29.39 44.44 23.50
CA LYS B 146 -29.62 45.85 23.26
C LYS B 146 -31.07 46.27 23.41
N THR B 147 -32.02 45.53 22.84
CA THR B 147 -33.42 45.98 22.86
C THR B 147 -34.26 45.46 24.01
N ASN B 148 -33.93 44.31 24.58
CA ASN B 148 -34.73 43.77 25.63
C ASN B 148 -33.83 43.02 26.66
N PRO B 149 -33.07 43.78 27.46
CA PRO B 149 -32.09 43.18 28.35
C PRO B 149 -32.66 42.26 29.43
N ASP B 150 -33.92 42.43 29.80
CA ASP B 150 -34.56 41.58 30.82
C ASP B 150 -34.88 40.16 30.28
N ASP B 151 -34.78 39.97 28.98
CA ASP B 151 -35.20 38.72 28.33
C ASP B 151 -34.48 37.52 28.95
N ARG B 152 -35.25 36.48 29.23
CA ARG B 152 -34.72 35.28 29.84
C ARG B 152 -34.48 34.11 28.86
N ARG B 153 -34.43 34.43 27.57
CA ARG B 153 -34.24 33.47 26.46
C ARG B 153 -33.02 33.80 25.61
N ILE B 154 -32.03 34.49 26.18
CA ILE B 154 -30.91 34.96 25.40
C ILE B 154 -29.90 33.81 25.35
N ILE B 155 -30.08 32.92 24.38
CA ILE B 155 -29.40 31.65 24.29
C ILE B 155 -28.68 31.50 22.97
N MET B 156 -27.48 30.92 23.04
CA MET B 156 -26.76 30.48 21.84
C MET B 156 -26.44 29.00 22.03
N CYS B 157 -26.95 28.15 21.14
CA CYS B 157 -26.87 26.70 21.28
C CYS B 157 -26.10 26.08 20.13
N ALA B 158 -25.09 25.31 20.45
CA ALA B 158 -24.26 24.61 19.48
C ALA B 158 -24.69 23.14 19.30
N TRP B 159 -25.49 22.67 20.21
CA TRP B 159 -25.96 21.28 20.21
C TRP B 159 -27.08 21.17 19.19
N ASN B 160 -26.82 20.47 18.09
CA ASN B 160 -27.78 20.35 17.02
C ASN B 160 -27.87 18.89 16.69
N PRO B 161 -28.86 18.20 17.27
CA PRO B 161 -28.96 16.72 17.04
C PRO B 161 -29.05 16.29 15.56
N ARG B 162 -29.67 17.10 14.72
CA ARG B 162 -29.72 16.78 13.30
C ARG B 162 -28.35 16.75 12.64
N ASP B 163 -27.51 17.70 13.02
CA ASP B 163 -26.16 17.87 12.49
C ASP B 163 -25.06 17.10 13.16
N LEU B 164 -25.31 16.52 14.34
CA LEU B 164 -24.27 15.77 15.03
C LEU B 164 -23.51 14.71 14.19
N PRO B 165 -24.24 13.90 13.41
CA PRO B 165 -23.49 12.84 12.67
C PRO B 165 -22.49 13.37 11.62
N LEU B 166 -22.65 14.61 11.21
CA LEU B 166 -21.73 15.24 10.28
C LEU B 166 -20.50 15.94 10.93
N MET B 167 -20.58 16.21 12.21
CA MET B 167 -19.52 16.91 12.89
C MET B 167 -18.31 16.05 13.16
N ALA B 168 -17.16 16.68 13.16
CA ALA B 168 -15.93 15.99 13.48
C ALA B 168 -15.95 15.52 14.93
N LEU B 169 -16.53 16.32 15.83
CA LEU B 169 -16.68 16.03 17.24
C LEU B 169 -17.97 16.64 17.76
N PRO B 170 -18.72 15.96 18.62
CA PRO B 170 -19.90 16.63 19.20
C PRO B 170 -19.46 17.78 20.11
N PRO B 171 -20.13 18.92 20.05
CA PRO B 171 -19.76 20.06 20.90
C PRO B 171 -19.73 19.78 22.39
N CYS B 172 -18.68 20.23 23.06
CA CYS B 172 -18.57 20.13 24.51
C CYS B 172 -19.34 21.27 25.16
N HIS B 173 -19.32 22.44 24.54
CA HIS B 173 -20.02 23.63 24.99
C HIS B 173 -21.36 23.64 24.26
N ALA B 174 -22.30 23.00 24.90
CA ALA B 174 -23.57 22.69 24.31
C ALA B 174 -24.37 23.95 24.10
N LEU B 175 -24.33 24.82 25.11
CA LEU B 175 -25.04 26.08 25.01
C LEU B 175 -24.56 27.08 26.03
N CYS B 176 -24.91 28.33 25.73
CA CYS B 176 -24.69 29.40 26.67
C CYS B 176 -25.86 30.34 26.68
N GLN B 177 -25.99 31.04 27.80
CA GLN B 177 -27.10 31.93 28.08
C GLN B 177 -26.52 33.25 28.66
N PHE B 178 -27.10 34.37 28.23
CA PHE B 178 -26.69 35.67 28.69
C PHE B 178 -27.79 36.25 29.57
N TYR B 179 -27.38 37.20 30.41
CA TYR B 179 -28.26 37.80 31.38
C TYR B 179 -27.78 39.22 31.66
N VAL B 180 -28.73 40.14 31.83
CA VAL B 180 -28.40 41.54 32.09
C VAL B 180 -29.20 42.00 33.32
N VAL B 181 -28.47 42.60 34.25
CA VAL B 181 -29.08 43.36 35.34
C VAL B 181 -28.09 44.46 35.80
N ASN B 182 -28.61 45.64 36.18
CA ASN B 182 -27.79 46.76 36.66
C ASN B 182 -26.66 47.11 35.72
N SER B 183 -26.94 47.09 34.42
CA SER B 183 -25.95 47.36 33.36
C SER B 183 -24.74 46.38 33.28
N GLU B 184 -24.90 45.20 33.88
CA GLU B 184 -23.87 44.16 33.85
C GLU B 184 -24.37 42.95 33.02
N LEU B 185 -23.51 42.50 32.11
CA LEU B 185 -23.74 41.32 31.28
C LEU B 185 -23.07 40.08 31.88
N SER B 186 -23.88 39.08 32.21
CA SER B 186 -23.36 37.80 32.65
C SER B 186 -23.62 36.70 31.59
N CYS B 187 -22.85 35.62 31.71
CA CYS B 187 -22.91 34.49 30.79
C CYS B 187 -22.79 33.20 31.57
N GLN B 188 -23.66 32.23 31.27
CA GLN B 188 -23.51 30.88 31.81
C GLN B 188 -23.30 29.90 30.67
N LEU B 189 -22.26 29.07 30.82
CA LEU B 189 -21.95 28.02 29.87
C LEU B 189 -22.41 26.68 30.44
N TYR B 190 -23.09 25.89 29.61
CA TYR B 190 -23.37 24.49 29.91
C TYR B 190 -22.36 23.66 29.16
N GLN B 191 -21.34 23.17 29.86
CA GLN B 191 -20.31 22.33 29.26
C GLN B 191 -20.59 20.88 29.64
N ARG B 192 -20.94 20.08 28.66
CA ARG B 192 -21.36 18.69 28.92
C ARG B 192 -20.23 17.79 29.48
N SER B 193 -19.00 18.19 29.20
CA SER B 193 -17.85 17.32 29.42
C SER B 193 -16.64 18.22 29.57
N GLY B 194 -15.96 18.06 30.69
CA GLY B 194 -14.83 18.89 31.05
C GLY B 194 -13.60 18.12 31.46
N ASP B 195 -12.57 18.21 30.61
CA ASP B 195 -11.23 17.70 30.91
C ASP B 195 -10.64 18.75 31.82
N MET B 196 -10.65 18.49 33.12
CA MET B 196 -10.34 19.53 34.08
C MET B 196 -8.89 20.06 33.96
N GLY B 197 -7.95 19.18 33.64
CA GLY B 197 -6.56 19.58 33.50
C GLY B 197 -6.26 20.35 32.23
N LEU B 198 -6.72 19.84 31.08
CA LEU B 198 -6.34 20.38 29.78
C LEU B 198 -7.35 21.32 29.12
N GLY B 199 -8.64 21.05 29.26
CA GLY B 199 -9.69 21.80 28.57
C GLY B 199 -10.23 22.98 29.36
N VAL B 200 -10.63 22.71 30.58
CA VAL B 200 -11.43 23.63 31.37
C VAL B 200 -10.83 25.04 31.56
N PRO B 201 -9.52 25.14 31.88
CA PRO B 201 -8.94 26.49 31.99
C PRO B 201 -9.09 27.36 30.72
N PHE B 202 -8.92 26.68 29.60
CA PHE B 202 -9.05 27.32 28.29
C PHE B 202 -10.51 27.71 28.06
N ASN B 203 -11.42 26.78 28.37
CA ASN B 203 -12.85 27.00 28.15
C ASN B 203 -13.39 28.19 29.01
N ILE B 204 -12.91 28.30 30.25
CA ILE B 204 -13.26 29.44 31.09
C ILE B 204 -12.88 30.76 30.39
N ALA B 205 -11.64 30.82 29.93
CA ALA B 205 -11.16 32.00 29.25
C ALA B 205 -11.96 32.31 27.98
N SER B 206 -12.34 31.30 27.19
CA SER B 206 -13.09 31.54 25.93
C SER B 206 -14.40 32.26 26.18
N TYR B 207 -15.15 31.77 27.16
CA TYR B 207 -16.47 32.31 27.42
C TYR B 207 -16.41 33.62 28.19
N ALA B 208 -15.41 33.79 29.06
CA ALA B 208 -15.16 35.11 29.66
C ALA B 208 -14.86 36.16 28.56
N LEU B 209 -14.04 35.77 27.59
CA LEU B 209 -13.70 36.62 26.43
C LEU B 209 -14.93 37.01 25.62
N LEU B 210 -15.76 36.01 25.33
CA LEU B 210 -16.96 36.24 24.56
C LEU B 210 -17.83 37.24 25.29
N THR B 211 -17.91 37.11 26.61
CA THR B 211 -18.71 38.02 27.42
C THR B 211 -18.15 39.45 27.37
N TYR B 212 -16.83 39.57 27.44
CA TYR B 212 -16.19 40.89 27.31
C TYR B 212 -16.51 41.50 25.96
N MET B 213 -16.44 40.68 24.90
CA MET B 213 -16.73 41.14 23.56
C MET B 213 -18.17 41.65 23.42
N ILE B 214 -19.14 40.85 23.86
CA ILE B 214 -20.52 41.24 23.71
C ILE B 214 -20.87 42.44 24.61
N ALA B 215 -20.31 42.49 25.82
CA ALA B 215 -20.49 43.68 26.70
C ALA B 215 -19.97 44.98 26.04
N HIS B 216 -18.83 44.88 25.38
CA HIS B 216 -18.24 46.03 24.66
C HIS B 216 -19.17 46.52 23.53
N ILE B 217 -19.64 45.57 22.72
CA ILE B 217 -20.59 45.85 21.64
C ILE B 217 -21.90 46.49 22.14
N THR B 218 -22.38 46.07 23.30
CA THR B 218 -23.73 46.46 23.74
C THR B 218 -23.70 47.60 24.76
N GLY B 219 -22.52 48.08 25.12
CA GLY B 219 -22.39 49.16 26.04
C GLY B 219 -22.62 48.78 27.50
N LEU B 220 -22.36 47.52 27.87
CA LEU B 220 -22.55 47.04 29.21
C LEU B 220 -21.19 46.70 29.86
N LYS B 221 -21.19 46.48 31.15
CA LYS B 221 -20.01 46.06 31.90
C LYS B 221 -20.06 44.54 32.11
N PRO B 222 -18.94 43.85 31.97
CA PRO B 222 -18.93 42.43 32.30
C PRO B 222 -19.29 42.17 33.76
N GLY B 223 -20.10 41.14 33.98
CA GLY B 223 -20.59 40.75 35.26
C GLY B 223 -19.96 39.51 35.79
N ASP B 224 -20.69 38.39 35.69
CA ASP B 224 -20.14 37.08 36.06
C ASP B 224 -20.11 36.14 34.87
N PHE B 225 -19.15 35.22 34.92
CA PHE B 225 -19.18 34.01 34.10
C PHE B 225 -19.50 32.83 35.03
N ILE B 226 -20.56 32.13 34.72
CA ILE B 226 -20.95 30.96 35.49
C ILE B 226 -20.62 29.75 34.64
N HIS B 227 -19.79 28.88 35.18
CA HIS B 227 -19.36 27.68 34.48
C HIS B 227 -20.06 26.49 35.03
N THR B 228 -20.91 25.88 34.22
CA THR B 228 -21.63 24.70 34.65
C THR B 228 -21.10 23.48 33.88
N LEU B 229 -20.81 22.42 34.62
CA LEU B 229 -20.33 21.20 34.04
C LEU B 229 -21.30 20.05 34.20
N GLY B 230 -21.32 19.23 33.17
CA GLY B 230 -21.82 17.89 33.21
C GLY B 230 -20.80 16.92 33.80
N ASP B 231 -20.19 16.10 32.96
CA ASP B 231 -19.15 15.16 33.41
C ASP B 231 -17.86 15.95 33.59
N ALA B 232 -17.57 16.31 34.84
CA ALA B 232 -16.34 16.98 35.24
C ALA B 232 -15.34 15.92 35.60
N HIS B 233 -14.25 15.81 34.86
CA HIS B 233 -13.36 14.65 35.04
C HIS B 233 -11.87 14.99 34.97
N ILE B 234 -11.08 14.23 35.74
CA ILE B 234 -9.61 14.28 35.71
C ILE B 234 -9.13 12.96 35.10
N TYR B 235 -8.43 13.02 33.98
CA TYR B 235 -7.81 11.82 33.42
C TYR B 235 -6.77 11.29 34.43
N LEU B 236 -6.68 9.99 34.56
CA LEU B 236 -5.81 9.37 35.57
C LEU B 236 -4.34 9.78 35.44
N ASN B 237 -3.87 9.92 34.20
CA ASN B 237 -2.51 10.40 33.97
C ASN B 237 -2.33 11.90 34.17
N HIS B 238 -3.35 12.62 34.62
CA HIS B 238 -3.20 14.04 34.99
C HIS B 238 -3.19 14.19 36.48
N ILE B 239 -3.35 13.09 37.22
CA ILE B 239 -3.46 13.26 38.68
C ILE B 239 -2.17 13.86 39.31
N GLU B 240 -1.02 13.26 39.02
CA GLU B 240 0.26 13.79 39.55
C GLU B 240 0.57 15.22 39.06
N PRO B 241 0.45 15.48 37.76
CA PRO B 241 0.60 16.86 37.32
C PRO B 241 -0.33 17.86 38.07
N LEU B 242 -1.56 17.49 38.30
CA LEU B 242 -2.54 18.38 38.98
C LEU B 242 -2.17 18.58 40.43
N LYS B 243 -1.65 17.54 41.06
CA LYS B 243 -1.15 17.68 42.44
C LYS B 243 0.04 18.65 42.53
N ILE B 244 0.92 18.62 41.53
CA ILE B 244 1.94 19.67 41.38
C ILE B 244 1.25 21.06 41.29
N GLN B 245 0.24 21.18 40.43
CA GLN B 245 -0.43 22.47 40.27
C GLN B 245 -1.04 22.99 41.56
N LEU B 246 -1.66 22.08 42.29
CA LEU B 246 -2.32 22.42 43.56
C LEU B 246 -1.36 22.94 44.64
N GLN B 247 -0.06 22.71 44.52
CA GLN B 247 0.94 23.30 45.42
C GLN B 247 1.18 24.79 45.18
N ARG B 248 0.66 25.34 44.07
CA ARG B 248 0.99 26.72 43.69
C ARG B 248 -0.02 27.67 44.21
N GLU B 249 0.41 28.82 44.69
CA GLU B 249 -0.51 29.85 45.12
C GLU B 249 -0.89 30.69 43.88
N PRO B 250 -2.20 30.97 43.67
CA PRO B 250 -2.58 31.83 42.59
C PRO B 250 -2.04 33.22 42.70
N ARG B 251 -1.74 33.83 41.57
CA ARG B 251 -1.39 35.23 41.53
C ARG B 251 -2.65 35.97 41.13
N PRO B 252 -2.72 37.28 41.43
CA PRO B 252 -3.89 38.05 40.98
C PRO B 252 -4.14 37.88 39.47
N PHE B 253 -5.42 37.75 39.12
CA PHE B 253 -5.81 37.64 37.73
C PHE B 253 -5.35 38.84 36.91
N PRO B 254 -5.07 38.63 35.62
CA PRO B 254 -4.76 39.79 34.79
C PRO B 254 -6.05 40.60 34.51
N LYS B 255 -5.86 41.70 33.78
CA LYS B 255 -6.94 42.47 33.23
C LYS B 255 -6.94 42.35 31.71
N LEU B 256 -8.12 42.54 31.12
CA LEU B 256 -8.26 42.48 29.66
C LEU B 256 -8.64 43.87 29.20
N ARG B 257 -7.89 44.44 28.28
CA ARG B 257 -8.19 45.74 27.67
C ARG B 257 -8.61 45.59 26.23
N ILE B 258 -9.64 46.29 25.83
CA ILE B 258 -10.07 46.36 24.47
C ILE B 258 -9.61 47.71 23.96
N LEU B 259 -8.83 47.73 22.89
CA LEU B 259 -8.02 48.90 22.55
C LEU B 259 -8.68 49.92 21.64
N ARG B 260 -9.90 49.67 21.16
CA ARG B 260 -10.62 50.64 20.37
C ARG B 260 -12.10 50.40 20.47
N LYS B 261 -12.89 51.39 20.03
CA LYS B 261 -14.33 51.23 19.99
C LYS B 261 -14.70 50.36 18.80
N VAL B 262 -15.40 49.25 19.03
CA VAL B 262 -15.79 48.34 17.97
C VAL B 262 -17.31 48.25 17.96
N GLU B 263 -17.91 48.32 16.79
CA GLU B 263 -19.33 48.45 16.60
C GLU B 263 -20.07 47.13 16.39
N LYS B 264 -19.45 46.20 15.69
CA LYS B 264 -20.07 44.95 15.35
C LYS B 264 -19.13 43.83 15.76
N ILE B 265 -19.71 42.73 16.22
CA ILE B 265 -18.90 41.59 16.69
C ILE B 265 -17.95 41.08 15.61
N ASP B 266 -18.38 41.14 14.35
CA ASP B 266 -17.54 40.70 13.21
C ASP B 266 -16.26 41.54 12.96
N ASP B 267 -16.21 42.76 13.49
CA ASP B 267 -15.07 43.69 13.28
C ASP B 267 -13.92 43.52 14.27
N PHE B 268 -14.11 42.75 15.34
CA PHE B 268 -13.01 42.50 16.28
C PHE B 268 -11.88 41.79 15.56
N LYS B 269 -10.66 42.19 15.89
CA LYS B 269 -9.43 41.56 15.42
C LYS B 269 -8.56 41.23 16.62
N ALA B 270 -7.64 40.31 16.46
CA ALA B 270 -6.78 39.88 17.57
C ALA B 270 -6.01 41.06 18.21
N GLU B 271 -5.58 42.00 17.41
CA GLU B 271 -4.78 43.14 17.90
C GLU B 271 -5.61 44.15 18.70
N ASP B 272 -6.94 44.00 18.70
CA ASP B 272 -7.79 44.84 19.53
C ASP B 272 -7.72 44.49 21.01
N PHE B 273 -7.08 43.37 21.38
CA PHE B 273 -7.16 42.86 22.76
C PHE B 273 -5.81 42.84 23.39
N GLN B 274 -5.72 43.26 24.64
CA GLN B 274 -4.45 43.21 25.38
C GLN B 274 -4.67 42.64 26.77
N ILE B 275 -4.00 41.54 27.05
CA ILE B 275 -3.99 40.97 28.39
C ILE B 275 -2.90 41.70 29.16
N GLU B 276 -3.27 42.27 30.29
CA GLU B 276 -2.31 43.08 31.07
C GLU B 276 -2.05 42.43 32.46
N GLY B 277 -0.78 42.30 32.81
CA GLY B 277 -0.36 41.80 34.10
C GLY B 277 -0.55 40.29 34.26
N TYR B 278 -0.37 39.51 33.18
CA TYR B 278 -0.55 38.05 33.29
C TYR B 278 0.79 37.43 33.67
N ASN B 279 0.86 36.83 34.85
CA ASN B 279 2.10 36.35 35.42
C ASN B 279 1.94 34.94 35.89
N PRO B 280 1.66 34.01 34.98
CA PRO B 280 1.33 32.63 35.44
C PRO B 280 2.59 31.83 35.85
N HIS B 281 2.40 30.88 36.72
CA HIS B 281 3.36 29.80 36.96
C HIS B 281 3.51 28.99 35.66
N PRO B 282 4.61 28.24 35.50
CA PRO B 282 4.83 27.57 34.20
C PRO B 282 3.81 26.47 33.82
N THR B 283 3.59 26.33 32.52
CA THR B 283 2.92 25.18 31.90
C THR B 283 3.37 23.88 32.56
N ILE B 284 2.43 22.99 32.84
CA ILE B 284 2.72 21.65 33.31
C ILE B 284 2.20 20.74 32.20
N LYS B 285 3.08 19.83 31.75
CA LYS B 285 2.78 18.92 30.63
C LYS B 285 1.72 17.94 31.12
N MET B 286 0.63 17.86 30.40
CA MET B 286 -0.47 16.95 30.65
C MET B 286 -0.80 16.28 29.29
N GLU B 287 -0.60 14.96 29.18
CA GLU B 287 -0.77 14.27 27.90
C GLU B 287 -2.28 14.25 27.60
N MET B 288 -2.68 14.63 26.41
CA MET B 288 -4.10 14.50 26.03
C MET B 288 -4.51 13.05 25.71
N ALA B 289 -5.68 12.66 26.20
CA ALA B 289 -6.30 11.40 25.83
C ALA B 289 -6.74 11.37 24.35
N VAL B 290 -6.09 10.47 23.60
CA VAL B 290 -6.21 10.19 22.12
C VAL B 290 -6.25 11.37 21.18
N PRO C 3 30.54 -7.46 -5.39
CA PRO C 3 30.76 -6.87 -6.74
C PRO C 3 29.50 -6.13 -7.27
N PRO C 4 29.68 -4.88 -7.72
CA PRO C 4 28.49 -4.04 -7.87
C PRO C 4 27.50 -4.57 -8.96
N HIS C 5 26.24 -4.31 -8.75
CA HIS C 5 25.17 -4.58 -9.73
C HIS C 5 25.52 -3.92 -11.08
N GLY C 6 25.43 -4.65 -12.16
CA GLY C 6 25.71 -4.10 -13.50
C GLY C 6 24.91 -2.88 -13.89
N GLU C 7 23.69 -2.78 -13.39
CA GLU C 7 22.81 -1.69 -13.69
C GLU C 7 23.36 -0.34 -13.21
N LEU C 8 24.20 -0.36 -12.18
CA LEU C 8 24.81 0.87 -11.72
C LEU C 8 25.73 1.51 -12.76
N GLN C 9 26.22 0.73 -13.72
CA GLN C 9 26.90 1.34 -14.90
C GLN C 9 25.97 2.29 -15.68
N TYR C 10 24.79 1.78 -16.01
CA TYR C 10 23.80 2.58 -16.74
C TYR C 10 23.44 3.81 -15.90
N LEU C 11 23.17 3.61 -14.61
CA LEU C 11 22.76 4.72 -13.77
C LEU C 11 23.93 5.71 -13.59
N GLY C 12 25.15 5.19 -13.51
CA GLY C 12 26.33 6.06 -13.53
C GLY C 12 26.44 6.92 -14.77
N GLN C 13 26.04 6.37 -15.93
CA GLN C 13 26.04 7.15 -17.17
C GLN C 13 25.02 8.28 -17.14
N ILE C 14 23.81 7.97 -16.69
CA ILE C 14 22.78 8.98 -16.51
C ILE C 14 23.32 10.14 -15.63
N GLN C 15 23.92 9.77 -14.49
CA GLN C 15 24.49 10.79 -13.53
C GLN C 15 25.56 11.62 -14.20
N HIS C 16 26.43 10.97 -14.97
CA HIS C 16 27.51 11.67 -15.63
C HIS C 16 26.97 12.65 -16.64
N ILE C 17 25.96 12.26 -17.41
CA ILE C 17 25.40 13.20 -18.40
C ILE C 17 24.67 14.39 -17.70
N LEU C 18 23.92 14.10 -16.66
CA LEU C 18 23.25 15.17 -15.90
C LEU C 18 24.30 16.14 -15.34
N ARG C 19 25.40 15.63 -14.81
CA ARG C 19 26.41 16.49 -14.19
C ARG C 19 27.38 17.15 -15.18
N CYS C 20 27.83 16.41 -16.20
CA CYS C 20 28.85 16.93 -17.17
C CYS C 20 28.38 17.09 -18.60
N GLY C 21 27.15 16.67 -18.92
CA GLY C 21 26.63 16.78 -20.26
C GLY C 21 26.48 18.21 -20.63
N VAL C 22 26.60 18.47 -21.91
CA VAL C 22 26.53 19.82 -22.44
C VAL C 22 25.19 19.98 -23.19
N ARG C 23 24.64 21.18 -23.14
CA ARG C 23 23.37 21.43 -23.83
C ARG C 23 23.61 21.35 -25.34
N LYS C 24 22.80 20.57 -26.02
CA LYS C 24 22.99 20.34 -27.46
C LYS C 24 21.62 20.17 -28.08
N ASP C 25 21.37 21.00 -29.09
CA ASP C 25 20.13 20.93 -29.88
C ASP C 25 20.12 19.67 -30.74
N ASP C 26 18.93 19.29 -31.15
CA ASP C 26 18.72 18.12 -31.97
C ASP C 26 17.63 18.46 -32.99
N ARG C 27 17.54 17.62 -34.01
CA ARG C 27 16.60 17.79 -35.09
C ARG C 27 15.21 18.00 -34.64
N THR C 28 14.84 17.46 -33.50
CA THR C 28 13.47 17.59 -33.04
C THR C 28 13.12 18.81 -32.25
N GLY C 29 14.06 19.70 -31.98
CA GLY C 29 13.85 20.90 -31.18
C GLY C 29 13.60 20.66 -29.69
N THR C 30 13.82 19.45 -29.20
CA THR C 30 13.57 19.16 -27.84
C THR C 30 14.72 19.62 -27.02
N GLY C 31 15.92 19.43 -27.49
CA GLY C 31 17.14 19.77 -26.74
C GLY C 31 17.56 18.57 -25.89
N THR C 32 18.85 18.50 -25.65
CA THR C 32 19.43 17.42 -24.87
C THR C 32 20.58 17.93 -24.04
N LEU C 33 20.90 17.18 -23.00
CA LEU C 33 22.22 17.18 -22.40
C LEU C 33 22.96 15.97 -23.03
N SER C 34 24.20 16.21 -23.46
CA SER C 34 24.92 15.27 -24.35
C SER C 34 26.37 15.10 -23.93
N VAL C 35 26.83 13.83 -23.92
CA VAL C 35 28.26 13.46 -23.80
C VAL C 35 28.58 12.62 -25.06
N PHE C 36 29.74 12.84 -25.66
CA PHE C 36 30.20 12.07 -26.80
C PHE C 36 31.21 11.06 -26.34
N GLY C 37 30.89 9.77 -26.53
CA GLY C 37 31.80 8.67 -26.17
C GLY C 37 31.55 8.12 -24.77
N MET C 38 30.86 7.00 -24.64
CA MET C 38 30.72 6.29 -23.38
C MET C 38 30.84 4.82 -23.63
N GLN C 39 31.09 4.06 -22.56
CA GLN C 39 31.22 2.62 -22.65
C GLN C 39 30.85 1.99 -21.33
N ALA C 40 30.03 0.94 -21.37
CA ALA C 40 29.71 0.16 -20.17
C ALA C 40 29.84 -1.29 -20.53
N ARG C 41 30.12 -2.15 -19.56
CA ARG C 41 30.25 -3.59 -19.74
C ARG C 41 29.19 -4.28 -18.86
N TYR C 42 28.39 -5.17 -19.41
CA TYR C 42 27.33 -5.87 -18.69
C TYR C 42 27.63 -7.36 -18.78
N SER C 43 27.86 -7.99 -17.63
CA SER C 43 28.08 -9.43 -17.62
C SER C 43 26.85 -10.15 -18.05
N LEU C 44 27.03 -11.21 -18.83
CA LEU C 44 25.93 -12.10 -19.26
C LEU C 44 26.01 -13.48 -18.57
N ARG C 45 26.88 -13.58 -17.58
CA ARG C 45 27.26 -14.89 -17.01
C ARG C 45 26.28 -15.16 -15.91
N ASP C 46 25.33 -16.04 -16.17
CA ASP C 46 24.32 -16.41 -15.18
C ASP C 46 23.40 -15.26 -14.77
N GLU C 47 23.24 -14.27 -15.65
CA GLU C 47 22.32 -13.17 -15.43
C GLU C 47 22.05 -12.53 -16.82
N PHE C 48 20.92 -11.87 -16.95
CA PHE C 48 20.52 -11.18 -18.15
C PHE C 48 20.25 -9.72 -17.78
N PRO C 49 20.93 -8.76 -18.44
CA PRO C 49 20.84 -7.34 -18.05
C PRO C 49 19.60 -6.60 -18.57
N LEU C 50 18.43 -7.04 -18.07
CA LEU C 50 17.18 -6.38 -18.33
C LEU C 50 16.96 -5.45 -17.13
N LEU C 51 16.95 -4.14 -17.39
CA LEU C 51 17.01 -3.20 -16.33
C LEU C 51 15.79 -3.27 -15.37
N THR C 52 16.10 -3.08 -14.08
CA THR C 52 15.14 -3.18 -13.00
C THR C 52 14.71 -1.85 -12.41
N THR C 53 15.42 -0.75 -12.63
CA THR C 53 14.97 0.54 -12.07
C THR C 53 13.79 1.16 -12.81
N LYS C 54 13.52 0.66 -14.00
CA LYS C 54 12.24 0.86 -14.64
C LYS C 54 12.02 -0.33 -15.58
N ARG C 55 10.76 -0.75 -15.72
CA ARG C 55 10.46 -1.92 -16.51
C ARG C 55 10.81 -1.67 -17.99
N VAL C 56 11.50 -2.62 -18.59
CA VAL C 56 11.85 -2.58 -20.00
C VAL C 56 10.80 -3.41 -20.78
N PHE C 57 10.52 -2.93 -22.00
CA PHE C 57 9.53 -3.58 -22.88
C PHE C 57 10.08 -4.82 -23.52
N TRP C 58 10.20 -5.89 -22.72
CA TRP C 58 10.78 -7.15 -23.11
C TRP C 58 10.07 -7.77 -24.31
N LYS C 59 8.74 -7.70 -24.33
CA LYS C 59 8.04 -8.23 -25.48
C LYS C 59 8.52 -7.56 -26.79
N GLY C 60 8.65 -6.24 -26.75
CA GLY C 60 9.17 -5.47 -27.86
C GLY C 60 10.60 -5.88 -28.26
N VAL C 61 11.48 -6.05 -27.26
CA VAL C 61 12.85 -6.51 -27.50
C VAL C 61 12.87 -7.84 -28.30
N LEU C 62 12.14 -8.82 -27.79
CA LEU C 62 12.16 -10.17 -28.32
C LEU C 62 11.51 -10.23 -29.71
N GLU C 63 10.32 -9.63 -29.87
CA GLU C 63 9.65 -9.65 -31.18
C GLU C 63 10.43 -8.85 -32.24
N GLU C 64 10.97 -7.69 -31.86
CA GLU C 64 11.80 -6.91 -32.80
C GLU C 64 12.99 -7.74 -33.27
N LEU C 65 13.67 -8.41 -32.33
CA LEU C 65 14.84 -9.15 -32.71
C LEU C 65 14.53 -10.31 -33.67
N LEU C 66 13.44 -11.02 -33.39
CA LEU C 66 13.02 -12.10 -34.23
C LEU C 66 12.67 -11.57 -35.63
N TRP C 67 12.06 -10.40 -35.68
CA TRP C 67 11.72 -9.74 -36.93
C TRP C 67 12.97 -9.36 -37.78
N PHE C 68 14.01 -8.87 -37.12
CA PHE C 68 15.28 -8.57 -37.74
C PHE C 68 15.86 -9.88 -38.31
N ILE C 69 15.90 -10.93 -37.50
CA ILE C 69 16.50 -12.20 -37.90
C ILE C 69 15.84 -12.78 -39.17
N LYS C 70 14.52 -12.67 -39.30
CA LYS C 70 13.83 -13.14 -40.49
C LYS C 70 14.10 -12.26 -41.71
N GLY C 71 14.76 -11.14 -41.52
CA GLY C 71 15.13 -10.26 -42.61
C GLY C 71 14.05 -9.29 -42.97
N SER C 72 13.01 -9.13 -42.14
CA SER C 72 11.89 -8.36 -42.57
C SER C 72 12.21 -6.87 -42.50
N THR C 73 11.61 -6.12 -43.40
CA THR C 73 11.67 -4.66 -43.41
C THR C 73 10.23 -4.11 -43.46
N ASN C 74 9.28 -4.90 -43.00
CA ASN C 74 7.84 -4.59 -43.05
C ASN C 74 7.33 -4.31 -41.63
N ALA C 75 7.07 -3.03 -41.34
CA ALA C 75 6.62 -2.60 -40.04
C ALA C 75 5.32 -3.27 -39.63
N LYS C 76 4.45 -3.53 -40.63
CA LYS C 76 3.17 -4.16 -40.39
C LYS C 76 3.31 -5.55 -39.78
N GLU C 77 4.33 -6.27 -40.18
CA GLU C 77 4.60 -7.60 -39.67
C GLU C 77 5.03 -7.63 -38.18
N LEU C 78 5.77 -6.61 -37.76
CA LEU C 78 6.13 -6.44 -36.34
C LEU C 78 4.88 -5.96 -35.59
N SER C 79 4.17 -4.98 -36.13
CA SER C 79 2.92 -4.44 -35.54
C SER C 79 1.87 -5.51 -35.26
N SER C 80 1.85 -6.53 -36.12
CA SER C 80 0.86 -7.59 -36.00
C SER C 80 1.09 -8.39 -34.72
N LYS C 81 2.32 -8.35 -34.22
CA LYS C 81 2.69 -8.99 -32.94
C LYS C 81 2.48 -8.12 -31.71
N GLY C 82 1.80 -7.00 -31.86
CA GLY C 82 1.56 -6.06 -30.72
C GLY C 82 2.71 -5.10 -30.39
N VAL C 83 3.69 -4.98 -31.31
CA VAL C 83 4.89 -4.17 -31.10
C VAL C 83 4.89 -3.05 -32.12
N LYS C 84 4.62 -1.83 -31.65
CA LYS C 84 4.27 -0.73 -32.56
C LYS C 84 5.44 0.23 -32.85
N ILE C 85 6.64 -0.14 -32.44
CA ILE C 85 7.74 0.86 -32.33
C ILE C 85 8.24 1.35 -33.69
N TRP C 86 8.00 0.63 -34.76
CA TRP C 86 8.40 1.06 -36.07
C TRP C 86 7.21 1.58 -36.94
N ASP C 87 6.00 1.60 -36.40
CA ASP C 87 4.82 1.91 -37.21
C ASP C 87 4.78 3.34 -37.73
N ALA C 88 5.11 4.31 -36.88
CA ALA C 88 5.18 5.70 -37.32
C ALA C 88 6.17 5.90 -38.49
N ASN C 89 7.27 5.13 -38.52
CA ASN C 89 8.26 5.29 -39.57
C ASN C 89 7.89 4.61 -40.87
N GLY C 90 6.84 3.79 -40.86
CA GLY C 90 6.31 3.17 -42.05
C GLY C 90 5.01 3.77 -42.55
N SER C 91 4.49 4.77 -41.87
CA SER C 91 3.20 5.36 -42.21
C SER C 91 3.26 6.07 -43.56
N ARG C 92 2.11 6.24 -44.18
CA ARG C 92 1.99 6.90 -45.45
C ARG C 92 2.60 8.29 -45.35
N ASP C 93 2.23 9.01 -44.31
CA ASP C 93 2.71 10.38 -44.16
C ASP C 93 4.21 10.47 -44.03
N PHE C 94 4.81 9.61 -43.20
CA PHE C 94 6.26 9.63 -42.99
C PHE C 94 7.04 9.23 -44.26
N LEU C 95 6.59 8.17 -44.92
CA LEU C 95 7.17 7.76 -46.20
C LEU C 95 7.10 8.88 -47.25
N ASP C 96 5.95 9.52 -47.37
CA ASP C 96 5.78 10.67 -48.30
C ASP C 96 6.70 11.83 -47.90
N SER C 97 6.82 12.11 -46.60
CA SER C 97 7.74 13.15 -46.12
C SER C 97 9.20 12.95 -46.57
N LEU C 98 9.59 11.70 -46.84
CA LEU C 98 10.93 11.34 -47.32
C LEU C 98 11.01 11.22 -48.84
N GLY C 99 9.90 11.48 -49.53
CA GLY C 99 9.86 11.35 -50.96
C GLY C 99 9.55 9.97 -51.44
N PHE C 100 9.09 9.08 -50.56
CA PHE C 100 8.85 7.68 -50.94
C PHE C 100 7.36 7.47 -51.28
N SER C 101 6.84 8.28 -52.17
CA SER C 101 5.39 8.25 -52.46
C SER C 101 4.93 6.97 -53.13
N THR C 102 5.82 6.26 -53.82
CA THR C 102 5.39 5.04 -54.51
C THR C 102 5.44 3.84 -53.60
N ARG C 103 6.01 4.00 -52.41
CA ARG C 103 6.25 2.89 -51.51
C ARG C 103 4.99 2.51 -50.74
N GLU C 104 4.79 1.23 -50.57
CA GLU C 104 3.62 0.73 -49.77
C GLU C 104 3.75 1.08 -48.26
N GLU C 105 2.65 1.36 -47.60
CA GLU C 105 2.67 1.61 -46.19
C GLU C 105 3.29 0.38 -45.43
N GLY C 106 4.09 0.67 -44.45
CA GLY C 106 4.92 -0.36 -43.78
C GLY C 106 6.31 -0.62 -44.31
N ASP C 107 6.61 -0.20 -45.54
CA ASP C 107 7.89 -0.53 -46.16
C ASP C 107 8.97 0.46 -45.67
N LEU C 108 9.78 -0.02 -44.76
CA LEU C 108 10.81 0.78 -44.16
C LEU C 108 12.05 0.94 -44.97
N GLY C 109 12.17 0.27 -46.09
CA GLY C 109 13.38 0.33 -46.88
C GLY C 109 14.43 -0.64 -46.36
N PRO C 110 15.68 -0.50 -46.79
CA PRO C 110 16.71 -1.43 -46.37
C PRO C 110 17.29 -1.20 -44.99
N VAL C 111 16.47 -1.45 -44.00
CA VAL C 111 16.86 -1.34 -42.61
C VAL C 111 17.47 -2.65 -42.08
N TYR C 112 17.66 -2.72 -40.77
CA TYR C 112 18.33 -3.84 -40.09
C TYR C 112 18.19 -5.23 -40.68
N GLY C 113 16.96 -5.64 -40.89
CA GLY C 113 16.65 -6.92 -41.44
C GLY C 113 17.35 -7.20 -42.76
N PHE C 114 17.24 -6.27 -43.67
CA PHE C 114 17.85 -6.40 -44.98
C PHE C 114 19.39 -6.40 -44.94
N GLN C 115 19.95 -5.47 -44.19
CA GLN C 115 21.37 -5.34 -44.04
C GLN C 115 22.00 -6.58 -43.42
N TRP C 116 21.40 -7.11 -42.38
CA TRP C 116 21.91 -8.25 -41.68
C TRP C 116 21.94 -9.52 -42.53
N ARG C 117 20.92 -9.73 -43.32
CA ARG C 117 20.82 -10.96 -44.11
C ARG C 117 21.18 -10.81 -45.59
N HIS C 118 21.21 -9.59 -46.13
CA HIS C 118 21.37 -9.30 -47.60
C HIS C 118 22.20 -8.05 -47.94
N PHE C 119 23.21 -7.77 -47.11
CA PHE C 119 24.01 -6.55 -47.29
C PHE C 119 24.55 -6.49 -48.72
N GLY C 120 24.27 -5.40 -49.38
CA GLY C 120 24.81 -5.17 -50.71
C GLY C 120 23.89 -5.57 -51.84
N ALA C 121 22.80 -6.31 -51.56
CA ALA C 121 21.82 -6.61 -52.58
C ALA C 121 21.09 -5.35 -52.91
N GLU C 122 20.43 -5.36 -54.06
CA GLU C 122 19.64 -4.20 -54.48
C GLU C 122 18.26 -4.27 -53.87
N TYR C 123 17.88 -3.27 -53.13
CA TYR C 123 16.59 -3.24 -52.52
C TYR C 123 15.48 -2.85 -53.49
N ARG C 124 14.38 -3.58 -53.46
CA ARG C 124 13.21 -3.26 -54.29
C ARG C 124 12.05 -2.87 -53.37
N ASP C 125 11.35 -3.85 -52.79
CA ASP C 125 10.40 -3.52 -51.75
C ASP C 125 10.40 -4.60 -50.66
N MET C 126 9.58 -4.37 -49.65
CA MET C 126 9.52 -5.25 -48.48
C MET C 126 8.96 -6.63 -48.78
N GLU C 127 8.28 -6.80 -49.92
CA GLU C 127 7.72 -8.11 -50.29
C GLU C 127 8.64 -8.92 -51.23
N SER C 128 9.76 -8.36 -51.71
CA SER C 128 10.59 -9.06 -52.69
C SER C 128 11.36 -10.23 -52.11
N ASP C 129 11.71 -11.17 -52.98
CA ASP C 129 12.49 -12.35 -52.59
C ASP C 129 13.94 -11.95 -52.77
N TYR C 130 14.71 -11.96 -51.67
CA TYR C 130 16.15 -11.68 -51.73
C TYR C 130 17.02 -12.91 -51.49
N SER C 131 16.44 -14.12 -51.57
CA SER C 131 17.21 -15.37 -51.31
C SER C 131 18.44 -15.44 -52.15
N GLY C 132 19.56 -15.78 -51.53
CA GLY C 132 20.84 -15.81 -52.20
C GLY C 132 21.42 -14.46 -52.59
N GLN C 133 20.77 -13.33 -52.30
CA GLN C 133 21.30 -12.04 -52.73
C GLN C 133 21.99 -11.37 -51.54
N GLY C 134 23.17 -10.80 -51.79
CA GLY C 134 23.91 -10.02 -50.81
C GLY C 134 24.59 -10.86 -49.79
N VAL C 135 25.22 -10.21 -48.82
CA VAL C 135 25.97 -10.92 -47.80
C VAL C 135 25.08 -11.24 -46.59
N ASP C 136 25.01 -12.52 -46.26
CA ASP C 136 24.29 -12.94 -45.04
C ASP C 136 25.21 -12.79 -43.87
N GLN C 137 25.26 -11.59 -43.30
CA GLN C 137 26.24 -11.33 -42.25
C GLN C 137 25.95 -12.16 -41.00
N LEU C 138 24.68 -12.34 -40.68
CA LEU C 138 24.32 -13.03 -39.48
C LEU C 138 24.80 -14.50 -39.51
N GLN C 139 24.52 -15.19 -40.61
CA GLN C 139 24.99 -16.58 -40.73
C GLN C 139 26.50 -16.65 -40.81
N ARG C 140 27.14 -15.68 -41.51
CA ARG C 140 28.61 -15.70 -41.55
C ARG C 140 29.25 -15.47 -40.19
N VAL C 141 28.68 -14.59 -39.36
CA VAL C 141 29.15 -14.45 -37.95
C VAL C 141 29.09 -15.80 -37.22
N ILE C 142 27.94 -16.45 -37.30
CA ILE C 142 27.75 -17.75 -36.62
C ILE C 142 28.77 -18.82 -37.12
N ASP C 143 28.97 -18.90 -38.44
CA ASP C 143 29.93 -19.86 -39.05
C ASP C 143 31.35 -19.60 -38.60
N THR C 144 31.75 -18.32 -38.56
CA THR C 144 33.08 -17.93 -38.08
C THR C 144 33.30 -18.27 -36.62
N ILE C 145 32.30 -18.01 -35.78
CA ILE C 145 32.43 -18.36 -34.37
C ILE C 145 32.70 -19.87 -34.19
N LYS C 146 31.96 -20.68 -34.94
CA LYS C 146 32.12 -22.13 -34.91
C LYS C 146 33.48 -22.57 -35.46
N THR C 147 33.94 -22.06 -36.59
CA THR C 147 35.16 -22.56 -37.19
C THR C 147 36.43 -21.83 -36.80
N ASN C 148 36.34 -20.55 -36.43
CA ASN C 148 37.55 -19.81 -36.13
C ASN C 148 37.26 -18.78 -35.01
N PRO C 149 37.09 -19.29 -33.77
CA PRO C 149 36.66 -18.41 -32.68
C PRO C 149 37.63 -17.30 -32.31
N ASP C 150 38.93 -17.46 -32.60
CA ASP C 150 39.92 -16.41 -32.29
C ASP C 150 39.82 -15.18 -33.23
N ASP C 151 39.07 -15.32 -34.32
CA ASP C 151 38.99 -14.30 -35.34
C ASP C 151 38.58 -12.94 -34.76
N ARG C 152 39.33 -11.92 -35.19
CA ARG C 152 39.07 -10.57 -34.68
C ARG C 152 38.30 -9.67 -35.66
N ARG C 153 37.63 -10.30 -36.64
CA ARG C 153 36.79 -9.61 -37.62
C ARG C 153 35.38 -10.11 -37.68
N ILE C 154 34.87 -10.55 -36.55
CA ILE C 154 33.51 -11.14 -36.51
C ILE C 154 32.54 -9.98 -36.33
N ILE C 155 32.13 -9.40 -37.46
CA ILE C 155 31.40 -8.14 -37.49
C ILE C 155 30.10 -8.27 -38.22
N MET C 156 29.06 -7.64 -37.67
CA MET C 156 27.78 -7.46 -38.40
C MET C 156 27.48 -5.97 -38.44
N CYS C 157 27.40 -5.40 -39.66
CA CYS C 157 27.29 -3.95 -39.85
C CYS C 157 25.99 -3.60 -40.54
N ALA C 158 25.21 -2.73 -39.94
CA ALA C 158 23.98 -2.26 -40.53
C ALA C 158 24.15 -0.93 -41.25
N TRP C 159 25.26 -0.26 -41.02
CA TRP C 159 25.51 1.06 -41.62
C TRP C 159 25.93 0.83 -43.06
N ASN C 160 25.09 1.23 -44.00
CA ASN C 160 25.35 0.99 -45.41
C ASN C 160 25.15 2.32 -46.10
N PRO C 161 26.23 3.06 -46.32
CA PRO C 161 26.11 4.42 -46.91
C PRO C 161 25.39 4.46 -48.26
N ARG C 162 25.53 3.42 -49.07
CA ARG C 162 24.81 3.39 -50.34
C ARG C 162 23.29 3.35 -50.17
N ASP C 163 22.84 2.58 -49.18
CA ASP C 163 21.43 2.38 -48.87
C ASP C 163 20.80 3.37 -47.93
N LEU C 164 21.58 4.21 -47.25
CA LEU C 164 21.00 5.20 -46.32
C LEU C 164 19.84 6.04 -46.86
N PRO C 165 19.98 6.59 -48.08
CA PRO C 165 18.86 7.47 -48.56
C PRO C 165 17.53 6.73 -48.76
N LEU C 166 17.58 5.42 -48.86
CA LEU C 166 16.40 4.61 -49.03
C LEU C 166 15.77 4.19 -47.72
N MET C 167 16.48 4.37 -46.61
CA MET C 167 15.99 3.96 -45.31
C MET C 167 15.03 4.93 -44.70
N ALA C 168 14.07 4.40 -43.97
CA ALA C 168 13.13 5.23 -43.27
C ALA C 168 13.85 6.05 -42.17
N LEU C 169 14.88 5.45 -41.56
CA LEU C 169 15.73 6.04 -40.56
C LEU C 169 17.13 5.47 -40.66
N PRO C 170 18.16 6.27 -40.52
CA PRO C 170 19.51 5.70 -40.49
C PRO C 170 19.69 4.87 -39.21
N PRO C 171 20.28 3.72 -39.29
CA PRO C 171 20.46 2.87 -38.13
C PRO C 171 21.19 3.51 -36.95
N CYS C 172 20.70 3.31 -35.74
CA CYS C 172 21.36 3.76 -34.54
C CYS C 172 22.45 2.76 -34.15
N HIS C 173 22.21 1.47 -34.39
CA HIS C 173 23.18 0.42 -34.09
C HIS C 173 23.89 0.13 -35.34
N ALA C 174 24.97 0.83 -35.45
CA ALA C 174 25.72 0.90 -36.69
C ALA C 174 26.40 -0.41 -36.94
N LEU C 175 26.97 -0.97 -35.90
CA LEU C 175 27.62 -2.27 -36.02
C LEU C 175 27.82 -2.96 -34.71
N CYS C 176 28.06 -4.26 -34.80
CA CYS C 176 28.44 -5.02 -33.66
C CYS C 176 29.53 -6.01 -34.01
N GLN C 177 30.27 -6.41 -32.98
CA GLN C 177 31.41 -7.30 -33.12
C GLN C 177 31.32 -8.37 -32.02
N PHE C 178 31.66 -9.60 -32.39
CA PHE C 178 31.66 -10.71 -31.50
C PHE C 178 33.10 -11.16 -31.23
N TYR C 179 33.28 -11.83 -30.09
CA TYR C 179 34.58 -12.20 -29.60
C TYR C 179 34.43 -13.46 -28.75
N VAL C 180 35.38 -14.38 -28.86
CA VAL C 180 35.35 -15.63 -28.13
C VAL C 180 36.69 -15.84 -27.43
N VAL C 181 36.62 -16.11 -26.15
CA VAL C 181 37.76 -16.62 -25.38
C VAL C 181 37.25 -17.50 -24.23
N ASN C 182 37.98 -18.57 -23.90
CA ASN C 182 37.61 -19.50 -22.82
C ASN C 182 36.18 -20.00 -22.92
N SER C 183 35.76 -20.32 -24.13
CA SER C 183 34.39 -20.78 -24.45
C SER C 183 33.24 -19.78 -24.12
N GLU C 184 33.59 -18.50 -24.01
CA GLU C 184 32.61 -17.44 -23.75
C GLU C 184 32.52 -16.50 -24.97
N LEU C 185 31.27 -16.23 -25.39
CA LEU C 185 30.93 -15.32 -26.47
C LEU C 185 30.58 -13.93 -25.94
N SER C 186 31.36 -12.93 -26.32
CA SER C 186 31.08 -11.55 -26.02
C SER C 186 30.66 -10.77 -27.30
N CYS C 187 30.01 -9.64 -27.07
CA CYS C 187 29.45 -8.80 -28.12
C CYS C 187 29.68 -7.34 -27.72
N GLN C 188 30.20 -6.54 -28.65
CA GLN C 188 30.23 -5.08 -28.47
C GLN C 188 29.37 -4.41 -29.53
N LEU C 189 28.51 -3.50 -29.09
CA LEU C 189 27.66 -2.72 -29.96
C LEU C 189 28.23 -1.31 -30.08
N TYR C 190 28.31 -0.82 -31.33
CA TYR C 190 28.56 0.58 -31.56
C TYR C 190 27.27 1.28 -31.85
N GLN C 191 26.76 2.01 -30.88
CA GLN C 191 25.50 2.74 -31.03
C GLN C 191 25.82 4.21 -31.22
N ARG C 192 25.54 4.73 -32.41
CA ARG C 192 25.91 6.10 -32.75
C ARG C 192 25.20 7.17 -31.94
N SER C 193 24.04 6.81 -31.41
CA SER C 193 23.09 7.78 -30.86
C SER C 193 22.23 7.02 -29.88
N GLY C 194 22.24 7.50 -28.64
CA GLY C 194 21.54 6.85 -27.54
C GLY C 194 20.64 7.77 -26.75
N ASP C 195 19.34 7.51 -26.86
CA ASP C 195 18.32 8.16 -26.03
C ASP C 195 18.38 7.43 -24.73
N MET C 196 19.04 8.02 -23.74
CA MET C 196 19.37 7.28 -22.54
C MET C 196 18.14 6.83 -21.73
N GLY C 197 17.11 7.67 -21.72
CA GLY C 197 15.88 7.33 -21.01
C GLY C 197 15.04 6.26 -21.68
N LEU C 198 14.74 6.47 -22.94
CA LEU C 198 13.86 5.62 -23.67
C LEU C 198 14.40 4.47 -24.52
N GLY C 199 15.52 4.69 -25.18
CA GLY C 199 16.11 3.71 -26.09
C GLY C 199 17.10 2.75 -25.46
N VAL C 200 18.07 3.30 -24.75
CA VAL C 200 19.22 2.55 -24.31
C VAL C 200 18.93 1.29 -23.49
N PRO C 201 17.99 1.35 -22.50
CA PRO C 201 17.67 0.11 -21.77
C PRO C 201 17.20 -1.03 -22.68
N PHE C 202 16.40 -0.66 -23.67
CA PHE C 202 15.86 -1.60 -24.65
C PHE C 202 17.00 -2.13 -25.52
N ASN C 203 17.86 -1.23 -25.97
CA ASN C 203 18.99 -1.60 -26.83
C ASN C 203 19.97 -2.57 -26.14
N ILE C 204 20.23 -2.33 -24.86
CA ILE C 204 21.06 -3.25 -24.06
C ILE C 204 20.46 -4.66 -24.09
N ALA C 205 19.18 -4.74 -23.81
CA ALA C 205 18.51 -6.02 -23.83
C ALA C 205 18.54 -6.69 -25.20
N SER C 206 18.36 -5.94 -26.27
CA SER C 206 18.36 -6.55 -27.64
C SER C 206 19.65 -7.26 -27.95
N TYR C 207 20.77 -6.59 -27.67
CA TYR C 207 22.06 -7.13 -28.04
C TYR C 207 22.53 -8.20 -27.04
N ALA C 208 22.16 -8.09 -25.77
CA ALA C 208 22.35 -9.20 -24.83
C ALA C 208 21.59 -10.46 -25.31
N LEU C 209 20.35 -10.26 -25.77
CA LEU C 209 19.52 -11.35 -26.30
C LEU C 209 20.18 -12.02 -27.52
N LEU C 210 20.65 -11.17 -28.45
CA LEU C 210 21.28 -11.67 -29.64
C LEU C 210 22.48 -12.53 -29.25
N THR C 211 23.24 -12.07 -28.25
CA THR C 211 24.40 -12.80 -27.79
C THR C 211 24.00 -14.15 -27.17
N TYR C 212 22.93 -14.16 -26.38
CA TYR C 212 22.41 -15.42 -25.84
C TYR C 212 22.02 -16.37 -26.95
N MET C 213 21.35 -15.84 -27.97
CA MET C 213 20.94 -16.66 -29.11
C MET C 213 22.11 -17.28 -29.84
N ILE C 214 23.11 -16.45 -30.20
CA ILE C 214 24.22 -16.96 -30.96
C ILE C 214 25.08 -17.92 -30.11
N ALA C 215 25.25 -17.63 -28.81
CA ALA C 215 25.96 -18.55 -27.89
C ALA C 215 25.26 -19.96 -27.83
N HIS C 216 23.94 -19.95 -27.78
CA HIS C 216 23.17 -21.20 -27.77
C HIS C 216 23.40 -22.01 -29.06
N ILE C 217 23.31 -21.36 -30.20
CA ILE C 217 23.56 -21.96 -31.51
C ILE C 217 24.99 -22.52 -31.63
N THR C 218 25.97 -21.86 -31.04
CA THR C 218 27.39 -22.20 -31.28
C THR C 218 27.99 -23.04 -30.17
N GLY C 219 27.20 -23.34 -29.14
CA GLY C 219 27.67 -24.14 -28.04
C GLY C 219 28.61 -23.41 -27.07
N LEU C 220 28.47 -22.08 -26.97
CA LEU C 220 29.29 -21.28 -26.10
C LEU C 220 28.46 -20.71 -24.94
N LYS C 221 29.13 -20.20 -23.92
CA LYS C 221 28.47 -19.50 -22.82
C LYS C 221 28.52 -18.00 -23.08
N PRO C 222 27.44 -17.29 -22.76
CA PRO C 222 27.48 -15.83 -22.85
C PRO C 222 28.55 -15.25 -21.90
N GLY C 223 29.26 -14.25 -22.42
CA GLY C 223 30.32 -13.57 -21.72
C GLY C 223 29.96 -12.19 -21.26
N ASP C 224 30.42 -11.18 -22.02
CA ASP C 224 30.06 -9.80 -21.77
C ASP C 224 29.33 -9.19 -22.95
N PHE C 225 28.48 -8.22 -22.64
CA PHE C 225 27.98 -7.26 -23.61
C PHE C 225 28.62 -5.91 -23.30
N ILE C 226 29.32 -5.35 -24.25
CA ILE C 226 29.97 -4.08 -24.12
C ILE C 226 29.17 -3.09 -24.95
N HIS C 227 28.68 -2.05 -24.29
CA HIS C 227 27.84 -1.05 -24.94
C HIS C 227 28.62 0.20 -25.13
N THR C 228 28.89 0.51 -26.42
CA THR C 228 29.60 1.73 -26.72
C THR C 228 28.66 2.74 -27.38
N LEU C 229 28.73 3.97 -26.88
CA LEU C 229 27.93 5.04 -27.41
C LEU C 229 28.72 6.14 -28.04
N GLY C 230 28.12 6.68 -29.10
CA GLY C 230 28.49 7.94 -29.69
C GLY C 230 27.86 9.10 -28.94
N ASP C 231 26.83 9.74 -29.51
CA ASP C 231 26.10 10.81 -28.84
C ASP C 231 25.17 10.18 -27.81
N ALA C 232 25.63 10.15 -26.56
CA ALA C 232 24.86 9.67 -25.41
C ALA C 232 24.10 10.86 -24.84
N HIS C 233 22.77 10.84 -24.90
CA HIS C 233 22.02 12.05 -24.57
C HIS C 233 20.75 11.80 -23.76
N ILE C 234 20.42 12.80 -22.92
CA ILE C 234 19.18 12.84 -22.13
C ILE C 234 18.34 13.97 -22.71
N TYR C 235 17.14 13.66 -23.14
CA TYR C 235 16.25 14.67 -23.64
C TYR C 235 15.84 15.54 -22.43
N LEU C 236 15.73 16.85 -22.64
CA LEU C 236 15.45 17.77 -21.51
C LEU C 236 14.18 17.40 -20.74
N ASN C 237 13.18 16.94 -21.45
CA ASN C 237 11.95 16.51 -20.84
C ASN C 237 12.05 15.15 -20.19
N HIS C 238 13.22 14.56 -20.16
CA HIS C 238 13.37 13.29 -19.47
C HIS C 238 14.14 13.52 -18.17
N ILE C 239 14.55 14.75 -17.92
CA ILE C 239 15.41 14.98 -16.75
C ILE C 239 14.74 14.61 -15.40
N GLU C 240 13.54 15.15 -15.17
CA GLU C 240 12.81 14.86 -13.93
C GLU C 240 12.42 13.38 -13.80
N PRO C 241 11.85 12.78 -14.87
CA PRO C 241 11.62 11.33 -14.77
C PRO C 241 12.89 10.52 -14.40
N LEU C 242 14.04 10.89 -14.98
CA LEU C 242 15.29 10.15 -14.74
C LEU C 242 15.77 10.36 -13.32
N LYS C 243 15.56 11.57 -12.79
CA LYS C 243 15.91 11.83 -11.39
C LYS C 243 15.06 10.98 -10.43
N ILE C 244 13.77 10.79 -10.77
CA ILE C 244 12.96 9.79 -10.04
C ILE C 244 13.62 8.40 -10.13
N GLN C 245 13.99 8.00 -11.35
CA GLN C 245 14.58 6.66 -11.52
C GLN C 245 15.84 6.47 -10.69
N LEU C 246 16.67 7.50 -10.67
CA LEU C 246 17.94 7.45 -9.93
C LEU C 246 17.80 7.28 -8.43
N GLN C 247 16.62 7.55 -7.87
CA GLN C 247 16.34 7.26 -6.45
C GLN C 247 16.18 5.76 -6.16
N ARG C 248 16.03 4.93 -7.21
CA ARG C 248 15.62 3.54 -6.99
C ARG C 248 16.83 2.66 -6.92
N GLU C 249 16.82 1.69 -6.02
CA GLU C 249 17.90 0.74 -5.92
C GLU C 249 17.60 -0.40 -6.90
N PRO C 250 18.60 -0.83 -7.70
CA PRO C 250 18.37 -1.97 -8.57
C PRO C 250 18.08 -3.24 -7.83
N ARG C 251 17.28 -4.09 -8.43
CA ARG C 251 17.06 -5.44 -7.94
C ARG C 251 17.97 -6.34 -8.73
N PRO C 252 18.35 -7.51 -8.17
CA PRO C 252 19.14 -8.45 -8.94
C PRO C 252 18.55 -8.74 -10.32
N PHE C 253 19.42 -8.78 -11.33
CA PHE C 253 19.00 -9.04 -12.69
C PHE C 253 18.28 -10.38 -12.79
N PRO C 254 17.35 -10.50 -13.74
CA PRO C 254 16.80 -11.81 -14.04
C PRO C 254 17.76 -12.73 -14.69
N LYS C 255 17.34 -13.95 -14.94
CA LYS C 255 17.99 -14.89 -15.83
C LYS C 255 17.12 -15.09 -17.07
N LEU C 256 17.76 -15.50 -18.16
CA LEU C 256 17.08 -15.81 -19.41
C LEU C 256 17.26 -17.28 -19.64
N ARG C 257 16.17 -18.01 -19.84
CA ARG C 257 16.20 -19.44 -20.16
C ARG C 257 15.76 -19.68 -21.58
N ILE C 258 16.47 -20.54 -22.25
CA ILE C 258 16.13 -20.99 -23.57
C ILE C 258 15.56 -22.38 -23.40
N LEU C 259 14.34 -22.59 -23.85
CA LEU C 259 13.55 -23.76 -23.42
C LEU C 259 13.68 -25.00 -24.24
N ARG C 260 14.45 -24.98 -25.33
CA ARG C 260 14.73 -26.19 -26.10
C ARG C 260 16.02 -26.01 -26.86
N LYS C 261 16.54 -27.13 -27.38
CA LYS C 261 17.73 -27.11 -28.21
C LYS C 261 17.34 -26.59 -29.60
N VAL C 262 17.98 -25.52 -30.05
CA VAL C 262 17.69 -24.93 -31.36
C VAL C 262 18.99 -24.96 -32.16
N GLU C 263 18.89 -25.37 -33.41
CA GLU C 263 20.01 -25.62 -34.29
C GLU C 263 20.42 -24.46 -35.17
N LYS C 264 19.45 -23.69 -35.64
CA LYS C 264 19.72 -22.61 -36.56
C LYS C 264 19.05 -21.36 -36.01
N ILE C 265 19.71 -20.23 -36.20
CA ILE C 265 19.20 -18.95 -35.67
C ILE C 265 17.79 -18.65 -36.20
N ASP C 266 17.49 -19.05 -37.44
CA ASP C 266 16.14 -18.82 -37.99
C ASP C 266 14.99 -19.58 -37.33
N ASP C 267 15.31 -20.64 -36.58
CA ASP C 267 14.30 -21.52 -35.94
C ASP C 267 13.85 -21.04 -34.56
N PHE C 268 14.52 -20.04 -33.97
CA PHE C 268 14.06 -19.49 -32.70
C PHE C 268 12.67 -18.91 -32.86
N LYS C 269 11.82 -19.14 -31.85
CA LYS C 269 10.50 -18.55 -31.77
C LYS C 269 10.36 -17.85 -30.42
N ALA C 270 9.41 -16.94 -30.30
CA ALA C 270 9.22 -16.19 -29.08
C ALA C 270 9.03 -17.09 -27.84
N GLU C 271 8.31 -18.18 -28.02
CA GLU C 271 7.98 -19.07 -26.87
C GLU C 271 9.16 -19.90 -26.42
N ASP C 272 10.27 -19.88 -27.17
CA ASP C 272 11.48 -20.55 -26.73
C ASP C 272 12.18 -19.84 -25.57
N PHE C 273 11.77 -18.61 -25.21
CA PHE C 273 12.50 -17.79 -24.26
C PHE C 273 11.69 -17.53 -23.04
N GLN C 274 12.32 -17.60 -21.86
CA GLN C 274 11.66 -17.27 -20.61
C GLN C 274 12.53 -16.41 -19.73
N ILE C 275 12.06 -15.25 -19.39
CA ILE C 275 12.74 -14.35 -18.45
C ILE C 275 12.31 -14.81 -17.06
N GLU C 276 13.27 -15.12 -16.22
CA GLU C 276 12.98 -15.66 -14.89
C GLU C 276 13.49 -14.74 -13.78
N GLY C 277 12.64 -14.44 -12.79
CA GLY C 277 13.01 -13.64 -11.62
C GLY C 277 13.16 -12.15 -11.95
N TYR C 278 12.34 -11.63 -12.88
CA TYR C 278 12.40 -10.21 -13.25
C TYR C 278 11.49 -9.43 -12.33
N ASN C 279 12.07 -8.53 -11.55
CA ASN C 279 11.33 -7.81 -10.51
C ASN C 279 11.59 -6.33 -10.66
N PRO C 280 11.11 -5.73 -11.76
CA PRO C 280 11.37 -4.31 -11.94
C PRO C 280 10.49 -3.37 -11.09
N HIS C 281 11.01 -2.21 -10.75
CA HIS C 281 10.22 -1.08 -10.30
C HIS C 281 9.29 -0.65 -11.46
N PRO C 282 8.24 0.13 -11.16
CA PRO C 282 7.29 0.50 -12.24
C PRO C 282 7.84 1.38 -13.38
N THR C 283 7.30 1.14 -14.59
CA THR C 283 7.45 2.03 -15.74
C THR C 283 7.36 3.49 -15.33
N ILE C 284 8.26 4.32 -15.86
CA ILE C 284 8.19 5.76 -15.69
C ILE C 284 7.94 6.32 -17.09
N LYS C 285 6.93 7.16 -17.19
CA LYS C 285 6.58 7.66 -18.49
C LYS C 285 7.54 8.68 -18.91
N MET C 286 8.01 8.52 -20.13
CA MET C 286 8.97 9.42 -20.72
C MET C 286 8.47 9.61 -22.13
N GLU C 287 8.32 10.85 -22.56
CA GLU C 287 7.80 11.10 -23.87
C GLU C 287 8.86 11.14 -24.91
N MET C 288 8.61 10.45 -26.00
CA MET C 288 9.55 10.43 -27.05
C MET C 288 9.62 11.71 -27.84
N ALA C 289 10.84 12.07 -28.18
CA ALA C 289 11.14 13.22 -28.99
C ALA C 289 10.66 13.05 -30.40
N VAL C 290 9.97 14.08 -30.80
CA VAL C 290 9.36 14.30 -32.07
C VAL C 290 10.39 14.37 -33.19
N PRO D 3 10.62 -25.70 27.15
CA PRO D 3 9.36 -25.79 26.37
C PRO D 3 9.18 -27.19 25.76
N PRO D 4 7.95 -27.73 25.76
CA PRO D 4 7.78 -29.06 25.19
C PRO D 4 8.15 -29.13 23.67
N HIS D 5 8.68 -30.28 23.28
CA HIS D 5 9.37 -30.45 22.01
C HIS D 5 9.10 -31.92 21.58
N GLY D 6 9.14 -32.06 20.25
CA GLY D 6 8.97 -33.35 19.61
C GLY D 6 7.62 -33.95 19.98
N GLU D 7 7.68 -35.15 20.54
CA GLU D 7 6.51 -35.94 20.77
C GLU D 7 5.63 -35.31 21.80
N LEU D 8 6.23 -34.51 22.71
CA LEU D 8 5.43 -33.85 23.73
C LEU D 8 4.43 -32.88 23.14
N GLN D 9 4.68 -32.37 21.94
CA GLN D 9 3.63 -31.58 21.24
C GLN D 9 2.39 -32.40 20.98
N TYR D 10 2.55 -33.58 20.41
CA TYR D 10 1.44 -34.47 20.12
C TYR D 10 0.73 -34.84 21.37
N LEU D 11 1.51 -35.23 22.40
CA LEU D 11 0.89 -35.66 23.67
C LEU D 11 0.20 -34.45 24.32
N GLY D 12 0.81 -33.27 24.21
CA GLY D 12 0.14 -32.06 24.68
C GLY D 12 -1.21 -31.80 24.00
N GLN D 13 -1.30 -32.14 22.70
CA GLN D 13 -2.57 -31.97 21.99
C GLN D 13 -3.64 -32.92 22.47
N ILE D 14 -3.25 -34.18 22.65
CA ILE D 14 -4.16 -35.18 23.22
C ILE D 14 -4.71 -34.65 24.59
N GLN D 15 -3.81 -34.19 25.43
CA GLN D 15 -4.20 -33.66 26.79
C GLN D 15 -5.16 -32.49 26.66
N HIS D 16 -4.87 -31.59 25.73
CA HIS D 16 -5.71 -30.43 25.52
C HIS D 16 -7.09 -30.83 25.06
N ILE D 17 -7.20 -31.79 24.14
CA ILE D 17 -8.52 -32.21 23.68
C ILE D 17 -9.31 -32.94 24.80
N LEU D 18 -8.64 -33.79 25.56
CA LEU D 18 -9.28 -34.45 26.70
C LEU D 18 -9.79 -33.40 27.70
N ARG D 19 -9.01 -32.38 27.97
CA ARG D 19 -9.38 -31.36 28.96
C ARG D 19 -10.36 -30.28 28.44
N CYS D 20 -10.16 -29.80 27.19
CA CYS D 20 -10.97 -28.71 26.61
C CYS D 20 -11.83 -29.07 25.40
N GLY D 21 -11.72 -30.30 24.91
CA GLY D 21 -12.51 -30.72 23.75
C GLY D 21 -13.96 -30.75 24.10
N VAL D 22 -14.80 -30.49 23.11
CA VAL D 22 -16.24 -30.51 23.28
C VAL D 22 -16.83 -31.73 22.61
N ARG D 23 -17.89 -32.28 23.17
CA ARG D 23 -18.56 -33.44 22.60
C ARG D 23 -19.15 -33.07 21.27
N LYS D 24 -18.86 -33.87 20.24
CA LYS D 24 -19.30 -33.54 18.87
C LYS D 24 -19.55 -34.85 18.15
N ASP D 25 -20.76 -34.97 17.61
CA ASP D 25 -21.19 -36.12 16.84
C ASP D 25 -20.47 -36.17 15.50
N ASP D 26 -20.43 -37.35 14.91
CA ASP D 26 -19.83 -37.54 13.62
C ASP D 26 -20.67 -38.53 12.82
N ARG D 27 -20.39 -38.58 11.51
CA ARG D 27 -21.01 -39.51 10.54
C ARG D 27 -21.17 -40.95 11.00
N THR D 28 -20.17 -41.45 11.73
CA THR D 28 -20.14 -42.84 12.18
C THR D 28 -21.02 -43.14 13.39
N GLY D 29 -21.51 -42.12 14.09
CA GLY D 29 -22.21 -42.33 15.36
C GLY D 29 -21.31 -42.72 16.54
N THR D 30 -19.98 -42.66 16.35
CA THR D 30 -19.07 -43.00 17.43
C THR D 30 -19.02 -41.87 18.47
N GLY D 31 -19.02 -40.62 17.99
CA GLY D 31 -18.89 -39.46 18.88
C GLY D 31 -17.41 -39.15 19.08
N THR D 32 -17.12 -37.88 19.33
CA THR D 32 -15.78 -37.40 19.56
C THR D 32 -15.76 -36.32 20.59
N LEU D 33 -14.59 -36.09 21.18
CA LEU D 33 -14.23 -34.85 21.79
C LEU D 33 -13.40 -34.09 20.72
N SER D 34 -13.74 -32.82 20.51
CA SER D 34 -13.28 -32.05 19.35
C SER D 34 -12.82 -30.64 19.75
N VAL D 35 -11.69 -30.20 19.18
CA VAL D 35 -11.20 -28.81 19.21
C VAL D 35 -11.02 -28.41 17.74
N PHE D 36 -11.45 -27.19 17.37
CA PHE D 36 -11.27 -26.66 16.03
C PHE D 36 -10.09 -25.71 16.05
N GLY D 37 -9.06 -26.02 15.27
CA GLY D 37 -7.85 -25.22 15.16
C GLY D 37 -6.76 -25.60 16.16
N MET D 38 -5.76 -26.34 15.74
CA MET D 38 -4.55 -26.59 16.54
C MET D 38 -3.36 -26.51 15.65
N GLN D 39 -2.19 -26.41 16.27
CA GLN D 39 -0.93 -26.32 15.56
C GLN D 39 0.21 -26.87 16.41
N ALA D 40 1.04 -27.73 15.84
CA ALA D 40 2.21 -28.27 16.52
C ALA D 40 3.40 -28.13 15.59
N ARG D 41 4.60 -28.00 16.16
CA ARG D 41 5.83 -27.86 15.40
C ARG D 41 6.75 -29.03 15.74
N TYR D 42 7.25 -29.77 14.76
CA TYR D 42 8.13 -30.91 14.96
C TYR D 42 9.43 -30.62 14.27
N SER D 43 10.54 -30.54 15.02
CA SER D 43 11.83 -30.35 14.43
C SER D 43 12.18 -31.59 13.62
N LEU D 44 12.80 -31.38 12.47
CA LEU D 44 13.27 -32.46 11.61
C LEU D 44 14.83 -32.52 11.59
N ARG D 45 15.45 -31.77 12.51
CA ARG D 45 16.89 -31.50 12.44
C ARG D 45 17.56 -32.64 13.18
N ASP D 46 18.14 -33.56 12.44
CA ASP D 46 18.83 -34.72 13.01
C ASP D 46 17.91 -35.66 13.80
N GLU D 47 16.61 -35.66 13.52
CA GLU D 47 15.67 -36.57 14.10
C GLU D 47 14.45 -36.66 13.20
N PHE D 48 13.74 -37.77 13.28
CA PHE D 48 12.57 -38.03 12.44
C PHE D 48 11.40 -38.34 13.40
N PRO D 49 10.29 -37.58 13.29
CA PRO D 49 9.18 -37.67 14.23
C PRO D 49 8.21 -38.84 14.05
N LEU D 50 8.75 -40.05 14.22
CA LEU D 50 7.98 -41.26 14.26
C LEU D 50 7.73 -41.56 15.72
N LEU D 51 6.47 -41.51 16.13
CA LEU D 51 6.17 -41.56 17.56
C LEU D 51 6.63 -42.83 18.27
N THR D 52 7.12 -42.63 19.50
CA THR D 52 7.62 -43.71 20.35
C THR D 52 6.67 -44.16 21.43
N THR D 53 5.63 -43.38 21.80
CA THR D 53 4.71 -43.86 22.83
C THR D 53 3.73 -44.92 22.34
N LYS D 54 3.64 -45.08 21.04
CA LYS D 54 3.04 -46.28 20.45
C LYS D 54 3.63 -46.50 19.06
N ARG D 55 3.82 -47.74 18.64
CA ARG D 55 4.45 -48.03 17.36
C ARG D 55 3.59 -47.50 16.21
N VAL D 56 4.19 -46.78 15.29
CA VAL D 56 3.53 -46.25 14.13
C VAL D 56 3.82 -47.19 12.94
N PHE D 57 2.85 -47.31 12.04
CA PHE D 57 2.94 -48.17 10.86
C PHE D 57 3.79 -47.55 9.76
N TRP D 58 5.10 -47.55 9.99
CA TRP D 58 6.08 -46.97 9.13
C TRP D 58 6.04 -47.57 7.71
N LYS D 59 5.88 -48.88 7.61
CA LYS D 59 5.79 -49.48 6.29
C LYS D 59 4.65 -48.84 5.48
N GLY D 60 3.49 -48.68 6.13
CA GLY D 60 2.34 -48.03 5.53
C GLY D 60 2.64 -46.58 5.09
N VAL D 61 3.30 -45.82 5.98
CA VAL D 61 3.68 -44.43 5.68
C VAL D 61 4.52 -44.36 4.36
N LEU D 62 5.57 -45.17 4.31
CA LEU D 62 6.52 -45.13 3.25
C LEU D 62 5.91 -45.62 1.92
N GLU D 63 5.23 -46.76 1.93
CA GLU D 63 4.60 -47.27 0.70
C GLU D 63 3.47 -46.35 0.19
N GLU D 64 2.66 -45.83 1.11
CA GLU D 64 1.60 -44.88 0.70
C GLU D 64 2.22 -43.66 0.04
N LEU D 65 3.28 -43.13 0.61
CA LEU D 65 3.86 -41.93 0.05
C LEU D 65 4.45 -42.17 -1.36
N LEU D 66 5.13 -43.29 -1.53
CA LEU D 66 5.68 -43.63 -2.83
C LEU D 66 4.54 -43.81 -3.85
N TRP D 67 3.42 -44.35 -3.40
CA TRP D 67 2.25 -44.53 -4.24
C TRP D 67 1.63 -43.18 -4.70
N PHE D 68 1.58 -42.21 -3.79
CA PHE D 68 1.15 -40.87 -4.05
C PHE D 68 2.09 -40.24 -5.13
N ILE D 69 3.40 -40.35 -4.89
CA ILE D 69 4.39 -39.74 -5.77
C ILE D 69 4.29 -40.26 -7.22
N LYS D 70 4.01 -41.55 -7.40
CA LYS D 70 3.86 -42.10 -8.74
C LYS D 70 2.54 -41.72 -9.37
N GLY D 71 1.68 -41.03 -8.64
CA GLY D 71 0.44 -40.56 -9.18
C GLY D 71 -0.67 -41.57 -9.18
N SER D 72 -0.52 -42.66 -8.45
CA SER D 72 -1.50 -43.71 -8.52
C SER D 72 -2.77 -43.34 -7.77
N THR D 73 -3.89 -43.82 -8.26
CA THR D 73 -5.18 -43.72 -7.62
C THR D 73 -5.82 -45.12 -7.50
N ASN D 74 -4.99 -46.15 -7.59
CA ASN D 74 -5.40 -47.54 -7.61
C ASN D 74 -5.05 -48.21 -6.27
N ALA D 75 -6.08 -48.47 -5.45
CA ALA D 75 -5.91 -49.06 -4.14
C ALA D 75 -5.24 -50.42 -4.21
N LYS D 76 -5.53 -51.18 -5.30
CA LYS D 76 -4.94 -52.49 -5.50
C LYS D 76 -3.42 -52.45 -5.58
N GLU D 77 -2.89 -51.39 -6.16
CA GLU D 77 -1.47 -51.22 -6.32
C GLU D 77 -0.72 -50.95 -4.95
N LEU D 78 -1.38 -50.26 -4.05
CA LEU D 78 -0.89 -50.05 -2.71
C LEU D 78 -1.06 -51.37 -1.91
N SER D 79 -2.22 -51.99 -2.03
CA SER D 79 -2.55 -53.28 -1.38
C SER D 79 -1.53 -54.39 -1.71
N SER D 80 -1.02 -54.33 -2.94
CA SER D 80 -0.08 -55.33 -3.41
C SER D 80 1.22 -55.28 -2.62
N LYS D 81 1.50 -54.12 -2.04
CA LYS D 81 2.67 -53.92 -1.17
C LYS D 81 2.42 -54.26 0.29
N GLY D 82 1.30 -54.90 0.62
CA GLY D 82 0.99 -55.25 2.00
C GLY D 82 0.38 -54.12 2.86
N VAL D 83 -0.08 -53.04 2.20
CA VAL D 83 -0.61 -51.84 2.87
C VAL D 83 -2.05 -51.69 2.45
N LYS D 84 -2.96 -52.00 3.37
CA LYS D 84 -4.38 -52.21 3.06
C LYS D 84 -5.27 -50.99 3.39
N ILE D 85 -4.65 -49.86 3.72
CA ILE D 85 -5.38 -48.74 4.33
C ILE D 85 -6.41 -48.07 3.40
N TRP D 86 -6.27 -48.23 2.10
CA TRP D 86 -7.24 -47.67 1.16
C TRP D 86 -8.21 -48.72 0.57
N ASP D 87 -8.08 -49.97 0.95
CA ASP D 87 -8.82 -51.04 0.28
C ASP D 87 -10.34 -50.99 0.49
N ALA D 88 -10.77 -50.73 1.70
CA ALA D 88 -12.18 -50.55 1.99
C ALA D 88 -12.81 -49.43 1.14
N ASN D 89 -12.07 -48.37 0.85
CA ASN D 89 -12.61 -47.25 0.07
C ASN D 89 -12.62 -47.50 -1.42
N GLY D 90 -11.99 -48.57 -1.87
CA GLY D 90 -12.01 -48.98 -3.27
C GLY D 90 -12.88 -50.19 -3.54
N SER D 91 -13.51 -50.75 -2.51
CA SER D 91 -14.31 -51.97 -2.67
C SER D 91 -15.53 -51.73 -3.54
N ARG D 92 -16.06 -52.79 -4.12
CA ARG D 92 -17.24 -52.73 -4.95
C ARG D 92 -18.37 -52.11 -4.17
N ASP D 93 -18.55 -52.57 -2.94
CA ASP D 93 -19.67 -52.07 -2.15
C ASP D 93 -19.56 -50.58 -1.85
N PHE D 94 -18.37 -50.13 -1.45
CA PHE D 94 -18.18 -48.71 -1.13
C PHE D 94 -18.34 -47.79 -2.37
N LEU D 95 -17.74 -48.20 -3.48
CA LEU D 95 -17.91 -47.48 -4.73
C LEU D 95 -19.39 -47.38 -5.15
N ASP D 96 -20.11 -48.48 -5.07
CA ASP D 96 -21.57 -48.49 -5.36
C ASP D 96 -22.34 -47.59 -4.39
N SER D 97 -21.98 -47.62 -3.12
CA SER D 97 -22.60 -46.73 -2.13
C SER D 97 -22.50 -45.23 -2.47
N LEU D 98 -21.48 -44.85 -3.26
CA LEU D 98 -21.27 -43.48 -3.73
C LEU D 98 -21.86 -43.23 -5.11
N GLY D 99 -22.52 -44.23 -5.70
CA GLY D 99 -23.06 -44.08 -7.02
C GLY D 99 -22.09 -44.39 -8.11
N PHE D 100 -20.93 -44.98 -7.80
CA PHE D 100 -19.90 -45.25 -8.82
C PHE D 100 -20.02 -46.71 -9.29
N SER D 101 -21.22 -47.11 -9.71
CA SER D 101 -21.43 -48.51 -10.12
C SER D 101 -20.64 -48.90 -11.38
N THR D 102 -20.27 -47.95 -12.22
CA THR D 102 -19.57 -48.32 -13.45
C THR D 102 -18.05 -48.40 -13.21
N ARG D 103 -17.60 -47.97 -12.04
CA ARG D 103 -16.19 -47.89 -11.77
C ARG D 103 -15.59 -49.23 -11.36
N GLU D 104 -14.41 -49.53 -11.85
CA GLU D 104 -13.65 -50.72 -11.48
C GLU D 104 -13.25 -50.75 -9.99
N GLU D 105 -13.27 -51.92 -9.39
CA GLU D 105 -12.85 -52.07 -8.03
C GLU D 105 -11.38 -51.59 -7.87
N GLY D 106 -11.11 -50.90 -6.78
CA GLY D 106 -9.80 -50.26 -6.58
C GLY D 106 -9.65 -48.80 -7.04
N ASP D 107 -10.53 -48.34 -7.92
CA ASP D 107 -10.41 -47.03 -8.51
C ASP D 107 -10.99 -45.98 -7.55
N LEU D 108 -10.08 -45.34 -6.86
CA LEU D 108 -10.40 -44.35 -5.86
C LEU D 108 -10.87 -43.00 -6.41
N GLY D 109 -10.77 -42.84 -7.71
CA GLY D 109 -11.08 -41.58 -8.36
C GLY D 109 -9.91 -40.62 -8.28
N PRO D 110 -10.10 -39.34 -8.59
CA PRO D 110 -8.99 -38.41 -8.60
C PRO D 110 -8.56 -37.92 -7.21
N VAL D 111 -7.98 -38.81 -6.42
CA VAL D 111 -7.47 -38.51 -5.12
C VAL D 111 -6.01 -38.00 -5.20
N TYR D 112 -5.35 -37.95 -4.04
CA TYR D 112 -4.00 -37.45 -3.87
C TYR D 112 -3.01 -37.58 -5.02
N GLY D 113 -2.76 -38.78 -5.47
CA GLY D 113 -1.83 -39.00 -6.53
C GLY D 113 -2.17 -38.21 -7.78
N PHE D 114 -3.41 -38.25 -8.18
CA PHE D 114 -3.83 -37.52 -9.34
C PHE D 114 -3.69 -36.01 -9.18
N GLN D 115 -4.19 -35.48 -8.08
CA GLN D 115 -4.12 -34.08 -7.79
C GLN D 115 -2.66 -33.55 -7.72
N TRP D 116 -1.79 -34.32 -7.12
CA TRP D 116 -0.41 -33.94 -6.94
C TRP D 116 0.37 -33.82 -8.24
N ARG D 117 0.13 -34.73 -9.15
CA ARG D 117 0.86 -34.79 -10.41
C ARG D 117 0.11 -34.28 -11.63
N HIS D 118 -1.23 -34.15 -11.55
CA HIS D 118 -2.12 -33.83 -12.72
C HIS D 118 -3.31 -32.93 -12.40
N PHE D 119 -3.14 -32.00 -11.46
CA PHE D 119 -4.23 -31.15 -11.02
C PHE D 119 -4.87 -30.46 -12.23
N GLY D 120 -6.16 -30.63 -12.34
CA GLY D 120 -6.92 -29.99 -13.40
C GLY D 120 -7.10 -30.80 -14.67
N ALA D 121 -6.44 -31.93 -14.81
CA ALA D 121 -6.67 -32.83 -15.92
C ALA D 121 -8.02 -33.46 -15.75
N GLU D 122 -8.53 -34.02 -16.82
CA GLU D 122 -9.81 -34.71 -16.79
C GLU D 122 -9.59 -36.15 -16.35
N TYR D 123 -10.18 -36.55 -15.24
CA TYR D 123 -10.02 -37.89 -14.78
C TYR D 123 -10.88 -38.88 -15.57
N ARG D 124 -10.33 -40.02 -15.94
CA ARG D 124 -11.06 -41.09 -16.63
C ARG D 124 -11.11 -42.31 -15.74
N ASP D 125 -10.06 -43.10 -15.68
CA ASP D 125 -9.98 -44.15 -14.67
C ASP D 125 -8.56 -44.30 -14.17
N MET D 126 -8.39 -45.21 -13.21
CA MET D 126 -7.11 -45.40 -12.55
C MET D 126 -6.02 -45.98 -13.45
N GLU D 127 -6.41 -46.56 -14.58
CA GLU D 127 -5.43 -47.12 -15.53
C GLU D 127 -5.03 -46.16 -16.66
N SER D 128 -5.65 -44.98 -16.77
CA SER D 128 -5.39 -44.10 -17.92
C SER D 128 -4.01 -43.44 -17.86
N ASP D 129 -3.53 -43.03 -19.01
CA ASP D 129 -2.26 -42.35 -19.16
C ASP D 129 -2.59 -40.86 -19.03
N TYR D 130 -2.03 -40.19 -18.03
CA TYR D 130 -2.18 -38.76 -17.83
C TYR D 130 -0.93 -37.97 -18.11
N SER D 131 0.07 -38.56 -18.78
CA SER D 131 1.38 -37.89 -19.00
C SER D 131 1.21 -36.57 -19.66
N GLY D 132 1.87 -35.55 -19.12
CA GLY D 132 1.70 -34.22 -19.67
C GLY D 132 0.39 -33.53 -19.39
N GLN D 133 -0.56 -34.16 -18.69
CA GLN D 133 -1.87 -33.52 -18.47
C GLN D 133 -1.93 -32.93 -17.08
N GLY D 134 -2.46 -31.70 -17.00
CA GLY D 134 -2.71 -31.02 -15.72
C GLY D 134 -1.45 -30.46 -15.14
N VAL D 135 -1.55 -29.90 -13.94
CA VAL D 135 -0.41 -29.29 -13.29
C VAL D 135 0.33 -30.29 -12.42
N ASP D 136 1.61 -30.45 -12.71
CA ASP D 136 2.46 -31.31 -11.88
C ASP D 136 2.93 -30.51 -10.67
N GLN D 137 2.11 -30.48 -9.64
CA GLN D 137 2.42 -29.60 -8.51
C GLN D 137 3.69 -30.04 -7.79
N LEU D 138 3.91 -31.34 -7.68
CA LEU D 138 5.03 -31.85 -6.96
C LEU D 138 6.35 -31.42 -7.62
N GLN D 139 6.46 -31.60 -8.93
CA GLN D 139 7.67 -31.18 -9.63
C GLN D 139 7.79 -29.66 -9.63
N ARG D 140 6.67 -28.91 -9.72
CA ARG D 140 6.78 -27.47 -9.66
C ARG D 140 7.25 -26.98 -8.28
N VAL D 141 6.80 -27.60 -7.19
CA VAL D 141 7.36 -27.32 -5.86
C VAL D 141 8.88 -27.49 -5.83
N ILE D 142 9.35 -28.63 -6.31
CA ILE D 142 10.79 -28.92 -6.36
C ILE D 142 11.57 -27.89 -7.18
N ASP D 143 11.06 -27.55 -8.38
CA ASP D 143 11.70 -26.56 -9.28
C ASP D 143 11.77 -25.19 -8.63
N THR D 144 10.69 -24.77 -7.97
CA THR D 144 10.65 -23.47 -7.26
C THR D 144 11.63 -23.43 -6.12
N ILE D 145 11.71 -24.49 -5.33
CA ILE D 145 12.68 -24.52 -4.23
C ILE D 145 14.12 -24.32 -4.76
N LYS D 146 14.43 -25.00 -5.85
CA LYS D 146 15.74 -24.86 -6.50
C LYS D 146 15.98 -23.48 -7.08
N THR D 147 15.04 -22.89 -7.80
CA THR D 147 15.29 -21.62 -8.46
C THR D 147 14.91 -20.38 -7.67
N ASN D 148 13.94 -20.47 -6.77
CA ASN D 148 13.50 -19.30 -6.06
C ASN D 148 13.07 -19.67 -4.63
N PRO D 149 14.05 -19.99 -3.76
CA PRO D 149 13.73 -20.51 -2.44
C PRO D 149 12.98 -19.55 -1.53
N ASP D 150 13.06 -18.24 -1.79
CA ASP D 150 12.32 -17.25 -0.96
C ASP D 150 10.81 -17.24 -1.24
N ASP D 151 10.39 -17.92 -2.31
CA ASP D 151 9.01 -17.86 -2.78
C ASP D 151 8.02 -18.27 -1.67
N ARG D 152 6.99 -17.45 -1.52
CA ARG D 152 5.98 -17.67 -0.49
C ARG D 152 4.70 -18.31 -1.01
N ARG D 153 4.78 -18.94 -2.20
CA ARG D 153 3.68 -19.63 -2.87
C ARG D 153 4.04 -21.08 -3.20
N ILE D 154 4.92 -21.70 -2.41
CA ILE D 154 5.35 -23.04 -2.71
C ILE D 154 4.33 -24.01 -2.14
N ILE D 155 3.29 -24.28 -2.91
CA ILE D 155 2.09 -24.97 -2.42
C ILE D 155 1.78 -26.20 -3.24
N MET D 156 1.38 -27.25 -2.56
CA MET D 156 0.78 -28.42 -3.22
C MET D 156 -0.60 -28.66 -2.60
N CYS D 157 -1.64 -28.58 -3.42
CA CYS D 157 -3.02 -28.66 -2.97
C CYS D 157 -3.73 -29.89 -3.53
N ALA D 158 -4.29 -30.70 -2.68
CA ALA D 158 -5.07 -31.87 -3.08
C ALA D 158 -6.58 -31.58 -3.09
N TRP D 159 -6.98 -30.47 -2.50
CA TRP D 159 -8.41 -30.10 -2.41
C TRP D 159 -8.78 -29.53 -3.76
N ASN D 160 -9.62 -30.23 -4.50
CA ASN D 160 -10.00 -29.80 -5.83
C ASN D 160 -11.51 -29.87 -5.87
N PRO D 161 -12.18 -28.74 -5.63
CA PRO D 161 -13.66 -28.74 -5.59
C PRO D 161 -14.35 -29.30 -6.85
N ARG D 162 -13.76 -29.11 -8.01
CA ARG D 162 -14.33 -29.68 -9.23
C ARG D 162 -14.36 -31.21 -9.22
N ASP D 163 -13.29 -31.81 -8.73
CA ASP D 163 -13.10 -33.23 -8.66
C ASP D 163 -13.64 -33.94 -7.43
N LEU D 164 -14.01 -33.20 -6.37
CA LEU D 164 -14.52 -33.85 -5.14
C LEU D 164 -15.62 -34.89 -5.36
N PRO D 165 -16.63 -34.60 -6.19
CA PRO D 165 -17.72 -35.60 -6.33
C PRO D 165 -17.26 -36.95 -6.91
N LEU D 166 -16.14 -37.00 -7.60
CA LEU D 166 -15.62 -38.23 -8.16
C LEU D 166 -14.69 -39.00 -7.22
N MET D 167 -14.22 -38.35 -6.17
CA MET D 167 -13.32 -38.98 -5.24
C MET D 167 -13.99 -39.97 -4.34
N ALA D 168 -13.26 -41.00 -3.96
CA ALA D 168 -13.78 -41.98 -3.02
C ALA D 168 -13.95 -41.36 -1.62
N LEU D 169 -13.08 -40.44 -1.26
CA LEU D 169 -13.10 -39.71 -0.02
C LEU D 169 -12.53 -38.31 -0.25
N PRO D 170 -13.13 -37.28 0.36
CA PRO D 170 -12.50 -35.97 0.24
C PRO D 170 -11.17 -35.96 0.99
N PRO D 171 -10.12 -35.44 0.39
CA PRO D 171 -8.83 -35.43 1.06
C PRO D 171 -8.84 -34.75 2.42
N CYS D 172 -8.16 -35.39 3.37
CA CYS D 172 -7.94 -34.84 4.69
C CYS D 172 -6.80 -33.84 4.68
N HIS D 173 -5.77 -34.10 3.91
CA HIS D 173 -4.63 -33.23 3.78
C HIS D 173 -4.90 -32.40 2.59
N ALA D 174 -5.47 -31.29 2.91
CA ALA D 174 -6.03 -30.42 1.89
C ALA D 174 -4.92 -29.78 1.14
N LEU D 175 -3.89 -29.35 1.86
CA LEU D 175 -2.77 -28.69 1.23
C LEU D 175 -1.54 -28.65 2.12
N CYS D 176 -0.44 -28.45 1.46
CA CYS D 176 0.81 -28.19 2.14
C CYS D 176 1.59 -27.13 1.47
N GLN D 177 2.44 -26.48 2.27
CA GLN D 177 3.27 -25.36 1.85
C GLN D 177 4.70 -25.60 2.33
N PHE D 178 5.65 -25.27 1.47
CA PHE D 178 7.07 -25.40 1.81
C PHE D 178 7.67 -24.01 1.97
N TYR D 179 8.76 -23.96 2.69
CA TYR D 179 9.44 -22.72 3.05
C TYR D 179 10.93 -23.00 3.19
N VAL D 180 11.74 -22.06 2.71
CA VAL D 180 13.18 -22.20 2.79
C VAL D 180 13.77 -20.95 3.41
N VAL D 181 14.61 -21.17 4.41
CA VAL D 181 15.50 -20.10 4.93
C VAL D 181 16.73 -20.77 5.53
N ASN D 182 17.91 -20.12 5.38
CA ASN D 182 19.17 -20.62 5.97
C ASN D 182 19.47 -22.04 5.58
N SER D 183 19.22 -22.38 4.33
CA SER D 183 19.42 -23.73 3.77
C SER D 183 18.58 -24.86 4.43
N GLU D 184 17.49 -24.49 5.10
CA GLU D 184 16.58 -25.44 5.72
C GLU D 184 15.20 -25.41 5.02
N LEU D 185 14.69 -26.60 4.73
CA LEU D 185 13.35 -26.80 4.15
C LEU D 185 12.34 -27.12 5.22
N SER D 186 11.34 -26.26 5.37
CA SER D 186 10.20 -26.55 6.26
C SER D 186 8.92 -26.80 5.43
N CYS D 187 7.96 -27.47 6.07
CA CYS D 187 6.70 -27.88 5.47
C CYS D 187 5.59 -27.67 6.48
N GLN D 188 4.49 -27.05 6.06
CA GLN D 188 3.28 -26.94 6.88
C GLN D 188 2.13 -27.66 6.17
N LEU D 189 1.47 -28.56 6.90
CA LEU D 189 0.32 -29.28 6.42
C LEU D 189 -0.95 -28.68 6.98
N TYR D 190 -1.94 -28.44 6.13
CA TYR D 190 -3.28 -28.10 6.57
C TYR D 190 -4.12 -29.36 6.51
N GLN D 191 -4.36 -29.96 7.64
CA GLN D 191 -5.19 -31.16 7.75
C GLN D 191 -6.55 -30.79 8.27
N ARG D 192 -7.56 -30.93 7.44
CA ARG D 192 -8.91 -30.48 7.78
C ARG D 192 -9.56 -31.27 8.91
N SER D 193 -9.09 -32.48 9.13
CA SER D 193 -9.75 -33.41 10.02
C SER D 193 -8.71 -34.41 10.47
N GLY D 194 -8.57 -34.52 11.78
CA GLY D 194 -7.56 -35.35 12.41
C GLY D 194 -8.07 -36.31 13.45
N ASP D 195 -8.01 -37.61 13.14
CA ASP D 195 -8.27 -38.68 14.10
C ASP D 195 -7.03 -38.78 14.91
N MET D 196 -7.03 -38.18 16.10
CA MET D 196 -5.81 -38.01 16.85
C MET D 196 -5.14 -39.32 17.25
N GLY D 197 -5.96 -40.32 17.60
CA GLY D 197 -5.43 -41.64 17.99
C GLY D 197 -4.87 -42.44 16.81
N LEU D 198 -5.61 -42.56 15.74
CA LEU D 198 -5.28 -43.50 14.64
C LEU D 198 -4.63 -42.88 13.42
N GLY D 199 -5.04 -41.68 13.02
CA GLY D 199 -4.56 -41.04 11.81
C GLY D 199 -3.32 -40.16 12.02
N VAL D 200 -3.40 -39.26 12.98
CA VAL D 200 -2.45 -38.19 13.11
C VAL D 200 -0.99 -38.63 13.26
N PRO D 201 -0.68 -39.65 14.08
CA PRO D 201 0.74 -40.11 14.15
C PRO D 201 1.30 -40.53 12.78
N PHE D 202 0.46 -41.18 12.01
CA PHE D 202 0.81 -41.64 10.67
C PHE D 202 0.99 -40.42 9.76
N ASN D 203 0.03 -39.48 9.82
CA ASN D 203 0.07 -38.28 8.99
C ASN D 203 1.33 -37.42 9.25
N ILE D 204 1.71 -37.29 10.52
CA ILE D 204 2.95 -36.57 10.86
C ILE D 204 4.15 -37.20 10.16
N ALA D 205 4.25 -38.53 10.28
CA ALA D 205 5.34 -39.22 9.64
C ALA D 205 5.32 -39.06 8.10
N SER D 206 4.16 -39.09 7.47
CA SER D 206 4.09 -38.95 5.99
C SER D 206 4.68 -37.66 5.50
N TYR D 207 4.29 -36.57 6.13
CA TYR D 207 4.73 -35.25 5.68
C TYR D 207 6.14 -34.93 6.12
N ALA D 208 6.58 -35.44 7.26
CA ALA D 208 8.01 -35.39 7.60
C ALA D 208 8.86 -36.12 6.57
N LEU D 209 8.39 -37.29 6.14
CA LEU D 209 9.06 -38.07 5.10
C LEU D 209 9.16 -37.30 3.77
N LEU D 210 8.04 -36.72 3.38
CA LEU D 210 8.00 -35.96 2.15
C LEU D 210 9.00 -34.85 2.22
N THR D 211 9.09 -34.18 3.38
CA THR D 211 10.04 -33.09 3.57
C THR D 211 11.50 -33.59 3.48
N TYR D 212 11.77 -34.74 4.06
CA TYR D 212 13.11 -35.36 3.93
C TYR D 212 13.42 -35.63 2.48
N MET D 213 12.44 -36.16 1.74
CA MET D 213 12.62 -36.47 0.32
C MET D 213 12.94 -35.24 -0.49
N ILE D 214 12.12 -34.20 -0.33
CA ILE D 214 12.31 -33.00 -1.14
C ILE D 214 13.60 -32.27 -0.75
N ALA D 215 13.94 -32.25 0.55
CA ALA D 215 15.23 -31.67 1.00
C ALA D 215 16.45 -32.40 0.36
N HIS D 216 16.36 -33.71 0.28
CA HIS D 216 17.41 -34.53 -0.33
C HIS D 216 17.60 -34.18 -1.83
N ILE D 217 16.49 -34.12 -2.55
CA ILE D 217 16.45 -33.73 -3.97
C ILE D 217 17.01 -32.34 -4.20
N THR D 218 16.77 -31.40 -3.29
CA THR D 218 17.08 -29.98 -3.53
C THR D 218 18.38 -29.55 -2.88
N GLY D 219 19.04 -30.45 -2.17
CA GLY D 219 20.28 -30.14 -1.51
C GLY D 219 20.12 -29.29 -0.24
N LEU D 220 18.97 -29.38 0.45
CA LEU D 220 18.72 -28.63 1.65
C LEU D 220 18.63 -29.56 2.87
N LYS D 221 18.67 -28.98 4.05
CA LYS D 221 18.54 -29.73 5.30
C LYS D 221 17.09 -29.64 5.78
N PRO D 222 16.50 -30.72 6.27
CA PRO D 222 15.17 -30.61 6.86
C PRO D 222 15.14 -29.65 8.05
N GLY D 223 14.07 -28.86 8.10
CA GLY D 223 13.86 -27.84 9.09
C GLY D 223 12.80 -28.23 10.10
N ASP D 224 11.63 -27.64 9.92
CA ASP D 224 10.48 -27.99 10.75
C ASP D 224 9.35 -28.57 9.90
N PHE D 225 8.55 -29.42 10.55
CA PHE D 225 7.22 -29.77 10.07
C PHE D 225 6.21 -29.11 10.99
N ILE D 226 5.34 -28.31 10.42
CA ILE D 226 4.29 -27.64 11.16
C ILE D 226 2.99 -28.32 10.80
N HIS D 227 2.32 -28.86 11.82
CA HIS D 227 1.08 -29.61 11.62
C HIS D 227 -0.07 -28.75 12.06
N THR D 228 -0.90 -28.34 11.10
CA THR D 228 -2.07 -27.56 11.41
C THR D 228 -3.31 -28.38 11.21
N LEU D 229 -4.19 -28.34 12.20
CA LEU D 229 -5.44 -29.06 12.18
C LEU D 229 -6.65 -28.19 12.18
N GLY D 230 -7.65 -28.64 11.42
CA GLY D 230 -9.00 -28.19 11.50
C GLY D 230 -9.74 -28.88 12.65
N ASP D 231 -10.63 -29.83 12.35
CA ASP D 231 -11.32 -30.59 13.39
C ASP D 231 -10.35 -31.63 13.97
N ALA D 232 -9.72 -31.30 15.08
CA ALA D 232 -8.83 -32.17 15.83
C ALA D 232 -9.67 -32.95 16.83
N HIS D 233 -9.77 -34.26 16.66
CA HIS D 233 -10.74 -35.01 17.48
C HIS D 233 -10.23 -36.36 18.00
N ILE D 234 -10.73 -36.73 19.19
CA ILE D 234 -10.49 -38.03 19.82
C ILE D 234 -11.82 -38.78 19.77
N TYR D 235 -11.86 -39.92 19.09
CA TYR D 235 -13.04 -40.78 19.13
C TYR D 235 -13.22 -41.26 20.58
N LEU D 236 -14.48 -41.32 21.03
CA LEU D 236 -14.76 -41.65 22.44
C LEU D 236 -14.18 -43.01 22.87
N ASN D 237 -14.20 -43.99 21.97
CA ASN D 237 -13.61 -45.29 22.25
C ASN D 237 -12.09 -45.32 22.17
N HIS D 238 -11.42 -44.17 21.95
CA HIS D 238 -9.96 -44.09 22.02
C HIS D 238 -9.55 -43.42 23.29
N ILE D 239 -10.50 -42.97 24.12
CA ILE D 239 -10.10 -42.23 25.31
C ILE D 239 -9.22 -43.06 26.29
N GLU D 240 -9.68 -44.25 26.65
CA GLU D 240 -8.94 -45.11 27.58
C GLU D 240 -7.59 -45.58 26.98
N PRO D 241 -7.59 -46.05 25.72
CA PRO D 241 -6.29 -46.35 25.11
C PRO D 241 -5.30 -45.16 25.15
N LEU D 242 -5.79 -43.94 24.88
CA LEU D 242 -4.92 -42.78 24.84
C LEU D 242 -4.41 -42.42 26.22
N LYS D 243 -5.25 -42.63 27.24
CA LYS D 243 -4.80 -42.41 28.62
C LYS D 243 -3.69 -43.38 29.01
N ILE D 244 -3.78 -44.63 28.54
CA ILE D 244 -2.66 -45.58 28.68
C ILE D 244 -1.42 -44.99 27.97
N GLN D 245 -1.58 -44.52 26.75
CA GLN D 245 -0.42 -43.99 26.01
C GLN D 245 0.25 -42.83 26.72
N LEU D 246 -0.58 -41.93 27.27
CA LEU D 246 -0.07 -40.75 27.96
C LEU D 246 0.77 -41.06 29.21
N GLN D 247 0.63 -42.26 29.77
CA GLN D 247 1.45 -42.70 30.91
C GLN D 247 2.84 -43.11 30.50
N ARG D 248 3.13 -43.21 29.19
CA ARG D 248 4.42 -43.77 28.75
C ARG D 248 5.39 -42.66 28.54
N GLU D 249 6.64 -42.88 28.92
CA GLU D 249 7.66 -41.86 28.76
C GLU D 249 8.22 -41.98 27.31
N PRO D 250 8.30 -40.85 26.57
CA PRO D 250 8.78 -40.97 25.21
C PRO D 250 10.26 -41.36 25.18
N ARG D 251 10.65 -42.08 24.16
CA ARG D 251 12.07 -42.37 23.94
C ARG D 251 12.50 -41.34 22.89
N PRO D 252 13.79 -41.03 22.80
CA PRO D 252 14.26 -40.16 21.73
C PRO D 252 13.78 -40.66 20.34
N PHE D 253 13.38 -39.72 19.49
CA PHE D 253 13.01 -40.01 18.14
C PHE D 253 14.10 -40.75 17.39
N PRO D 254 13.71 -41.59 16.42
CA PRO D 254 14.73 -42.20 15.57
C PRO D 254 15.31 -41.19 14.60
N LYS D 255 16.18 -41.67 13.76
CA LYS D 255 16.74 -40.90 12.69
C LYS D 255 16.36 -41.61 11.38
N LEU D 256 16.29 -40.84 10.34
CA LEU D 256 15.98 -41.37 9.05
C LEU D 256 17.19 -41.18 8.16
N ARG D 257 17.61 -42.26 7.56
CA ARG D 257 18.72 -42.26 6.65
C ARG D 257 18.33 -42.59 5.22
N ILE D 258 18.82 -41.77 4.32
CA ILE D 258 18.63 -41.98 2.90
C ILE D 258 19.93 -42.66 2.40
N LEU D 259 19.79 -43.87 1.93
CA LEU D 259 20.92 -44.68 1.58
C LEU D 259 21.74 -44.42 0.37
N ARG D 260 21.26 -43.65 -0.62
CA ARG D 260 21.98 -43.29 -1.82
C ARG D 260 21.59 -41.93 -2.29
N LYS D 261 22.40 -41.38 -3.20
CA LYS D 261 22.09 -40.08 -3.79
C LYS D 261 20.99 -40.29 -4.84
N VAL D 262 19.85 -39.59 -4.71
CA VAL D 262 18.75 -39.73 -5.63
C VAL D 262 18.51 -38.34 -6.25
N GLU D 263 18.30 -38.32 -7.55
CA GLU D 263 18.30 -37.09 -8.34
C GLU D 263 16.88 -36.56 -8.60
N LYS D 264 15.90 -37.44 -8.76
CA LYS D 264 14.56 -37.05 -9.07
C LYS D 264 13.62 -37.71 -8.08
N ILE D 265 12.55 -36.99 -7.70
CA ILE D 265 11.64 -37.51 -6.67
C ILE D 265 11.02 -38.86 -7.11
N ASP D 266 10.79 -39.02 -8.43
CA ASP D 266 10.22 -40.27 -8.95
C ASP D 266 11.10 -41.53 -8.80
N ASP D 267 12.41 -41.34 -8.57
CA ASP D 267 13.37 -42.46 -8.48
C ASP D 267 13.51 -43.06 -7.09
N PHE D 268 12.95 -42.43 -6.05
CA PHE D 268 13.01 -43.01 -4.71
C PHE D 268 12.32 -44.35 -4.70
N LYS D 269 12.91 -45.30 -3.99
CA LYS D 269 12.33 -46.63 -3.76
C LYS D 269 12.30 -46.89 -2.26
N ALA D 270 11.47 -47.81 -1.82
CA ALA D 270 11.33 -48.11 -0.40
C ALA D 270 12.67 -48.47 0.26
N GLU D 271 13.50 -49.21 -0.47
CA GLU D 271 14.78 -49.70 0.09
C GLU D 271 15.83 -48.61 0.21
N ASP D 272 15.53 -47.43 -0.28
CA ASP D 272 16.44 -46.32 -0.15
C ASP D 272 16.39 -45.73 1.26
N PHE D 273 15.41 -46.10 2.05
CA PHE D 273 15.19 -45.55 3.37
C PHE D 273 15.40 -46.50 4.54
N GLN D 274 16.05 -45.97 5.56
CA GLN D 274 16.35 -46.69 6.76
C GLN D 274 16.07 -45.90 8.03
N ILE D 275 15.13 -46.37 8.82
CA ILE D 275 14.80 -45.79 10.12
C ILE D 275 15.79 -46.40 11.12
N GLU D 276 16.51 -45.55 11.83
CA GLU D 276 17.51 -46.02 12.77
C GLU D 276 17.25 -45.61 14.20
N GLY D 277 17.38 -46.54 15.11
CA GLY D 277 17.23 -46.27 16.53
C GLY D 277 15.76 -46.09 16.93
N TYR D 278 14.83 -46.79 16.28
CA TYR D 278 13.41 -46.67 16.59
C TYR D 278 13.08 -47.67 17.66
N ASN D 279 12.68 -47.19 18.83
CA ASN D 279 12.46 -48.04 19.99
C ASN D 279 11.12 -47.69 20.59
N PRO D 280 10.04 -47.99 19.86
CA PRO D 280 8.73 -47.63 20.39
C PRO D 280 8.21 -48.59 21.51
N HIS D 281 7.37 -48.07 22.37
CA HIS D 281 6.50 -48.87 23.20
C HIS D 281 5.52 -49.65 22.30
N PRO D 282 4.87 -50.69 22.81
CA PRO D 282 3.98 -51.49 21.93
C PRO D 282 2.74 -50.77 21.34
N THR D 283 2.35 -51.22 20.15
CA THR D 283 1.04 -50.89 19.55
C THR D 283 -0.07 -50.91 20.59
N ILE D 284 -0.93 -49.90 20.52
CA ILE D 284 -2.15 -49.89 21.36
C ILE D 284 -3.31 -49.99 20.37
N LYS D 285 -4.16 -50.99 20.57
CA LYS D 285 -5.29 -51.29 19.69
C LYS D 285 -6.28 -50.15 19.85
N MET D 286 -6.62 -49.51 18.73
CA MET D 286 -7.61 -48.46 18.67
C MET D 286 -8.55 -48.78 17.53
N GLU D 287 -9.83 -49.04 17.81
CA GLU D 287 -10.79 -49.48 16.79
C GLU D 287 -11.05 -48.27 15.88
N MET D 288 -10.96 -48.44 14.57
CA MET D 288 -11.34 -47.40 13.64
C MET D 288 -12.86 -47.19 13.51
N ALA D 289 -13.28 -45.93 13.51
CA ALA D 289 -14.67 -45.59 13.31
C ALA D 289 -15.29 -45.97 11.93
N VAL D 290 -14.77 -45.53 10.78
CA VAL D 290 -15.27 -45.98 9.44
C VAL D 290 -14.02 -45.91 8.55
N PRO E 3 -24.40 18.90 56.10
CA PRO E 3 -24.64 19.66 54.84
C PRO E 3 -26.10 19.56 54.39
N PRO E 4 -26.72 20.66 53.96
CA PRO E 4 -28.12 20.57 53.58
C PRO E 4 -28.38 19.61 52.37
N HIS E 5 -29.51 18.95 52.40
CA HIS E 5 -29.80 17.78 51.59
C HIS E 5 -31.33 17.82 51.31
N GLY E 6 -31.65 17.23 50.18
CA GLY E 6 -33.04 17.07 49.73
C GLY E 6 -33.67 18.47 49.58
N GLU E 7 -34.77 18.63 50.27
CA GLU E 7 -35.61 19.80 50.15
C GLU E 7 -34.92 21.02 50.63
N LEU E 8 -33.96 20.85 51.57
CA LEU E 8 -33.22 21.99 52.09
C LEU E 8 -32.42 22.70 51.02
N GLN E 9 -32.06 21.98 49.94
CA GLN E 9 -31.44 22.67 48.79
C GLN E 9 -32.37 23.70 48.16
N TYR E 10 -33.62 23.29 47.89
CA TYR E 10 -34.61 24.20 47.32
C TYR E 10 -34.85 25.35 48.24
N LEU E 11 -35.04 25.05 49.53
CA LEU E 11 -35.34 26.13 50.49
C LEU E 11 -34.13 27.03 50.64
N GLY E 12 -32.91 26.44 50.60
CA GLY E 12 -31.71 27.27 50.58
C GLY E 12 -31.63 28.22 49.41
N GLN E 13 -32.13 27.78 48.23
CA GLN E 13 -32.15 28.66 47.06
C GLN E 13 -33.09 29.82 47.23
N ILE E 14 -34.29 29.53 47.71
CA ILE E 14 -35.27 30.58 48.03
C ILE E 14 -34.60 31.63 48.97
N GLN E 15 -33.98 31.16 50.02
CA GLN E 15 -33.31 32.08 51.03
C GLN E 15 -32.23 32.91 50.35
N HIS E 16 -31.43 32.26 49.49
CA HIS E 16 -30.37 32.97 48.81
C HIS E 16 -30.92 34.05 47.90
N ILE E 17 -32.01 33.77 47.17
CA ILE E 17 -32.58 34.80 46.28
C ILE E 17 -33.21 35.95 47.09
N LEU E 18 -33.91 35.63 48.18
CA LEU E 18 -34.47 36.67 49.05
C LEU E 18 -33.34 37.55 49.60
N ARG E 19 -32.24 36.95 50.02
CA ARG E 19 -31.14 37.72 50.62
C ARG E 19 -30.20 38.40 49.61
N CYS E 20 -29.86 37.72 48.49
CA CYS E 20 -28.90 38.25 47.49
C CYS E 20 -29.47 38.55 46.10
N GLY E 21 -30.73 38.23 45.87
CA GLY E 21 -31.36 38.49 44.57
C GLY E 21 -31.45 39.95 44.31
N VAL E 22 -31.38 40.33 43.05
CA VAL E 22 -31.46 41.71 42.65
C VAL E 22 -32.79 41.97 41.97
N ARG E 23 -33.33 43.17 42.12
CA ARG E 23 -34.60 43.53 41.51
C ARG E 23 -34.46 43.53 40.00
N LYS E 24 -35.35 42.84 39.31
CA LYS E 24 -35.26 42.71 37.85
C LYS E 24 -36.68 42.64 37.31
N ASP E 25 -36.96 43.55 36.37
CA ASP E 25 -38.26 43.65 35.73
C ASP E 25 -38.45 42.47 34.77
N ASP E 26 -39.70 42.21 34.43
CA ASP E 26 -40.03 41.16 33.50
C ASP E 26 -41.19 41.63 32.62
N ARG E 27 -41.43 40.88 31.53
CA ARG E 27 -42.52 41.12 30.56
C ARG E 27 -43.90 41.37 31.16
N THR E 28 -44.22 40.73 32.26
CA THR E 28 -45.54 40.93 32.84
C THR E 28 -45.70 42.17 33.70
N GLY E 29 -44.62 42.85 34.04
CA GLY E 29 -44.70 43.99 34.96
C GLY E 29 -44.82 43.60 36.43
N THR E 30 -44.71 42.33 36.76
CA THR E 30 -44.81 41.90 38.12
C THR E 30 -43.54 42.30 38.87
N GLY E 31 -42.36 42.09 38.28
CA GLY E 31 -41.08 42.30 38.94
C GLY E 31 -40.63 41.02 39.64
N THR E 32 -39.33 40.87 39.79
CA THR E 32 -38.73 39.73 40.46
C THR E 32 -37.53 40.15 41.25
N LEU E 33 -37.15 39.31 42.21
CA LEU E 33 -35.81 39.23 42.73
C LEU E 33 -35.15 38.04 41.97
N SER E 34 -33.94 38.28 41.45
CA SER E 34 -33.31 37.41 40.46
C SER E 34 -31.82 37.16 40.79
N VAL E 35 -31.40 35.90 40.67
CA VAL E 35 -29.99 35.46 40.71
C VAL E 35 -29.77 34.70 39.37
N PHE E 36 -28.63 34.96 38.72
CA PHE E 36 -28.28 34.26 37.49
C PHE E 36 -27.25 33.20 37.82
N GLY E 37 -27.61 31.93 37.58
CA GLY E 37 -26.73 30.80 37.82
C GLY E 37 -26.88 30.18 39.20
N MET E 38 -27.59 29.07 39.30
CA MET E 38 -27.66 28.30 40.56
C MET E 38 -27.62 26.84 40.19
N GLN E 39 -27.38 26.01 41.22
CA GLN E 39 -27.31 24.59 41.06
C GLN E 39 -27.66 23.89 42.37
N ALA E 40 -28.52 22.90 42.30
CA ALA E 40 -28.89 22.09 43.47
C ALA E 40 -28.79 20.64 43.07
N ARG E 41 -28.54 19.76 44.04
CA ARG E 41 -28.42 18.32 43.82
C ARG E 41 -29.48 17.61 44.66
N TYR E 42 -30.30 16.75 44.07
CA TYR E 42 -31.35 16.02 44.78
C TYR E 42 -31.04 14.55 44.62
N SER E 43 -30.79 13.84 45.73
CA SER E 43 -30.60 12.40 45.66
C SER E 43 -31.90 11.74 45.24
N LEU E 44 -31.80 10.72 44.39
CA LEU E 44 -32.95 9.92 43.97
C LEU E 44 -32.90 8.51 44.58
N ARG E 45 -32.00 8.30 45.52
CA ARG E 45 -31.64 6.95 46.00
C ARG E 45 -32.61 6.64 47.12
N ASP E 46 -33.60 5.81 46.84
CA ASP E 46 -34.59 5.41 47.82
C ASP E 46 -35.47 6.58 48.32
N GLU E 47 -35.61 7.63 47.52
CA GLU E 47 -36.51 8.73 47.83
C GLU E 47 -36.81 9.46 46.53
N PHE E 48 -37.95 10.13 46.50
CA PHE E 48 -38.39 10.89 45.33
C PHE E 48 -38.63 12.34 45.78
N PRO E 49 -37.96 13.32 45.15
CA PRO E 49 -38.02 14.70 45.58
C PRO E 49 -39.27 15.50 45.19
N LEU E 50 -40.40 15.06 45.73
CA LEU E 50 -41.66 15.76 45.61
C LEU E 50 -41.78 16.58 46.88
N LEU E 51 -41.77 17.91 46.73
CA LEU E 51 -41.64 18.76 47.90
C LEU E 51 -42.77 18.61 48.92
N THR E 52 -42.36 18.66 50.20
CA THR E 52 -43.26 18.51 51.33
C THR E 52 -43.63 19.83 52.01
N THR E 53 -42.88 20.93 51.80
CA THR E 53 -43.28 22.19 52.44
C THR E 53 -44.46 22.88 51.77
N LYS E 54 -44.82 22.42 50.58
CA LYS E 54 -46.13 22.73 49.99
C LYS E 54 -46.52 21.62 49.03
N ARG E 55 -47.80 21.30 48.91
CA ARG E 55 -48.22 20.18 48.07
C ARG E 55 -47.92 20.51 46.59
N VAL E 56 -47.29 19.60 45.89
CA VAL E 56 -46.99 19.69 44.48
C VAL E 56 -48.06 18.92 43.71
N PHE E 57 -48.42 19.45 42.54
CA PHE E 57 -49.41 18.87 41.65
C PHE E 57 -48.87 17.68 40.88
N TRP E 58 -48.75 16.56 41.60
CA TRP E 58 -48.18 15.34 41.08
C TRP E 58 -48.93 14.81 39.86
N LYS E 59 -50.24 14.88 39.88
CA LYS E 59 -51.00 14.43 38.71
C LYS E 59 -50.56 15.19 37.45
N GLY E 60 -50.42 16.51 37.58
CA GLY E 60 -49.93 17.36 36.52
C GLY E 60 -48.52 16.93 36.02
N VAL E 61 -47.61 16.69 36.98
CA VAL E 61 -46.27 16.23 36.64
C VAL E 61 -46.29 14.96 35.76
N LEU E 62 -47.02 13.95 36.23
CA LEU E 62 -47.04 12.65 35.63
C LEU E 62 -47.73 12.68 34.26
N GLU E 63 -48.90 13.29 34.17
CA GLU E 63 -49.62 13.37 32.87
C GLU E 63 -48.87 14.23 31.85
N GLU E 64 -48.29 15.35 32.29
CA GLU E 64 -47.48 16.17 31.36
C GLU E 64 -46.32 15.36 30.81
N LEU E 65 -45.64 14.62 31.68
CA LEU E 65 -44.49 13.88 31.20
C LEU E 65 -44.87 12.78 30.19
N LEU E 66 -45.96 12.07 30.47
CA LEU E 66 -46.44 11.05 29.56
C LEU E 66 -46.82 11.68 28.22
N TRP E 67 -47.39 12.87 28.28
CA TRP E 67 -47.76 13.62 27.07
C TRP E 67 -46.53 14.02 26.21
N PHE E 68 -45.46 14.42 26.87
CA PHE E 68 -44.20 14.71 26.26
C PHE E 68 -43.66 13.46 25.55
N ILE E 69 -43.63 12.36 26.28
CA ILE E 69 -43.06 11.11 25.79
C ILE E 69 -43.78 10.61 24.52
N LYS E 70 -45.11 10.76 24.45
CA LYS E 70 -45.83 10.36 23.26
C LYS E 70 -45.65 11.30 22.10
N GLY E 71 -44.93 12.40 22.32
CA GLY E 71 -44.61 13.34 21.27
C GLY E 71 -45.68 14.34 21.00
N SER E 72 -46.66 14.47 21.88
CA SER E 72 -47.79 15.33 21.59
C SER E 72 -47.41 16.80 21.71
N THR E 73 -48.07 17.62 20.91
CA THR E 73 -47.94 19.08 20.97
C THR E 73 -49.36 19.68 21.02
N ASN E 74 -50.32 18.86 21.44
CA ASN E 74 -51.73 19.22 21.45
C ASN E 74 -52.19 19.42 22.89
N ALA E 75 -52.42 20.70 23.27
CA ALA E 75 -52.81 21.05 24.62
C ALA E 75 -54.12 20.39 25.03
N LYS E 76 -55.02 20.21 24.06
CA LYS E 76 -56.31 19.56 24.30
C LYS E 76 -56.17 18.14 24.82
N GLU E 77 -55.16 17.44 24.33
CA GLU E 77 -54.90 16.08 24.74
C GLU E 77 -54.41 15.96 26.22
N LEU E 78 -53.64 16.94 26.67
CA LEU E 78 -53.23 17.04 28.06
C LEU E 78 -54.44 17.48 28.91
N SER E 79 -55.15 18.49 28.44
CA SER E 79 -56.37 19.02 29.11
C SER E 79 -57.43 17.93 29.36
N SER E 80 -57.50 16.97 28.45
CA SER E 80 -58.47 15.90 28.55
C SER E 80 -58.20 15.03 29.76
N LYS E 81 -56.96 15.03 30.22
CA LYS E 81 -56.56 14.31 31.44
C LYS E 81 -56.73 15.10 32.73
N GLY E 82 -57.39 16.26 32.68
CA GLY E 82 -57.58 17.11 33.87
C GLY E 82 -56.40 18.03 34.21
N VAL E 83 -55.46 18.20 33.26
CA VAL E 83 -54.23 18.97 33.48
C VAL E 83 -54.24 20.14 32.51
N LYS E 84 -54.48 21.32 33.02
CA LYS E 84 -54.83 22.49 32.23
C LYS E 84 -53.67 23.46 32.01
N ILE E 85 -52.46 23.06 32.38
CA ILE E 85 -51.33 24.00 32.47
C ILE E 85 -50.87 24.56 31.14
N TRP E 86 -51.18 23.87 30.06
CA TRP E 86 -50.83 24.35 28.74
C TRP E 86 -52.01 25.01 27.95
N ASP E 87 -53.19 25.05 28.53
CA ASP E 87 -54.39 25.44 27.78
C ASP E 87 -54.42 26.89 27.36
N ALA E 88 -54.05 27.80 28.24
CA ALA E 88 -53.94 29.22 27.90
C ALA E 88 -53.00 29.45 26.72
N ASN E 89 -51.91 28.66 26.61
CA ASN E 89 -50.97 28.88 25.51
C ASN E 89 -51.40 28.28 24.19
N GLY E 90 -52.48 27.50 24.20
CA GLY E 90 -53.04 26.97 22.97
C GLY E 90 -54.35 27.63 22.55
N SER E 91 -54.83 28.61 23.34
CA SER E 91 -56.12 29.24 23.05
C SER E 91 -56.08 30.04 21.75
N ARG E 92 -57.24 30.19 21.11
CA ARG E 92 -57.38 31.02 19.89
C ARG E 92 -56.76 32.39 20.10
N ASP E 93 -57.07 33.02 21.24
CA ASP E 93 -56.56 34.36 21.46
C ASP E 93 -55.04 34.43 21.54
N PHE E 94 -54.45 33.51 22.30
CA PHE E 94 -53.00 33.48 22.45
C PHE E 94 -52.25 33.15 21.13
N LEU E 95 -52.74 32.15 20.41
CA LEU E 95 -52.22 31.81 19.09
C LEU E 95 -52.28 33.00 18.13
N ASP E 96 -53.42 33.69 18.09
CA ASP E 96 -53.56 34.91 17.25
C ASP E 96 -52.61 36.01 17.70
N SER E 97 -52.44 36.18 19.00
CA SER E 97 -51.48 37.15 19.53
C SER E 97 -50.04 36.95 19.03
N LEU E 98 -49.69 35.69 18.66
CA LEU E 98 -48.39 35.34 18.10
C LEU E 98 -48.35 35.36 16.59
N GLY E 99 -49.46 35.70 15.95
CA GLY E 99 -49.54 35.69 14.52
C GLY E 99 -49.91 34.36 13.94
N PHE E 100 -50.38 33.41 14.77
CA PHE E 100 -50.68 32.06 14.28
C PHE E 100 -52.18 31.93 14.00
N SER E 101 -52.72 32.85 13.21
CA SER E 101 -54.19 32.85 12.96
C SER E 101 -54.66 31.61 12.19
N THR E 102 -53.81 30.96 11.43
CA THR E 102 -54.25 29.81 10.65
C THR E 102 -54.18 28.52 11.47
N ARG E 103 -53.57 28.59 12.66
CA ARG E 103 -53.38 27.40 13.44
C ARG E 103 -54.60 27.01 14.24
N GLU E 104 -54.86 25.72 14.31
CA GLU E 104 -55.97 25.17 15.11
C GLU E 104 -55.76 25.37 16.63
N GLU E 105 -56.84 25.62 17.34
CA GLU E 105 -56.78 25.78 18.77
C GLU E 105 -56.19 24.51 19.41
N GLY E 106 -55.35 24.71 20.42
CA GLY E 106 -54.60 23.61 21.04
C GLY E 106 -53.20 23.33 20.47
N ASP E 107 -52.93 23.79 19.26
CA ASP E 107 -51.69 23.45 18.58
C ASP E 107 -50.58 24.39 19.07
N LEU E 108 -49.78 23.85 19.96
CA LEU E 108 -48.68 24.56 20.59
C LEU E 108 -47.48 24.77 19.69
N GLY E 109 -47.51 24.15 18.54
CA GLY E 109 -46.37 24.20 17.66
C GLY E 109 -45.32 23.16 18.08
N PRO E 110 -44.10 23.29 17.56
CA PRO E 110 -43.08 22.30 17.84
C PRO E 110 -42.39 22.43 19.20
N VAL E 111 -43.13 22.20 20.26
CA VAL E 111 -42.63 22.26 21.60
C VAL E 111 -42.01 20.92 22.02
N TYR E 112 -41.80 20.74 23.31
CA TYR E 112 -41.15 19.58 23.90
C TYR E 112 -41.34 18.21 23.28
N GLY E 113 -42.57 17.76 23.17
CA GLY E 113 -42.85 16.47 22.60
C GLY E 113 -42.29 16.29 21.20
N PHE E 114 -42.47 17.28 20.35
CA PHE E 114 -41.98 17.20 19.03
C PHE E 114 -40.46 17.17 19.00
N GLN E 115 -39.84 18.07 19.73
CA GLN E 115 -38.41 18.15 19.81
C GLN E 115 -37.74 16.86 20.35
N TRP E 116 -38.30 16.30 21.39
CA TRP E 116 -37.79 15.11 22.01
C TRP E 116 -37.81 13.88 21.10
N ARG E 117 -38.87 13.73 20.32
CA ARG E 117 -39.03 12.55 19.48
C ARG E 117 -38.73 12.77 18.00
N HIS E 118 -38.71 14.02 17.52
CA HIS E 118 -38.61 14.37 16.05
C HIS E 118 -37.75 15.60 15.75
N PHE E 119 -36.70 15.82 16.52
CA PHE E 119 -35.89 17.01 16.37
C PHE E 119 -35.42 17.14 14.91
N GLY E 120 -35.68 18.28 14.34
CA GLY E 120 -35.22 18.56 12.97
C GLY E 120 -36.20 18.22 11.88
N ALA E 121 -37.29 17.52 12.17
CA ALA E 121 -38.33 17.27 11.19
C ALA E 121 -39.04 18.59 10.96
N GLU E 122 -39.74 18.67 9.83
CA GLU E 122 -40.52 19.85 9.55
C GLU E 122 -41.88 19.77 10.19
N TYR E 123 -42.20 20.72 11.03
CA TYR E 123 -43.47 20.73 11.71
C TYR E 123 -44.61 21.17 10.80
N ARG E 124 -45.73 20.53 10.85
CA ARG E 124 -46.92 20.91 10.08
C ARG E 124 -48.02 21.31 11.07
N ASP E 125 -48.72 20.35 11.65
CA ASP E 125 -49.61 20.66 12.75
C ASP E 125 -49.60 19.56 13.79
N MET E 126 -50.35 19.76 14.86
CA MET E 126 -50.38 18.84 15.97
C MET E 126 -51.00 17.49 15.66
N GLU E 127 -51.76 17.39 14.56
CA GLU E 127 -52.36 16.11 14.17
C GLU E 127 -51.53 15.32 13.15
N SER E 128 -50.43 15.86 12.62
CA SER E 128 -49.67 15.19 11.56
C SER E 128 -48.91 13.96 12.06
N ASP E 129 -48.62 13.06 11.14
CA ASP E 129 -47.90 11.85 11.46
C ASP E 129 -46.42 12.20 11.20
N TYR E 130 -45.59 12.11 12.25
CA TYR E 130 -44.16 12.34 12.14
C TYR E 130 -43.33 11.09 12.27
N SER E 131 -43.95 9.90 12.18
CA SER E 131 -43.21 8.62 12.39
C SER E 131 -42.02 8.53 11.49
N GLY E 132 -40.89 8.14 12.07
CA GLY E 132 -39.67 8.08 11.33
C GLY E 132 -39.04 9.41 10.93
N GLN E 133 -39.62 10.55 11.29
CA GLN E 133 -39.05 11.84 10.87
C GLN E 133 -38.28 12.46 12.03
N GLY E 134 -37.10 12.99 11.72
CA GLY E 134 -36.27 13.74 12.68
C GLY E 134 -35.55 12.83 13.62
N VAL E 135 -34.84 13.42 14.56
CA VAL E 135 -34.05 12.63 15.51
C VAL E 135 -34.88 12.29 16.76
N ASP E 136 -34.99 11.00 17.03
CA ASP E 136 -35.67 10.53 18.24
C ASP E 136 -34.70 10.60 19.39
N GLN E 137 -34.58 11.76 20.00
CA GLN E 137 -33.54 11.92 21.03
C GLN E 137 -33.80 11.02 22.25
N LEU E 138 -35.06 10.85 22.61
CA LEU E 138 -35.38 10.10 23.79
C LEU E 138 -34.96 8.64 23.64
N GLN E 139 -35.31 8.02 22.52
CA GLN E 139 -34.90 6.63 22.29
C GLN E 139 -33.40 6.53 22.12
N ARG E 140 -32.74 7.52 21.49
CA ARG E 140 -31.28 7.49 21.38
C ARG E 140 -30.60 7.60 22.74
N VAL E 141 -31.10 8.43 23.65
CA VAL E 141 -30.62 8.47 25.04
C VAL E 141 -30.67 7.07 25.68
N ILE E 142 -31.83 6.45 25.59
CA ILE E 142 -32.04 5.10 26.18
C ILE E 142 -31.06 4.06 25.56
N ASP E 143 -30.92 4.06 24.24
CA ASP E 143 -30.03 3.12 23.52
C ASP E 143 -28.59 3.31 23.92
N THR E 144 -28.15 4.57 24.04
CA THR E 144 -26.78 4.89 24.48
C THR E 144 -26.52 4.46 25.89
N ILE E 145 -27.46 4.68 26.79
CA ILE E 145 -27.29 4.22 28.18
C ILE E 145 -27.06 2.70 28.23
N LYS E 146 -27.85 1.98 27.46
CA LYS E 146 -27.72 0.52 27.37
C LYS E 146 -26.41 0.07 26.73
N THR E 147 -25.98 0.66 25.63
CA THR E 147 -24.79 0.18 24.94
C THR E 147 -23.49 0.86 25.33
N ASN E 148 -23.53 2.11 25.77
CA ASN E 148 -22.31 2.81 26.07
C ASN E 148 -22.53 3.77 27.26
N PRO E 149 -22.67 3.21 28.48
CA PRO E 149 -23.04 4.02 29.63
C PRO E 149 -22.01 5.11 30.00
N ASP E 150 -20.74 4.95 29.63
CA ASP E 150 -19.71 5.94 29.92
C ASP E 150 -19.83 7.22 29.06
N ASP E 151 -20.66 7.17 28.03
CA ASP E 151 -20.77 8.25 27.07
C ASP E 151 -21.08 9.58 27.74
N ARG E 152 -20.33 10.60 27.34
CA ARG E 152 -20.51 11.92 27.94
C ARG E 152 -21.29 12.89 27.03
N ARG E 153 -22.05 12.34 26.08
CA ARG E 153 -22.89 13.06 25.14
C ARG E 153 -24.34 12.60 25.19
N ILE E 154 -24.79 12.10 26.35
CA ILE E 154 -26.13 11.58 26.46
C ILE E 154 -27.08 12.74 26.73
N ILE E 155 -27.51 13.38 25.64
CA ILE E 155 -28.20 14.68 25.73
C ILE E 155 -29.55 14.62 25.06
N MET E 156 -30.52 15.27 25.67
CA MET E 156 -31.81 15.54 25.02
C MET E 156 -32.06 17.03 25.08
N CYS E 157 -32.18 17.67 23.90
CA CYS E 157 -32.26 19.12 23.78
C CYS E 157 -33.59 19.54 23.18
N ALA E 158 -34.31 20.40 23.86
CA ALA E 158 -35.57 20.95 23.35
C ALA E 158 -35.40 22.33 22.70
N TRP E 159 -34.24 22.92 22.93
CA TRP E 159 -33.97 24.28 22.40
C TRP E 159 -33.61 24.10 20.93
N ASN E 160 -34.46 24.57 20.04
CA ASN E 160 -34.25 24.41 18.62
C ASN E 160 -34.45 25.78 18.01
N PRO E 161 -33.36 26.51 17.80
CA PRO E 161 -33.45 27.88 17.25
C PRO E 161 -34.22 28.01 15.93
N ARG E 162 -34.13 27.02 15.07
CA ARG E 162 -34.90 27.05 13.82
C ARG E 162 -36.42 27.05 14.05
N ASP E 163 -36.86 26.25 14.98
CA ASP E 163 -38.25 26.08 15.32
C ASP E 163 -38.81 27.04 16.34
N LEU E 164 -37.99 27.82 17.07
CA LEU E 164 -38.51 28.76 18.08
C LEU E 164 -39.66 29.67 17.60
N PRO E 165 -39.55 30.26 16.40
CA PRO E 165 -40.63 31.18 15.99
C PRO E 165 -42.01 30.51 15.84
N LEU E 166 -42.04 29.21 15.71
CA LEU E 166 -43.26 28.46 15.55
C LEU E 166 -43.87 28.00 16.89
N MET E 167 -43.08 28.02 17.95
CA MET E 167 -43.55 27.58 19.23
C MET E 167 -44.46 28.53 19.96
N ALA E 168 -45.38 27.99 20.72
CA ALA E 168 -46.25 28.80 21.54
C ALA E 168 -45.46 29.55 22.64
N LEU E 169 -44.43 28.91 23.18
CA LEU E 169 -43.55 29.40 24.21
C LEU E 169 -42.15 28.82 24.00
N PRO E 170 -41.08 29.60 24.10
CA PRO E 170 -39.74 28.99 24.03
C PRO E 170 -39.54 28.09 25.26
N PRO E 171 -38.98 26.91 25.04
CA PRO E 171 -38.80 26.00 26.15
C PRO E 171 -37.99 26.56 27.34
N CYS E 172 -38.45 26.29 28.55
CA CYS E 172 -37.71 26.63 29.74
C CYS E 172 -36.64 25.59 30.03
N HIS E 173 -36.93 24.32 29.79
CA HIS E 173 -35.97 23.24 29.98
C HIS E 173 -35.32 23.03 28.65
N ALA E 174 -34.22 23.70 28.54
CA ALA E 174 -33.55 23.82 27.27
C ALA E 174 -32.91 22.51 26.92
N LEU E 175 -32.31 21.86 27.91
CA LEU E 175 -31.70 20.57 27.69
C LEU E 175 -31.46 19.80 28.97
N CYS E 176 -31.28 18.51 28.79
CA CYS E 176 -30.85 17.64 29.85
C CYS E 176 -29.82 16.66 29.39
N GLN E 177 -29.02 16.22 30.38
CA GLN E 177 -27.91 15.31 30.15
C GLN E 177 -27.99 14.18 31.17
N PHE E 178 -27.72 12.96 30.72
CA PHE E 178 -27.72 11.80 31.58
C PHE E 178 -26.28 11.31 31.74
N TYR E 179 -26.07 10.59 32.82
CA TYR E 179 -24.76 10.12 33.24
C TYR E 179 -24.92 8.83 34.01
N VAL E 180 -23.98 7.89 33.74
CA VAL E 180 -24.01 6.60 34.40
C VAL E 180 -22.66 6.32 35.00
N VAL E 181 -22.67 5.95 36.27
CA VAL E 181 -21.50 5.36 36.92
C VAL E 181 -21.98 4.45 38.06
N ASN E 182 -21.25 3.35 38.30
CA ASN E 182 -21.57 2.42 39.41
C ASN E 182 -23.03 1.98 39.40
N SER E 183 -23.54 1.68 38.21
CA SER E 183 -24.94 1.26 38.00
C SER E 183 -26.04 2.28 38.42
N GLU E 184 -25.66 3.57 38.54
CA GLU E 184 -26.57 4.64 38.89
C GLU E 184 -26.72 5.63 37.69
N LEU E 185 -27.97 5.97 37.40
CA LEU E 185 -28.34 6.96 36.38
C LEU E 185 -28.60 8.31 37.00
N SER E 186 -27.80 9.31 36.62
CA SER E 186 -28.04 10.68 37.01
C SER E 186 -28.50 11.54 35.80
N CYS E 187 -29.12 12.66 36.11
CA CYS E 187 -29.68 13.58 35.14
C CYS E 187 -29.41 14.99 35.60
N GLN E 188 -28.92 15.84 34.68
CA GLN E 188 -28.80 17.28 34.95
C GLN E 188 -29.70 18.02 33.96
N LEU E 189 -30.51 18.93 34.50
CA LEU E 189 -31.38 19.79 33.72
C LEU E 189 -30.79 21.17 33.63
N TYR E 190 -30.73 21.73 32.42
CA TYR E 190 -30.42 23.15 32.24
C TYR E 190 -31.72 23.88 32.04
N GLN E 191 -32.18 24.56 33.06
CA GLN E 191 -33.43 25.33 33.01
C GLN E 191 -33.07 26.81 32.89
N ARG E 192 -33.38 27.39 31.74
CA ARG E 192 -32.97 28.77 31.46
C ARG E 192 -33.65 29.81 32.36
N SER E 193 -34.79 29.46 32.91
CA SER E 193 -35.65 30.40 33.58
C SER E 193 -36.53 29.65 34.54
N GLY E 194 -36.45 30.04 35.80
CA GLY E 194 -37.10 29.34 36.91
C GLY E 194 -37.94 30.23 37.79
N ASP E 195 -39.27 30.04 37.72
CA ASP E 195 -40.20 30.64 38.65
C ASP E 195 -40.12 29.84 39.89
N MET E 196 -39.38 30.33 40.88
CA MET E 196 -39.03 29.50 42.03
C MET E 196 -40.23 29.05 42.84
N GLY E 197 -41.22 29.94 42.97
CA GLY E 197 -42.44 29.59 43.73
C GLY E 197 -43.35 28.62 43.03
N LEU E 198 -43.67 28.88 41.77
CA LEU E 198 -44.72 28.14 41.04
C LEU E 198 -44.22 27.03 40.12
N GLY E 199 -43.12 27.26 39.42
CA GLY E 199 -42.62 26.31 38.41
C GLY E 199 -41.64 25.27 38.95
N VAL E 200 -40.63 25.74 39.65
CA VAL E 200 -39.48 24.92 40.01
C VAL E 200 -39.81 23.64 40.77
N PRO E 201 -40.67 23.67 41.78
CA PRO E 201 -41.02 22.39 42.48
C PRO E 201 -41.58 21.33 41.52
N PHE E 202 -42.40 21.79 40.59
CA PHE E 202 -43.00 20.92 39.58
C PHE E 202 -41.90 20.40 38.66
N ASN E 203 -41.04 21.31 38.20
CA ASN E 203 -39.95 20.96 37.27
C ASN E 203 -38.98 19.91 37.88
N ILE E 204 -38.64 20.08 39.17
CA ILE E 204 -37.81 19.09 39.87
C ILE E 204 -38.46 17.71 39.80
N ALA E 205 -39.73 17.65 40.14
CA ALA E 205 -40.42 16.38 40.10
C ALA E 205 -40.47 15.77 38.67
N SER E 206 -40.67 16.59 37.64
CA SER E 206 -40.74 16.08 36.26
C SER E 206 -39.47 15.34 35.86
N TYR E 207 -38.34 15.96 36.12
CA TYR E 207 -37.07 15.40 35.68
C TYR E 207 -36.59 14.27 36.58
N ALA E 208 -36.93 14.33 37.88
CA ALA E 208 -36.73 13.16 38.74
C ALA E 208 -37.53 11.95 38.23
N LEU E 209 -38.77 12.20 37.83
CA LEU E 209 -39.64 11.16 37.27
C LEU E 209 -39.05 10.55 35.99
N LEU E 210 -38.60 11.43 35.10
CA LEU E 210 -38.03 10.98 33.84
C LEU E 210 -36.84 10.10 34.12
N THR E 211 -36.02 10.49 35.13
CA THR E 211 -34.87 9.69 35.50
C THR E 211 -35.28 8.33 36.07
N TYR E 212 -36.30 8.29 36.88
CA TYR E 212 -36.84 7.01 37.38
C TYR E 212 -37.29 6.13 36.23
N MET E 213 -37.98 6.75 35.26
CA MET E 213 -38.47 6.02 34.11
C MET E 213 -37.34 5.41 33.29
N ILE E 214 -36.35 6.23 32.95
CA ILE E 214 -35.26 5.74 32.10
C ILE E 214 -34.39 4.70 32.86
N ALA E 215 -34.17 4.92 34.16
CA ALA E 215 -33.46 3.92 35.01
C ALA E 215 -34.17 2.56 35.02
N HIS E 216 -35.49 2.58 35.11
CA HIS E 216 -36.30 1.35 35.10
C HIS E 216 -36.14 0.60 33.76
N ILE E 217 -36.26 1.32 32.66
CA ILE E 217 -36.10 0.79 31.32
C ILE E 217 -34.70 0.19 31.10
N THR E 218 -33.66 0.80 31.68
CA THR E 218 -32.29 0.43 31.35
C THR E 218 -31.66 -0.48 32.39
N GLY E 219 -32.40 -0.81 33.44
CA GLY E 219 -31.89 -1.68 34.48
C GLY E 219 -30.91 -1.04 35.42
N LEU E 220 -30.99 0.29 35.62
CA LEU E 220 -30.10 1.02 36.50
C LEU E 220 -30.87 1.55 37.72
N LYS E 221 -30.15 2.00 38.72
CA LYS E 221 -30.73 2.62 39.92
C LYS E 221 -30.68 4.15 39.76
N PRO E 222 -31.72 4.86 40.15
CA PRO E 222 -31.62 6.32 40.13
C PRO E 222 -30.52 6.84 41.05
N GLY E 223 -29.80 7.85 40.55
CA GLY E 223 -28.69 8.45 41.24
C GLY E 223 -29.00 9.80 41.79
N ASP E 224 -28.52 10.84 41.07
CA ASP E 224 -28.83 12.21 41.44
C ASP E 224 -29.60 12.90 40.31
N PHE E 225 -30.41 13.88 40.71
CA PHE E 225 -30.90 14.91 39.81
C PHE E 225 -30.21 16.20 40.15
N ILE E 226 -29.55 16.80 39.17
CA ILE E 226 -28.87 18.05 39.34
C ILE E 226 -29.67 19.10 38.60
N HIS E 227 -30.11 20.11 39.35
CA HIS E 227 -30.95 21.16 38.79
C HIS E 227 -30.13 22.40 38.60
N THR E 228 -29.90 22.77 37.35
CA THR E 228 -29.15 23.97 37.04
C THR E 228 -30.07 25.03 36.48
N LEU E 229 -29.96 26.24 37.03
CA LEU E 229 -30.77 27.36 36.62
C LEU E 229 -29.98 28.47 36.01
N GLY E 230 -30.60 29.08 35.00
CA GLY E 230 -30.23 30.35 34.48
C GLY E 230 -30.81 31.49 35.34
N ASP E 231 -31.84 32.18 34.84
CA ASP E 231 -32.50 33.23 35.62
C ASP E 231 -33.40 32.57 36.67
N ALA E 232 -32.89 32.45 37.89
CA ALA E 232 -33.60 31.91 39.03
C ALA E 232 -34.29 33.07 39.73
N HIS E 233 -35.62 33.10 39.74
CA HIS E 233 -36.31 34.31 40.19
C HIS E 233 -37.54 34.04 41.06
N ILE E 234 -37.79 34.96 42.00
CA ILE E 234 -38.98 34.97 42.86
C ILE E 234 -39.81 36.18 42.41
N TYR E 235 -41.04 35.94 41.93
CA TYR E 235 -41.94 37.03 41.64
C TYR E 235 -42.25 37.76 42.94
N LEU E 236 -42.34 39.09 42.86
CA LEU E 236 -42.52 39.91 44.06
C LEU E 236 -43.76 39.53 44.88
N ASN E 237 -44.85 39.18 44.18
CA ASN E 237 -46.07 38.74 44.84
C ASN E 237 -46.01 37.31 45.40
N HIS E 238 -44.86 36.62 45.28
CA HIS E 238 -44.69 35.32 45.91
C HIS E 238 -43.82 35.45 47.15
N ILE E 239 -43.34 36.67 47.45
CA ILE E 239 -42.41 36.78 48.57
C ILE E 239 -43.03 36.36 49.93
N GLU E 240 -44.17 36.93 50.26
CA GLU E 240 -44.86 36.59 51.52
C GLU E 240 -45.31 35.11 51.57
N PRO E 241 -45.95 34.61 50.51
CA PRO E 241 -46.24 33.17 50.51
C PRO E 241 -44.98 32.29 50.74
N LEU E 242 -43.85 32.65 50.14
CA LEU E 242 -42.62 31.85 50.27
C LEU E 242 -42.07 31.94 51.67
N LYS E 243 -42.20 33.12 52.28
CA LYS E 243 -41.78 33.27 53.70
C LYS E 243 -42.61 32.39 54.62
N ILE E 244 -43.92 32.27 54.35
CA ILE E 244 -44.75 31.28 55.05
C ILE E 244 -44.16 29.88 54.81
N GLN E 245 -43.88 29.53 53.56
CA GLN E 245 -43.37 28.19 53.26
C GLN E 245 -42.07 27.87 54.01
N LEU E 246 -41.18 28.86 54.06
CA LEU E 246 -39.88 28.69 54.72
C LEU E 246 -39.96 28.43 56.22
N GLN E 247 -41.09 28.75 56.85
CA GLN E 247 -41.32 28.46 58.28
C GLN E 247 -41.65 27.00 58.52
N ARG E 248 -41.90 26.21 57.46
CA ARG E 248 -42.41 24.86 57.66
C ARG E 248 -41.27 23.89 57.67
N GLU E 249 -41.31 22.90 58.55
CA GLU E 249 -40.25 21.91 58.64
C GLU E 249 -40.54 20.81 57.61
N PRO E 250 -39.55 20.43 56.77
CA PRO E 250 -39.85 19.42 55.75
C PRO E 250 -40.13 18.08 56.38
N ARG E 251 -40.96 17.30 55.75
CA ARG E 251 -41.19 15.92 56.16
C ARG E 251 -40.31 15.07 55.25
N PRO E 252 -39.98 13.83 55.65
CA PRO E 252 -39.25 12.96 54.75
C PRO E 252 -39.92 12.87 53.38
N PHE E 253 -39.10 12.89 52.31
CA PHE E 253 -39.60 12.73 50.97
C PHE E 253 -40.35 11.41 50.83
N PRO E 254 -41.35 11.38 49.91
CA PRO E 254 -41.98 10.09 49.64
C PRO E 254 -41.06 9.20 48.84
N LYS E 255 -41.55 8.00 48.56
CA LYS E 255 -40.95 7.10 47.62
C LYS E 255 -41.84 6.96 46.38
N LEU E 256 -41.22 6.60 45.27
CA LEU E 256 -41.95 6.36 44.02
C LEU E 256 -41.81 4.89 43.71
N ARG E 257 -42.92 4.20 43.50
CA ARG E 257 -42.93 2.80 43.11
C ARG E 257 -43.41 2.67 41.68
N ILE E 258 -42.71 1.84 40.92
CA ILE E 258 -43.14 1.47 39.60
C ILE E 258 -43.74 0.07 39.73
N LEU E 259 -44.99 -0.10 39.32
CA LEU E 259 -45.79 -1.25 39.75
C LEU E 259 -45.76 -2.44 38.83
N ARG E 260 -45.04 -2.38 37.71
CA ARG E 260 -44.82 -3.51 36.85
C ARG E 260 -43.56 -3.33 36.04
N LYS E 261 -43.09 -4.43 35.45
CA LYS E 261 -41.90 -4.38 34.60
C LYS E 261 -42.29 -3.80 33.25
N VAL E 262 -41.67 -2.71 32.83
CA VAL E 262 -42.00 -2.03 31.59
C VAL E 262 -40.75 -2.04 30.72
N GLU E 263 -40.93 -2.38 29.45
CA GLU E 263 -39.83 -2.65 28.52
C GLU E 263 -39.45 -1.45 27.67
N LYS E 264 -40.42 -0.62 27.28
CA LYS E 264 -40.17 0.50 26.41
C LYS E 264 -40.74 1.73 27.04
N ILE E 265 -40.05 2.87 26.87
CA ILE E 265 -40.49 4.11 27.53
C ILE E 265 -41.93 4.49 27.09
N ASP E 266 -42.27 4.18 25.83
CA ASP E 266 -43.62 4.48 25.32
C ASP E 266 -44.79 3.71 25.98
N ASP E 267 -44.49 2.61 26.67
CA ASP E 267 -45.49 1.73 27.29
C ASP E 267 -45.89 2.13 28.71
N PHE E 268 -45.16 3.07 29.34
CA PHE E 268 -45.56 3.53 30.66
C PHE E 268 -46.95 4.17 30.58
N LYS E 269 -47.74 3.91 31.61
CA LYS E 269 -49.05 4.52 31.79
C LYS E 269 -49.11 5.13 33.17
N ALA E 270 -50.00 6.08 33.39
CA ALA E 270 -50.12 6.75 34.68
C ALA E 270 -50.33 5.76 35.84
N GLU E 271 -51.08 4.70 35.62
CA GLU E 271 -51.40 3.72 36.67
C GLU E 271 -50.22 2.86 37.06
N ASP E 272 -49.12 2.92 36.30
CA ASP E 272 -47.91 2.19 36.65
C ASP E 272 -47.17 2.80 37.82
N PHE E 273 -47.55 4.01 38.26
CA PHE E 273 -46.74 4.77 39.24
C PHE E 273 -47.51 4.98 40.50
N GLN E 274 -46.84 4.81 41.64
CA GLN E 274 -47.46 5.07 42.94
C GLN E 274 -46.52 5.87 43.82
N ILE E 275 -46.96 7.06 44.22
CA ILE E 275 -46.21 7.86 45.17
C ILE E 275 -46.62 7.36 46.57
N GLU E 276 -45.65 6.98 47.37
CA GLU E 276 -45.93 6.40 48.68
C GLU E 276 -45.37 7.23 49.82
N GLY E 277 -46.18 7.48 50.85
CA GLY E 277 -45.75 8.18 52.06
C GLY E 277 -45.59 9.69 51.83
N TYR E 278 -46.43 10.29 50.97
CA TYR E 278 -46.34 11.72 50.70
C TYR E 278 -47.22 12.46 51.70
N ASN E 279 -46.61 13.28 52.51
CA ASN E 279 -47.30 13.95 53.62
C ASN E 279 -46.95 15.43 53.58
N PRO E 280 -47.43 16.12 52.54
CA PRO E 280 -47.09 17.52 52.44
C PRO E 280 -47.91 18.46 53.40
N HIS E 281 -47.32 19.57 53.74
CA HIS E 281 -48.03 20.72 54.29
C HIS E 281 -49.00 21.25 53.23
N PRO E 282 -50.00 22.05 53.60
CA PRO E 282 -51.00 22.51 52.60
C PRO E 282 -50.48 23.36 51.42
N THR E 283 -51.14 23.20 50.28
CA THR E 283 -51.00 24.07 49.11
C THR E 283 -50.92 25.52 49.52
N ILE E 284 -49.98 26.27 48.93
CA ILE E 284 -49.94 27.73 49.12
C ILE E 284 -50.26 28.31 47.76
N LYS E 285 -51.29 29.18 47.71
CA LYS E 285 -51.78 29.78 46.44
C LYS E 285 -50.71 30.76 46.02
N MET E 286 -50.21 30.61 44.80
CA MET E 286 -49.22 31.55 44.24
C MET E 286 -49.70 31.97 42.86
N GLU E 287 -50.10 33.22 42.68
CA GLU E 287 -50.62 33.66 41.41
C GLU E 287 -49.58 33.70 40.33
N MET E 288 -49.91 33.26 39.15
CA MET E 288 -48.98 33.30 38.05
C MET E 288 -48.99 34.61 37.29
N ALA E 289 -47.83 34.95 36.70
CA ALA E 289 -47.61 36.08 35.76
C ALA E 289 -48.86 36.65 35.08
N PRO F 3 43.72 12.80 -11.91
CA PRO F 3 42.88 11.79 -12.69
C PRO F 3 43.40 11.61 -14.15
N PRO F 4 43.65 10.37 -14.56
CA PRO F 4 44.65 10.20 -15.64
C PRO F 4 44.16 10.79 -16.99
N HIS F 5 45.10 11.32 -17.76
CA HIS F 5 44.82 12.21 -18.89
C HIS F 5 45.97 11.97 -19.90
N GLY F 6 45.61 12.21 -21.15
CA GLY F 6 46.55 12.13 -22.27
C GLY F 6 47.15 10.73 -22.36
N GLU F 7 48.46 10.70 -22.31
CA GLU F 7 49.20 9.48 -22.56
C GLU F 7 48.97 8.48 -21.47
N LEU F 8 48.62 8.96 -20.25
CA LEU F 8 48.36 8.04 -19.16
C LEU F 8 47.16 7.14 -19.46
N GLN F 9 46.25 7.57 -20.32
CA GLN F 9 45.17 6.66 -20.76
C GLN F 9 45.71 5.45 -21.50
N TYR F 10 46.61 5.68 -22.47
CA TYR F 10 47.21 4.60 -23.22
C TYR F 10 47.98 3.70 -22.31
N LEU F 11 48.80 4.30 -21.43
CA LEU F 11 49.64 3.49 -20.54
C LEU F 11 48.74 2.75 -19.55
N GLY F 12 47.65 3.38 -19.10
CA GLY F 12 46.67 2.67 -18.28
C GLY F 12 46.07 1.47 -18.96
N GLN F 13 45.86 1.55 -20.29
CA GLN F 13 45.33 0.41 -21.02
C GLN F 13 46.31 -0.74 -21.10
N ILE F 14 47.57 -0.41 -21.40
CA ILE F 14 48.64 -1.41 -21.38
C ILE F 14 48.64 -2.15 -20.00
N GLN F 15 48.62 -1.38 -18.92
CA GLN F 15 48.62 -1.96 -17.52
C GLN F 15 47.41 -2.85 -17.31
N HIS F 16 46.25 -2.39 -17.76
CA HIS F 16 45.02 -3.17 -17.61
C HIS F 16 45.12 -4.48 -18.35
N ILE F 17 45.65 -4.48 -19.57
CA ILE F 17 45.75 -5.73 -20.33
C ILE F 17 46.79 -6.68 -19.69
N LEU F 18 47.92 -6.15 -19.25
CA LEU F 18 48.93 -6.96 -18.55
C LEU F 18 48.32 -7.58 -17.30
N ARG F 19 47.53 -6.82 -16.55
CA ARG F 19 46.96 -7.34 -15.28
C ARG F 19 45.69 -8.20 -15.46
N CYS F 20 44.78 -7.80 -16.36
CA CYS F 20 43.48 -8.48 -16.56
C CYS F 20 43.25 -9.14 -17.91
N GLY F 21 44.21 -8.99 -18.83
CA GLY F 21 44.09 -9.62 -20.15
C GLY F 21 44.15 -11.10 -20.01
N VAL F 22 43.47 -11.79 -20.90
CA VAL F 22 43.44 -13.24 -20.91
C VAL F 22 44.28 -13.76 -22.06
N ARG F 23 44.92 -14.89 -21.87
CA ARG F 23 45.72 -15.49 -22.94
C ARG F 23 44.82 -15.92 -24.08
N LYS F 24 45.15 -15.52 -25.29
CA LYS F 24 44.28 -15.76 -26.45
C LYS F 24 45.17 -15.92 -27.65
N ASP F 25 45.01 -17.07 -28.31
CA ASP F 25 45.71 -17.36 -29.56
C ASP F 25 45.20 -16.51 -30.69
N ASP F 26 46.03 -16.37 -31.71
CA ASP F 26 45.71 -15.55 -32.86
C ASP F 26 46.21 -16.25 -34.10
N ARG F 27 45.74 -15.76 -35.25
CA ARG F 27 46.13 -16.21 -36.61
C ARG F 27 47.65 -16.45 -36.82
N THR F 28 48.47 -15.60 -36.22
CA THR F 28 49.93 -15.67 -36.39
C THR F 28 50.61 -16.76 -35.53
N GLY F 29 49.93 -17.35 -34.56
CA GLY F 29 50.56 -18.23 -33.60
C GLY F 29 51.47 -17.54 -32.57
N THR F 30 51.47 -16.20 -32.53
CA THR F 30 52.29 -15.47 -31.58
C THR F 30 51.69 -15.56 -30.17
N GLY F 31 50.37 -15.47 -30.08
CA GLY F 31 49.68 -15.44 -28.79
C GLY F 31 49.60 -13.99 -28.30
N THR F 32 48.57 -13.71 -27.53
CA THR F 32 48.32 -12.39 -26.98
C THR F 32 47.75 -12.51 -25.60
N LEU F 33 47.87 -11.44 -24.84
CA LEU F 33 46.98 -11.12 -23.75
C LEU F 33 45.94 -10.14 -24.33
N SER F 34 44.65 -10.43 -24.07
CA SER F 34 43.54 -9.80 -24.78
C SER F 34 42.42 -9.38 -23.81
N VAL F 35 41.90 -8.15 -24.02
CA VAL F 35 40.68 -7.64 -23.38
C VAL F 35 39.75 -7.22 -24.54
N PHE F 36 38.46 -7.59 -24.46
CA PHE F 36 37.47 -7.21 -25.44
C PHE F 36 36.68 -6.02 -24.90
N GLY F 37 36.75 -4.89 -25.61
CA GLY F 37 36.07 -3.66 -25.25
C GLY F 37 36.88 -2.75 -24.35
N MET F 38 37.50 -1.71 -24.90
CA MET F 38 38.13 -0.65 -24.11
C MET F 38 37.82 0.67 -24.75
N GLN F 39 38.03 1.74 -24.00
CA GLN F 39 37.79 3.09 -24.47
C GLN F 39 38.72 4.08 -23.76
N ALA F 40 39.34 4.97 -24.51
CA ALA F 40 40.19 6.01 -23.95
C ALA F 40 39.81 7.32 -24.59
N ARG F 41 40.02 8.44 -23.87
CA ARG F 41 39.69 9.76 -24.37
C ARG F 41 40.98 10.59 -24.40
N TYR F 42 41.28 11.23 -25.53
CA TYR F 42 42.49 12.03 -25.69
C TYR F 42 42.06 13.42 -26.04
N SER F 43 42.37 14.41 -25.18
CA SER F 43 42.06 15.79 -25.50
C SER F 43 42.91 16.22 -26.69
N LEU F 44 42.32 16.98 -27.58
CA LEU F 44 43.01 17.58 -28.73
C LEU F 44 43.18 19.11 -28.57
N ARG F 45 42.88 19.60 -27.36
CA ARG F 45 42.74 21.04 -27.13
C ARG F 45 44.12 21.57 -26.80
N ASP F 46 44.72 22.23 -27.77
N ASP F 46 44.74 22.25 -27.77
CA ASP F 46 46.06 22.82 -27.62
CA ASP F 46 46.11 22.82 -27.64
C ASP F 46 47.16 21.77 -27.37
C ASP F 46 47.22 21.79 -27.44
N GLU F 47 46.95 20.54 -27.81
CA GLU F 47 47.94 19.48 -27.72
C GLU F 47 47.58 18.41 -28.76
N PHE F 48 48.58 17.68 -29.21
CA PHE F 48 48.40 16.63 -30.22
C PHE F 48 48.96 15.33 -29.62
N PRO F 49 48.12 14.26 -29.55
CA PRO F 49 48.49 13.03 -28.87
C PRO F 49 49.41 12.07 -29.62
N LEU F 50 50.62 12.54 -29.87
CA LEU F 50 51.69 11.75 -30.42
C LEU F 50 52.51 11.28 -29.24
N LEU F 51 52.53 9.98 -29.00
CA LEU F 51 53.08 9.46 -27.76
C LEU F 51 54.56 9.77 -27.55
N THR F 52 54.89 10.07 -26.30
CA THR F 52 56.24 10.42 -25.87
C THR F 52 57.00 9.31 -25.19
N THR F 53 56.34 8.24 -24.68
CA THR F 53 57.11 7.18 -24.02
C THR F 53 57.84 6.25 -25.00
N LYS F 54 57.49 6.34 -26.27
CA LYS F 54 58.31 5.81 -27.34
C LYS F 54 58.01 6.60 -28.61
N ARG F 55 59.00 6.80 -29.47
CA ARG F 55 58.81 7.61 -30.67
C ARG F 55 57.82 6.94 -31.61
N VAL F 56 56.86 7.70 -32.09
CA VAL F 56 55.88 7.24 -33.06
C VAL F 56 56.32 7.67 -34.46
N PHE F 57 56.02 6.86 -35.46
CA PHE F 57 56.38 7.10 -36.86
C PHE F 57 55.45 8.12 -37.51
N TRP F 58 55.68 9.40 -37.15
CA TRP F 58 54.86 10.50 -37.59
C TRP F 58 54.84 10.66 -39.11
N LYS F 59 55.99 10.48 -39.75
CA LYS F 59 56.02 10.54 -41.20
C LYS F 59 55.01 9.56 -41.82
N GLY F 60 55.03 8.32 -41.29
CA GLY F 60 54.09 7.29 -41.73
C GLY F 60 52.64 7.68 -41.51
N VAL F 61 52.34 8.23 -40.31
CA VAL F 61 50.98 8.69 -40.00
C VAL F 61 50.46 9.69 -41.06
N LEU F 62 51.27 10.73 -41.30
CA LEU F 62 50.88 11.81 -42.16
C LEU F 62 50.76 11.38 -43.62
N GLU F 63 51.76 10.68 -44.14
CA GLU F 63 51.71 10.22 -45.56
C GLU F 63 50.59 9.18 -45.78
N GLU F 64 50.41 8.26 -44.83
CA GLU F 64 49.29 7.28 -44.96
C GLU F 64 47.96 8.02 -45.00
N LEU F 65 47.78 9.02 -44.14
CA LEU F 65 46.50 9.70 -44.14
C LEU F 65 46.23 10.47 -45.43
N LEU F 66 47.25 11.12 -45.95
CA LEU F 66 47.13 11.84 -47.21
C LEU F 66 46.80 10.86 -48.34
N TRP F 67 47.39 9.68 -48.27
CA TRP F 67 47.12 8.62 -49.26
C TRP F 67 45.66 8.11 -49.22
N PHE F 68 45.11 8.00 -48.02
CA PHE F 68 43.71 7.65 -47.79
C PHE F 68 42.82 8.72 -48.39
N ILE F 69 43.12 9.97 -48.08
CA ILE F 69 42.31 11.10 -48.53
C ILE F 69 42.24 11.18 -50.08
N LYS F 70 43.34 10.90 -50.78
CA LYS F 70 43.34 10.93 -52.22
C LYS F 70 42.59 9.72 -52.81
N GLY F 71 42.17 8.78 -51.96
CA GLY F 71 41.44 7.65 -52.43
C GLY F 71 42.27 6.50 -52.96
N SER F 72 43.57 6.53 -52.70
CA SER F 72 44.44 5.55 -53.32
C SER F 72 44.29 4.18 -52.64
N THR F 73 44.46 3.15 -53.44
CA THR F 73 44.51 1.78 -52.98
C THR F 73 45.79 1.09 -53.49
N ASN F 74 46.78 1.89 -53.81
CA ASN F 74 48.02 1.44 -54.40
C ASN F 74 49.17 1.57 -53.39
N ALA F 75 49.63 0.43 -52.86
CA ALA F 75 50.70 0.42 -51.86
C ALA F 75 51.97 1.06 -52.39
N LYS F 76 52.24 0.90 -53.69
CA LYS F 76 53.41 1.47 -54.34
C LYS F 76 53.45 2.99 -54.25
N GLU F 77 52.31 3.62 -54.31
CA GLU F 77 52.20 5.05 -54.21
C GLU F 77 52.52 5.61 -52.79
N LEU F 78 52.18 4.86 -51.76
CA LEU F 78 52.56 5.18 -50.39
C LEU F 78 54.05 4.86 -50.21
N SER F 79 54.49 3.70 -50.68
CA SER F 79 55.92 3.27 -50.65
C SER F 79 56.87 4.31 -51.28
N SER F 80 56.38 4.98 -52.30
CA SER F 80 57.19 5.97 -53.03
C SER F 80 57.53 7.15 -52.13
N LYS F 81 56.71 7.36 -51.11
CA LYS F 81 56.94 8.41 -50.10
C LYS F 81 57.83 7.96 -48.94
N GLY F 82 58.45 6.79 -49.02
CA GLY F 82 59.29 6.27 -47.93
C GLY F 82 58.54 5.57 -46.79
N VAL F 83 57.25 5.25 -47.01
CA VAL F 83 56.38 4.64 -45.99
C VAL F 83 55.98 3.26 -46.49
N LYS F 84 56.54 2.24 -45.87
CA LYS F 84 56.52 0.88 -46.37
C LYS F 84 55.44 -0.02 -45.69
N ILE F 85 54.59 0.58 -44.88
CA ILE F 85 53.75 -0.21 -43.97
C ILE F 85 52.69 -1.07 -44.68
N TRP F 86 52.35 -0.76 -45.90
CA TRP F 86 51.40 -1.58 -46.63
C TRP F 86 52.04 -2.46 -47.74
N ASP F 87 53.35 -2.44 -47.85
CA ASP F 87 54.01 -3.11 -48.97
C ASP F 87 53.89 -4.66 -48.92
N ALA F 88 54.10 -5.24 -47.76
CA ALA F 88 53.92 -6.67 -47.58
C ALA F 88 52.50 -7.15 -47.97
N ASN F 89 51.48 -6.33 -47.73
CA ASN F 89 50.10 -6.75 -48.07
C ASN F 89 49.76 -6.57 -49.53
N GLY F 90 50.62 -5.92 -50.29
CA GLY F 90 50.46 -5.80 -51.72
C GLY F 90 51.41 -6.67 -52.53
N SER F 91 52.25 -7.45 -51.88
CA SER F 91 53.24 -8.26 -52.57
C SER F 91 52.60 -9.36 -53.40
N ARG F 92 53.34 -9.87 -54.36
CA ARG F 92 52.87 -10.93 -55.24
C ARG F 92 52.48 -12.12 -54.42
N ASP F 93 53.33 -12.48 -53.48
CA ASP F 93 53.06 -13.65 -52.70
C ASP F 93 51.80 -13.54 -51.85
N PHE F 94 51.65 -12.39 -51.16
CA PHE F 94 50.48 -12.19 -50.32
C PHE F 94 49.16 -12.12 -51.11
N LEU F 95 49.16 -11.40 -52.23
CA LEU F 95 48.01 -11.34 -53.11
C LEU F 95 47.62 -12.76 -53.62
N ASP F 96 48.62 -13.53 -54.05
CA ASP F 96 48.37 -14.92 -54.50
C ASP F 96 47.84 -15.78 -53.35
N SER F 97 48.36 -15.61 -52.15
CA SER F 97 47.86 -16.33 -50.96
C SER F 97 46.35 -16.11 -50.71
N LEU F 98 45.80 -14.99 -51.17
CA LEU F 98 44.37 -14.67 -51.07
C LEU F 98 43.58 -15.04 -52.32
N GLY F 99 44.23 -15.63 -53.32
CA GLY F 99 43.59 -15.99 -54.54
C GLY F 99 43.55 -14.89 -55.54
N PHE F 100 44.31 -13.82 -55.35
CA PHE F 100 44.26 -12.66 -56.27
C PHE F 100 45.39 -12.74 -57.30
N SER F 101 45.49 -13.88 -58.00
CA SER F 101 46.63 -14.09 -58.91
C SER F 101 46.60 -13.14 -60.11
N THR F 102 45.44 -12.61 -60.50
CA THR F 102 45.43 -11.76 -61.69
C THR F 102 45.73 -10.30 -61.33
N ARG F 103 45.78 -10.01 -60.03
CA ARG F 103 45.94 -8.64 -59.58
C ARG F 103 47.38 -8.17 -59.63
N GLU F 104 47.59 -6.93 -60.05
CA GLU F 104 48.92 -6.31 -60.07
C GLU F 104 49.52 -6.12 -58.65
N GLU F 105 50.82 -6.29 -58.52
CA GLU F 105 51.49 -6.04 -57.30
C GLU F 105 51.24 -4.59 -56.82
N GLY F 106 51.01 -4.45 -55.52
CA GLY F 106 50.58 -3.16 -54.94
C GLY F 106 49.07 -2.89 -54.83
N ASP F 107 48.26 -3.63 -55.56
CA ASP F 107 46.82 -3.38 -55.59
C ASP F 107 46.17 -4.06 -54.38
N LEU F 108 45.91 -3.25 -53.38
CA LEU F 108 45.31 -3.71 -52.16
C LEU F 108 43.81 -3.98 -52.28
N GLY F 109 43.20 -3.65 -53.40
CA GLY F 109 41.78 -3.81 -53.54
C GLY F 109 41.01 -2.67 -52.91
N PRO F 110 39.71 -2.82 -52.70
CA PRO F 110 38.91 -1.72 -52.18
C PRO F 110 39.04 -1.44 -50.66
N VAL F 111 40.21 -1.02 -50.25
CA VAL F 111 40.49 -0.68 -48.86
C VAL F 111 40.14 0.79 -48.53
N TYR F 112 40.59 1.30 -47.39
CA TYR F 112 40.25 2.61 -46.87
C TYR F 112 39.96 3.75 -47.83
N GLY F 113 40.93 4.03 -48.66
CA GLY F 113 40.80 5.07 -49.62
C GLY F 113 39.58 4.96 -50.51
N PHE F 114 39.34 3.78 -51.02
CA PHE F 114 38.22 3.54 -51.88
C PHE F 114 36.91 3.70 -51.13
N GLN F 115 36.82 3.06 -49.98
CA GLN F 115 35.63 3.14 -49.16
C GLN F 115 35.28 4.58 -48.75
N TRP F 116 36.27 5.33 -48.32
CA TRP F 116 36.08 6.70 -47.86
C TRP F 116 35.58 7.65 -48.93
N ARG F 117 36.04 7.47 -50.15
CA ARG F 117 35.68 8.37 -51.23
C ARG F 117 34.66 7.81 -52.24
N HIS F 118 34.49 6.47 -52.29
CA HIS F 118 33.66 5.77 -53.33
C HIS F 118 32.86 4.56 -52.82
N PHE F 119 32.38 4.65 -51.59
CA PHE F 119 31.68 3.51 -50.98
C PHE F 119 30.54 3.05 -51.90
N GLY F 120 30.57 1.79 -52.23
CA GLY F 120 29.50 1.18 -53.00
C GLY F 120 29.76 1.13 -54.50
N ALA F 121 30.77 1.83 -55.01
CA ALA F 121 31.14 1.71 -56.40
C ALA F 121 31.72 0.34 -56.63
N GLU F 122 31.78 -0.06 -57.88
CA GLU F 122 32.34 -1.33 -58.25
C GLU F 122 33.83 -1.23 -58.42
N TYR F 123 34.57 -1.96 -57.63
CA TYR F 123 36.00 -1.91 -57.73
C TYR F 123 36.54 -2.68 -58.93
N ARG F 124 37.50 -2.10 -59.65
CA ARG F 124 38.14 -2.76 -60.78
C ARG F 124 39.61 -2.97 -60.45
N ASP F 125 40.45 -1.95 -60.59
CA ASP F 125 41.81 -2.04 -60.06
C ASP F 125 42.26 -0.70 -59.50
N MET F 126 43.47 -0.70 -58.96
CA MET F 126 44.02 0.49 -58.29
C MET F 126 44.25 1.68 -59.21
N GLU F 127 44.34 1.43 -60.53
CA GLU F 127 44.54 2.52 -61.50
C GLU F 127 43.27 3.07 -62.11
N SER F 128 42.10 2.49 -61.84
CA SER F 128 40.86 2.93 -62.51
C SER F 128 40.36 4.30 -62.02
N ASP F 129 39.57 4.95 -62.85
CA ASP F 129 38.98 6.24 -62.54
C ASP F 129 37.64 5.93 -61.89
N TYR F 130 37.47 6.37 -60.64
CA TYR F 130 36.19 6.21 -59.93
C TYR F 130 35.46 7.53 -59.73
N SER F 131 35.83 8.59 -60.43
CA SER F 131 35.23 9.94 -60.22
C SER F 131 33.74 9.91 -60.33
N GLY F 132 33.07 10.51 -59.38
CA GLY F 132 31.61 10.48 -59.36
C GLY F 132 30.98 9.14 -59.01
N GLN F 133 31.75 8.09 -58.72
CA GLN F 133 31.15 6.78 -58.44
C GLN F 133 31.15 6.57 -56.92
N GLY F 134 30.02 6.07 -56.42
CA GLY F 134 29.87 5.67 -55.03
C GLY F 134 29.69 6.85 -54.12
N VAL F 135 29.62 6.60 -52.83
CA VAL F 135 29.38 7.66 -51.85
C VAL F 135 30.73 8.26 -51.37
N ASP F 136 30.85 9.56 -51.54
CA ASP F 136 32.04 10.26 -51.02
C ASP F 136 31.79 10.56 -49.54
N GLN F 137 32.10 9.60 -48.68
CA GLN F 137 31.76 9.78 -47.27
C GLN F 137 32.55 10.92 -46.63
N LEU F 138 33.80 11.07 -47.03
CA LEU F 138 34.64 12.09 -46.41
C LEU F 138 34.10 13.48 -46.69
N GLN F 139 33.76 13.77 -47.94
CA GLN F 139 33.20 15.09 -48.26
C GLN F 139 31.82 15.26 -47.64
N ARG F 140 31.01 14.20 -47.57
CA ARG F 140 29.71 14.32 -46.93
C ARG F 140 29.82 14.59 -45.42
N VAL F 141 30.77 13.98 -44.74
CA VAL F 141 31.07 14.33 -43.32
C VAL F 141 31.37 15.83 -43.18
N ILE F 142 32.27 16.33 -44.01
CA ILE F 142 32.66 17.74 -43.98
C ILE F 142 31.46 18.68 -44.23
N ASP F 143 30.65 18.36 -45.24
CA ASP F 143 29.45 19.15 -45.59
C ASP F 143 28.44 19.19 -44.46
N THR F 144 28.21 18.03 -43.83
CA THR F 144 27.30 17.91 -42.68
C THR F 144 27.78 18.71 -41.48
N ILE F 145 29.07 18.65 -41.19
CA ILE F 145 29.60 19.43 -40.08
C ILE F 145 29.35 20.94 -40.28
N LYS F 146 29.56 21.40 -41.50
CA LYS F 146 29.30 22.79 -41.87
C LYS F 146 27.83 23.16 -41.81
N THR F 147 26.94 22.35 -42.36
CA THR F 147 25.53 22.74 -42.45
C THR F 147 24.65 22.28 -41.30
N ASN F 148 25.00 21.18 -40.63
CA ASN F 148 24.16 20.68 -39.58
C ASN F 148 25.01 20.04 -38.47
N PRO F 149 25.73 20.86 -37.69
CA PRO F 149 26.67 20.35 -36.73
C PRO F 149 26.07 19.47 -35.62
N ASP F 150 24.78 19.64 -35.32
CA ASP F 150 24.11 18.83 -34.29
C ASP F 150 23.84 17.38 -34.73
N ASP F 151 24.02 17.11 -36.01
CA ASP F 151 23.69 15.80 -36.59
C ASP F 151 24.41 14.67 -35.87
N ARG F 152 23.65 13.63 -35.56
CA ARG F 152 24.20 12.49 -34.84
C ARG F 152 24.47 11.26 -35.73
N ARG F 153 24.57 11.50 -37.03
CA ARG F 153 24.86 10.49 -38.05
C ARG F 153 26.08 10.84 -38.88
N ILE F 154 27.03 11.57 -38.30
CA ILE F 154 28.18 12.03 -39.05
C ILE F 154 29.21 10.90 -39.01
N ILE F 155 29.07 9.97 -39.95
CA ILE F 155 29.80 8.69 -39.90
C ILE F 155 30.58 8.49 -41.17
N MET F 156 31.79 7.97 -41.03
CA MET F 156 32.57 7.47 -42.15
C MET F 156 32.93 6.00 -41.87
N CYS F 157 32.47 5.10 -42.74
CA CYS F 157 32.58 3.65 -42.49
C CYS F 157 33.44 2.99 -43.58
N ALA F 158 34.49 2.33 -43.19
CA ALA F 158 35.33 1.59 -44.10
C ALA F 158 34.94 0.11 -44.19
N TRP F 159 34.11 -0.36 -43.27
CA TRP F 159 33.67 -1.78 -43.22
C TRP F 159 32.59 -1.93 -44.27
N ASN F 160 32.89 -2.68 -45.33
CA ASN F 160 31.95 -2.87 -46.42
C ASN F 160 31.88 -4.37 -46.65
N PRO F 161 30.88 -5.02 -46.07
CA PRO F 161 30.79 -6.50 -46.19
C PRO F 161 30.77 -7.03 -47.63
N ARG F 162 30.18 -6.29 -48.55
CA ARG F 162 30.20 -6.70 -49.97
C ARG F 162 31.62 -6.77 -50.55
N ASP F 163 32.43 -5.79 -50.18
CA ASP F 163 33.78 -5.66 -50.66
C ASP F 163 34.85 -6.37 -49.91
N LEU F 164 34.57 -6.87 -48.70
CA LEU F 164 35.59 -7.56 -47.90
C LEU F 164 36.39 -8.65 -48.60
N PRO F 165 35.73 -9.53 -49.36
CA PRO F 165 36.53 -10.62 -50.01
C PRO F 165 37.57 -10.12 -51.01
N LEU F 166 37.44 -8.89 -51.48
CA LEU F 166 38.36 -8.30 -52.43
C LEU F 166 39.52 -7.53 -51.78
N MET F 167 39.35 -7.19 -50.52
CA MET F 167 40.38 -6.47 -49.81
C MET F 167 41.60 -7.30 -49.44
N ALA F 168 42.76 -6.68 -49.47
CA ALA F 168 43.98 -7.34 -49.04
C ALA F 168 43.94 -7.61 -47.53
N LEU F 169 43.31 -6.72 -46.78
CA LEU F 169 43.11 -6.90 -45.37
C LEU F 169 41.75 -6.31 -44.98
N PRO F 170 41.00 -7.00 -44.11
CA PRO F 170 39.76 -6.34 -43.62
C PRO F 170 40.16 -5.13 -42.77
N PRO F 171 39.48 -4.02 -42.96
CA PRO F 171 39.81 -2.82 -42.22
C PRO F 171 39.74 -2.95 -40.71
N CYS F 172 40.78 -2.48 -40.07
CA CYS F 172 40.85 -2.39 -38.66
C CYS F 172 40.00 -1.26 -38.08
N HIS F 173 39.98 -0.15 -38.76
CA HIS F 173 39.22 1.02 -38.38
C HIS F 173 37.99 0.94 -39.14
N ALA F 174 37.06 0.32 -38.48
CA ALA F 174 35.84 -0.06 -39.14
C ALA F 174 35.04 1.17 -39.44
N LEU F 175 34.99 2.09 -38.48
CA LEU F 175 34.26 3.31 -38.66
C LEU F 175 34.65 4.38 -37.68
N CYS F 176 34.28 5.59 -38.07
CA CYS F 176 34.43 6.73 -37.20
C CYS F 176 33.24 7.64 -37.28
N GLN F 177 33.04 8.38 -36.20
CA GLN F 177 31.90 9.26 -36.02
C GLN F 177 32.42 10.60 -35.51
N PHE F 178 31.85 11.69 -36.05
CA PHE F 178 32.22 13.02 -35.63
C PHE F 178 31.06 13.64 -34.86
N TYR F 179 31.40 14.63 -34.06
CA TYR F 179 30.45 15.27 -33.15
C TYR F 179 30.90 16.71 -32.94
N VAL F 180 29.92 17.62 -32.88
CA VAL F 180 30.19 19.03 -32.69
C VAL F 180 29.33 19.55 -31.55
N VAL F 181 29.99 20.23 -30.61
CA VAL F 181 29.30 21.04 -29.61
C VAL F 181 30.23 22.18 -29.17
N ASN F 182 29.67 23.36 -28.89
CA ASN F 182 30.47 24.52 -28.41
C ASN F 182 31.64 24.83 -29.30
N SER F 183 31.44 24.75 -30.60
CA SER F 183 32.45 24.97 -31.64
C SER F 183 33.68 24.04 -31.59
N GLU F 184 33.53 22.87 -30.94
CA GLU F 184 34.58 21.86 -30.87
C GLU F 184 34.15 20.59 -31.64
N LEU F 185 35.08 20.11 -32.47
CA LEU F 185 34.91 18.88 -33.25
C LEU F 185 35.57 17.70 -32.55
N SER F 186 34.76 16.70 -32.18
CA SER F 186 35.27 15.46 -31.64
C SER F 186 35.09 14.29 -32.65
N CYS F 187 35.89 13.25 -32.46
CA CYS F 187 35.91 12.06 -33.30
C CYS F 187 36.01 10.82 -32.42
N GLN F 188 35.17 9.82 -32.70
CA GLN F 188 35.31 8.50 -32.07
C GLN F 188 35.60 7.46 -33.15
N LEU F 189 36.64 6.66 -32.91
CA LEU F 189 37.04 5.57 -33.77
C LEU F 189 36.59 4.27 -33.18
N TYR F 190 35.96 3.42 -34.01
CA TYR F 190 35.71 2.02 -33.63
C TYR F 190 36.80 1.18 -34.30
N GLN F 191 37.76 0.76 -33.51
CA GLN F 191 38.86 -0.09 -34.00
C GLN F 191 38.60 -1.51 -33.55
N ARG F 192 38.33 -2.39 -34.49
CA ARG F 192 37.98 -3.79 -34.17
C ARG F 192 39.09 -4.59 -33.53
N SER F 193 40.32 -4.17 -33.77
CA SER F 193 41.49 -4.96 -33.41
C SER F 193 42.65 -4.04 -33.25
N GLY F 194 43.26 -4.09 -32.09
CA GLY F 194 44.33 -3.19 -31.70
C GLY F 194 45.59 -3.88 -31.18
N ASP F 195 46.67 -3.79 -31.98
CA ASP F 195 47.99 -4.21 -31.56
C ASP F 195 48.51 -3.10 -30.70
N MET F 196 48.42 -3.28 -29.39
CA MET F 196 48.65 -2.15 -28.49
C MET F 196 50.07 -1.59 -28.56
N GLY F 197 51.06 -2.47 -28.74
CA GLY F 197 52.45 -2.05 -28.82
C GLY F 197 52.79 -1.33 -30.13
N LEU F 198 52.44 -1.93 -31.26
CA LEU F 198 52.89 -1.46 -32.58
C LEU F 198 51.89 -0.60 -33.36
N GLY F 199 50.60 -0.94 -33.31
CA GLY F 199 49.59 -0.25 -34.11
C GLY F 199 48.94 0.94 -33.44
N VAL F 200 48.49 0.75 -32.21
CA VAL F 200 47.62 1.69 -31.54
C VAL F 200 48.19 3.11 -31.40
N PRO F 201 49.46 3.28 -31.02
CA PRO F 201 50.01 4.66 -30.96
C PRO F 201 49.91 5.40 -32.31
N PHE F 202 50.16 4.65 -33.37
CA PHE F 202 50.09 5.20 -34.72
C PHE F 202 48.63 5.52 -35.06
N ASN F 203 47.72 4.59 -34.75
CA ASN F 203 46.30 4.76 -35.04
C ASN F 203 45.69 6.00 -34.30
N ILE F 204 46.10 6.18 -33.04
CA ILE F 204 45.67 7.39 -32.28
C ILE F 204 46.08 8.65 -33.03
N ALA F 205 47.35 8.69 -33.42
CA ALA F 205 47.83 9.86 -34.16
C ALA F 205 47.08 10.07 -35.48
N SER F 206 46.77 9.01 -36.22
CA SER F 206 46.07 9.16 -37.51
C SER F 206 44.74 9.84 -37.37
N TYR F 207 43.95 9.39 -36.41
CA TYR F 207 42.59 9.92 -36.27
C TYR F 207 42.58 11.27 -35.56
N ALA F 208 43.54 11.52 -34.66
CA ALA F 208 43.73 12.87 -34.14
C ALA F 208 44.07 13.85 -35.28
N LEU F 209 44.94 13.42 -36.19
CA LEU F 209 45.31 14.23 -37.36
C LEU F 209 44.11 14.52 -38.26
N LEU F 210 43.32 13.48 -38.53
CA LEU F 210 42.16 13.65 -39.37
C LEU F 210 41.24 14.66 -38.74
N THR F 211 41.08 14.59 -37.40
CA THR F 211 40.23 15.53 -36.70
C THR F 211 40.75 16.97 -36.79
N TYR F 212 42.08 17.13 -36.66
CA TYR F 212 42.69 18.45 -36.86
C TYR F 212 42.41 18.97 -38.25
N MET F 213 42.55 18.10 -39.25
CA MET F 213 42.29 18.48 -40.63
C MET F 213 40.87 18.93 -40.86
N ILE F 214 39.90 18.12 -40.42
CA ILE F 214 38.50 18.46 -40.66
C ILE F 214 38.09 19.71 -39.85
N ALA F 215 38.59 19.84 -38.62
CA ALA F 215 38.35 21.08 -37.81
C ALA F 215 38.87 22.35 -38.52
N HIS F 216 40.04 22.24 -39.13
CA HIS F 216 40.64 23.37 -39.87
C HIS F 216 39.76 23.77 -41.07
N ILE F 217 39.34 22.77 -41.85
CA ILE F 217 38.44 22.96 -42.99
C ILE F 217 37.10 23.59 -42.59
N THR F 218 36.58 23.23 -41.42
CA THR F 218 35.20 23.61 -41.04
C THR F 218 35.16 24.81 -40.13
N GLY F 219 36.31 25.34 -39.74
CA GLY F 219 36.38 26.48 -38.86
C GLY F 219 36.07 26.16 -37.39
N LEU F 220 36.32 24.92 -36.95
CA LEU F 220 36.08 24.51 -35.60
C LEU F 220 37.38 24.23 -34.86
N LYS F 221 37.32 24.10 -33.55
CA LYS F 221 38.50 23.77 -32.72
C LYS F 221 38.47 22.26 -32.44
N PRO F 222 39.61 21.59 -32.48
CA PRO F 222 39.63 20.18 -32.10
C PRO F 222 39.21 19.98 -30.64
N GLY F 223 38.41 18.94 -30.40
CA GLY F 223 37.87 18.62 -29.12
C GLY F 223 38.51 17.43 -28.48
N ASP F 224 37.81 16.29 -28.55
CA ASP F 224 38.36 15.03 -28.08
C ASP F 224 38.46 14.02 -29.21
N PHE F 225 39.42 13.13 -29.05
CA PHE F 225 39.46 11.87 -29.80
C PHE F 225 39.14 10.74 -28.81
N ILE F 226 38.11 9.99 -29.13
CA ILE F 226 37.70 8.87 -28.32
C ILE F 226 38.08 7.61 -29.08
N HIS F 227 38.90 6.79 -28.45
CA HIS F 227 39.42 5.58 -29.08
C HIS F 227 38.72 4.40 -28.48
N THR F 228 37.89 3.72 -29.29
CA THR F 228 37.22 2.54 -28.85
C THR F 228 37.80 1.32 -29.52
N LEU F 229 38.09 0.30 -28.71
CA LEU F 229 38.64 -0.94 -29.19
C LEU F 229 37.75 -2.12 -29.00
N GLY F 230 37.79 -3.01 -29.98
CA GLY F 230 37.30 -4.35 -29.89
C GLY F 230 38.31 -5.27 -29.20
N ASP F 231 39.00 -6.13 -29.96
CA ASP F 231 40.04 -6.98 -29.38
C ASP F 231 41.30 -6.11 -29.17
N ALA F 232 41.48 -5.65 -27.94
CA ALA F 232 42.64 -4.88 -27.51
C ALA F 232 43.67 -5.86 -26.99
N HIS F 233 44.81 -5.96 -27.66
CA HIS F 233 45.73 -7.05 -27.33
C HIS F 233 47.21 -6.65 -27.32
N ILE F 234 47.97 -7.33 -26.44
CA ILE F 234 49.43 -7.21 -26.37
C ILE F 234 50.00 -8.55 -26.86
N TYR F 235 50.78 -8.52 -27.92
CA TYR F 235 51.48 -9.73 -28.36
C TYR F 235 52.46 -10.13 -27.26
N LEU F 236 52.58 -11.44 -27.03
CA LEU F 236 53.41 -11.95 -25.92
C LEU F 236 54.87 -11.46 -25.99
N ASN F 237 55.42 -11.38 -27.20
CA ASN F 237 56.77 -10.88 -27.39
C ASN F 237 56.90 -9.36 -27.27
N HIS F 238 55.81 -8.63 -26.95
CA HIS F 238 55.90 -7.20 -26.68
C HIS F 238 55.81 -6.96 -25.19
N ILE F 239 55.63 -8.01 -24.39
CA ILE F 239 55.44 -7.76 -22.95
C ILE F 239 56.65 -7.07 -22.28
N GLU F 240 57.84 -7.61 -22.48
CA GLU F 240 59.05 -7.04 -21.86
C GLU F 240 59.37 -5.62 -22.43
N PRO F 241 59.33 -5.45 -23.78
CA PRO F 241 59.46 -4.08 -24.27
C PRO F 241 58.47 -3.07 -23.65
N LEU F 242 57.21 -3.50 -23.47
CA LEU F 242 56.18 -2.58 -22.94
C LEU F 242 56.44 -2.29 -21.48
N LYS F 243 56.94 -3.28 -20.75
CA LYS F 243 57.31 -3.04 -19.34
C LYS F 243 58.46 -2.03 -19.23
N ILE F 244 59.41 -2.08 -20.16
CA ILE F 244 60.42 -1.00 -20.26
C ILE F 244 59.71 0.35 -20.51
N GLN F 245 58.79 0.38 -21.47
CA GLN F 245 58.10 1.64 -21.78
C GLN F 245 57.36 2.22 -20.60
N LEU F 246 56.69 1.34 -19.84
CA LEU F 246 55.91 1.76 -18.67
C LEU F 246 56.75 2.40 -17.56
N GLN F 247 58.06 2.17 -17.55
CA GLN F 247 58.97 2.80 -16.60
C GLN F 247 59.28 4.24 -16.96
N ARG F 248 58.89 4.71 -18.16
CA ARG F 248 59.30 6.03 -18.62
C ARG F 248 58.26 7.05 -18.25
N GLU F 249 58.73 8.23 -17.85
CA GLU F 249 57.88 9.34 -17.51
C GLU F 249 57.40 10.04 -18.78
N PRO F 250 56.10 10.28 -18.96
CA PRO F 250 55.69 10.94 -20.23
C PRO F 250 56.14 12.38 -20.22
N ARG F 251 56.45 12.90 -21.38
CA ARG F 251 56.75 14.32 -21.52
C ARG F 251 55.45 14.93 -22.02
N PRO F 252 55.24 16.24 -21.81
CA PRO F 252 54.08 16.89 -22.40
C PRO F 252 53.98 16.60 -23.92
N PHE F 253 52.75 16.37 -24.37
CA PHE F 253 52.46 16.19 -25.76
C PHE F 253 52.93 17.37 -26.59
N PRO F 254 53.31 17.11 -27.87
CA PRO F 254 53.61 18.22 -28.75
C PRO F 254 52.36 18.95 -29.15
N LYS F 255 52.54 20.00 -29.94
CA LYS F 255 51.46 20.68 -30.62
C LYS F 255 51.61 20.42 -32.13
N LEU F 256 50.49 20.52 -32.84
CA LEU F 256 50.47 20.39 -34.29
C LEU F 256 50.06 21.73 -34.83
N ARG F 257 50.87 22.30 -35.72
CA ARG F 257 50.57 23.52 -36.43
C ARG F 257 50.25 23.25 -37.89
N ILE F 258 49.22 23.89 -38.37
CA ILE F 258 48.85 23.87 -39.75
C ILE F 258 49.33 25.22 -40.30
N LEU F 259 50.17 25.18 -41.33
CA LEU F 259 50.98 26.34 -41.71
C LEU F 259 50.38 27.30 -42.69
N ARG F 260 49.19 27.00 -43.22
CA ARG F 260 48.48 27.91 -44.11
C ARG F 260 47.00 27.61 -44.06
N LYS F 261 46.22 28.53 -44.59
CA LYS F 261 44.77 28.35 -44.65
C LYS F 261 44.46 27.40 -45.80
N VAL F 262 43.79 26.27 -45.55
CA VAL F 262 43.48 25.30 -46.58
C VAL F 262 41.95 25.18 -46.65
N GLU F 263 41.41 25.16 -47.86
CA GLU F 263 39.98 25.27 -48.12
C GLU F 263 39.28 23.94 -48.29
N LYS F 264 39.96 22.96 -48.90
CA LYS F 264 39.36 21.68 -49.19
C LYS F 264 40.29 20.61 -48.66
N ILE F 265 39.70 19.53 -48.16
CA ILE F 265 40.50 18.45 -47.55
C ILE F 265 41.51 17.88 -48.54
N ASP F 266 41.15 17.85 -49.84
CA ASP F 266 42.05 17.33 -50.88
C ASP F 266 43.33 18.14 -51.13
N ASP F 267 43.35 19.41 -50.68
CA ASP F 267 44.48 20.33 -50.91
C ASP F 267 45.58 20.26 -49.85
N PHE F 268 45.34 19.56 -48.73
CA PHE F 268 46.41 19.41 -47.73
C PHE F 268 47.57 18.68 -48.33
N LYS F 269 48.78 19.12 -47.99
CA LYS F 269 50.03 18.48 -48.37
C LYS F 269 50.86 18.26 -47.12
N ALA F 270 51.81 17.33 -47.18
CA ALA F 270 52.62 17.01 -46.03
C ALA F 270 53.33 18.26 -45.43
N GLU F 271 53.77 19.17 -46.30
CA GLU F 271 54.52 20.35 -45.87
C GLU F 271 53.66 21.36 -45.10
N ASP F 272 52.33 21.20 -45.14
CA ASP F 272 51.45 22.07 -44.42
C ASP F 272 51.46 21.84 -42.91
N PHE F 273 52.09 20.76 -42.44
CA PHE F 273 51.95 20.35 -41.04
C PHE F 273 53.28 20.42 -40.34
N GLN F 274 53.30 20.95 -39.12
CA GLN F 274 54.52 20.99 -38.32
C GLN F 274 54.24 20.51 -36.89
N ILE F 275 54.90 19.45 -36.50
CA ILE F 275 54.83 18.96 -35.12
C ILE F 275 55.84 19.78 -34.31
N GLU F 276 55.38 20.42 -33.26
CA GLU F 276 56.23 21.32 -32.47
C GLU F 276 56.39 20.82 -31.03
N GLY F 277 57.62 20.80 -30.54
CA GLY F 277 57.91 20.44 -29.15
C GLY F 277 57.79 18.92 -28.90
N TYR F 278 58.11 18.09 -29.90
CA TYR F 278 58.01 16.63 -29.74
C TYR F 278 59.32 16.11 -29.19
N ASN F 279 59.30 15.57 -27.99
CA ASN F 279 60.50 15.15 -27.27
C ASN F 279 60.27 13.74 -26.77
N PRO F 280 60.18 12.77 -27.70
CA PRO F 280 59.96 11.40 -27.24
C PRO F 280 61.22 10.72 -26.66
N HIS F 281 61.01 9.77 -25.78
CA HIS F 281 62.00 8.78 -25.42
C HIS F 281 62.30 7.93 -26.67
N PRO F 282 63.43 7.19 -26.69
CA PRO F 282 63.76 6.40 -27.90
C PRO F 282 62.78 5.29 -28.32
N THR F 283 62.70 5.07 -29.63
CA THR F 283 62.05 3.89 -30.23
C THR F 283 62.38 2.63 -29.44
N ILE F 284 61.36 1.81 -29.21
CA ILE F 284 61.55 0.49 -28.61
C ILE F 284 61.19 -0.51 -29.70
N LYS F 285 62.13 -1.44 -29.97
CA LYS F 285 62.00 -2.44 -31.02
C LYS F 285 60.89 -3.39 -30.60
N MET F 286 59.88 -3.52 -31.46
CA MET F 286 58.76 -4.43 -31.23
C MET F 286 58.56 -5.23 -32.51
N GLU F 287 58.81 -6.55 -32.47
CA GLU F 287 58.72 -7.39 -33.67
C GLU F 287 57.24 -7.47 -34.07
N MET F 288 56.95 -7.23 -35.34
CA MET F 288 55.59 -7.41 -35.82
C MET F 288 55.18 -8.88 -36.01
N ALA F 289 53.97 -9.21 -35.56
CA ALA F 289 53.46 -10.57 -35.73
C ALA F 289 53.20 -11.03 -37.18
N VAL F 290 52.46 -10.37 -38.07
CA VAL F 290 52.11 -11.08 -39.35
C VAL F 290 53.20 -10.93 -40.42
N1 UMP G . -0.50 -9.83 1.67
C2 UMP G . -1.15 -9.95 2.93
N3 UMP G . -2.58 -9.97 2.83
C4 UMP G . -3.33 -9.93 1.64
C5 UMP G . -2.63 -9.81 0.33
C6 UMP G . -1.21 -9.81 0.40
O2 UMP G . -0.57 -10.01 4.01
O4 UMP G . -4.55 -9.97 1.74
C1' UMP G . 0.91 -9.78 1.61
C2' UMP G . 1.87 -10.82 1.97
C3' UMP G . 3.04 -10.51 1.21
C4' UMP G . 2.46 -9.84 -0.05
O3' UMP G . 3.81 -9.65 2.04
O4' UMP G . 1.34 -9.13 0.43
C5' UMP G . 2.17 -10.80 -1.15
O5' UMP G . 3.37 -11.28 -1.72
P UMP G . 3.65 -12.84 -1.99
OP1 UMP G . 3.52 -13.61 -0.73
OP2 UMP G . 5.05 -13.01 -2.38
OP3 UMP G . 2.66 -13.36 -3.03
N1 MTX H . 1.72 -6.08 1.50
C2 MTX H . 2.56 -6.28 0.48
NA2 MTX H . 3.94 -6.27 0.74
N3 MTX H . 2.13 -6.44 -0.78
C4 MTX H . 0.79 -6.43 -1.03
NA4 MTX H . 0.35 -6.61 -2.31
C4A MTX H . -0.12 -6.23 0.00
N5 MTX H . -1.43 -6.24 -0.24
C6 MTX H . -2.28 -6.05 0.81
C7 MTX H . -1.73 -5.87 2.14
N8 MTX H . -0.40 -5.88 2.41
C8A MTX H . 0.42 -6.07 1.32
C9 MTX H . -3.76 -6.01 0.55
N10 MTX H . -4.54 -5.44 1.68
CM MTX H . -5.25 -6.38 2.51
C11 MTX H . -4.57 -1.25 2.30
C12 MTX H . -5.27 -2.07 3.13
C13 MTX H . -5.27 -3.47 2.96
C14 MTX H . -4.58 -4.04 1.91
C15 MTX H . -3.89 -3.19 1.02
C16 MTX H . -3.91 -1.84 1.22
C MTX H . -4.59 0.25 2.33
O MTX H . -3.69 0.90 1.77
N MTX H . -5.81 0.94 2.90
CA MTX H . -6.27 2.35 2.93
CT MTX H . -5.63 3.06 1.79
O1 MTX H . -5.71 2.48 0.60
O2 MTX H . -5.07 4.25 2.01
CB MTX H . -6.46 3.17 4.21
CG MTX H . -7.48 4.36 4.14
CD MTX H . -8.66 4.71 5.14
OE1 MTX H . -9.87 5.26 4.79
OE2 MTX H . -8.54 4.49 6.37
N1 UMP I . -12.79 18.76 26.12
C2 UMP I . -12.75 19.83 27.01
N3 UMP I . -12.94 21.11 26.36
C4 UMP I . -13.16 21.34 24.99
C5 UMP I . -13.21 20.20 24.08
C6 UMP I . -13.07 18.91 24.68
O2 UMP I . -12.58 19.73 28.21
O4 UMP I . -13.33 22.48 24.64
C1' UMP I . -12.68 17.45 26.57
C2' UMP I . -13.64 16.75 27.45
C3' UMP I . -13.43 15.36 27.17
C4' UMP I . -12.93 15.34 25.74
O3' UMP I . -12.41 14.97 28.07
O4' UMP I . -12.28 16.57 25.52
C5' UMP I . -14.03 15.13 24.73
O5' UMP I . -14.53 13.84 24.79
P UMP I . -16.08 13.45 24.89
OP1 UMP I . -16.68 14.17 26.08
OP2 UMP I . -16.80 13.87 23.61
OP3 UMP I . -16.06 11.94 25.15
N1 MTX J . -9.02 16.65 26.21
C2 MTX J . -9.29 15.50 25.58
NA2 MTX J . -9.13 14.34 26.32
N3 MTX J . -9.62 15.37 24.28
C4 MTX J . -9.76 16.51 23.57
NA4 MTX J . -10.08 16.44 22.26
C4A MTX J . -9.52 17.75 24.16
N5 MTX J . -9.63 18.86 23.42
C6 MTX J . -9.42 20.07 23.98
C7 MTX J . -9.04 20.10 25.38
N8 MTX J . -8.93 19.00 26.19
C8A MTX J . -9.15 17.79 25.54
C9 MTX J . -9.55 21.29 23.12
N10 MTX J . -8.90 22.46 23.72
CM MTX J . -9.73 23.51 24.32
C11 MTX J . -4.67 22.81 23.86
C12 MTX J . -5.21 21.74 23.25
C13 MTX J . -6.63 21.59 23.21
C14 MTX J . -7.48 22.54 23.75
C15 MTX J . -6.90 23.64 24.38
C16 MTX J . -5.53 23.76 24.42
C MTX J . -3.22 23.09 24.05
O MTX J . -2.47 22.98 23.07
N MTX J . -2.81 23.53 25.49
CA MTX J . -1.51 23.92 26.10
CT MTX J . -1.74 24.62 27.42
O1 MTX J . -0.98 24.46 28.48
O2 MTX J . -2.80 25.48 27.58
CB MTX J . -0.72 24.80 25.18
CG MTX J . 0.18 24.17 24.15
CD MTX J . 0.26 24.90 22.79
OE1 MTX J . 1.01 26.03 22.69
OE2 MTX J . -0.39 24.43 21.77
N1 UMP K . 17.40 5.84 -30.55
C2 UMP K . 17.81 4.97 -29.49
N3 UMP K . 17.67 3.57 -29.73
C4 UMP K . 17.16 2.97 -30.95
C5 UMP K . 16.70 3.88 -32.02
C6 UMP K . 16.86 5.31 -31.82
O2 UMP K . 18.29 5.36 -28.47
O4 UMP K . 17.06 1.74 -31.04
C1' UMP K . 17.46 7.28 -30.41
C2' UMP K . 18.54 8.28 -30.29
C3' UMP K . 17.98 9.54 -30.80
C4' UMP K . 16.85 9.10 -31.69
O3' UMP K . 17.51 10.19 -29.66
O4' UMP K . 16.38 7.86 -31.13
C5' UMP K . 17.29 8.98 -33.10
O5' UMP K . 17.69 10.20 -33.60
P UMP K . 18.90 10.55 -34.49
OP1 UMP K . 20.18 10.26 -33.71
OP2 UMP K . 18.84 12.02 -34.73
OP3 UMP K . 18.81 9.76 -35.79
N1 MTX L . 13.96 8.05 -29.30
C2 MTX L . 13.66 8.99 -30.11
NA2 MTX L . 13.88 10.33 -29.69
N3 MTX L . 13.22 8.71 -31.32
C4 MTX L . 13.02 7.44 -31.73
NA4 MTX L . 12.55 7.25 -33.01
C4A MTX L . 13.35 6.42 -30.81
N5 MTX L . 13.19 5.16 -31.10
C6 MTX L . 13.51 4.19 -30.21
C7 MTX L . 13.98 4.55 -28.92
N8 MTX L . 14.15 5.83 -28.59
C8A MTX L . 13.82 6.77 -29.53
C9 MTX L . 13.27 2.80 -30.65
N10 MTX L . 13.09 1.85 -29.61
CM MTX L . 14.09 0.87 -29.32
C11 MTX L . 9.65 2.00 -27.38
C12 MTX L . 10.64 1.16 -27.05
C13 MTX L . 11.78 1.11 -27.79
C14 MTX L . 11.92 1.91 -28.85
C15 MTX L . 10.88 2.78 -29.21
C16 MTX L . 9.76 2.82 -28.47
C MTX L . 8.45 2.00 -26.57
O MTX L . 8.43 1.39 -25.53
N MTX L . 7.20 2.72 -26.99
CA MTX L . 6.07 2.63 -26.09
CT MTX L . 5.59 1.26 -26.27
O1 MTX L . 5.55 0.44 -25.26
O2 MTX L . 5.28 0.90 -27.52
CB MTX L . 5.07 3.67 -26.39
CG MTX L . 5.30 5.06 -25.85
CD MTX L . 6.71 5.69 -25.89
OE1 MTX L . 7.03 6.77 -25.21
OE2 MTX L . 7.60 5.15 -26.63
N1 UMP M . -8.32 -39.25 8.88
C2 UMP M . -7.05 -38.85 9.49
N3 UMP M . -5.95 -39.02 8.54
C4 UMP M . -6.02 -39.49 7.18
C5 UMP M . -7.32 -39.88 6.63
C6 UMP M . -8.47 -39.71 7.52
O2 UMP M . -6.90 -38.39 10.67
O4 UMP M . -5.01 -39.58 6.54
C1' UMP M . -9.53 -39.14 9.66
C2' UMP M . -10.23 -37.98 10.31
C3' UMP M . -11.59 -38.48 10.55
C4' UMP M . -11.77 -39.50 9.48
O3' UMP M . -11.66 -39.14 11.82
O4' UMP M . -10.48 -40.13 9.32
C5' UMP M . -12.26 -38.85 8.22
O5' UMP M . -13.60 -38.49 8.23
P UMP M . -14.18 -37.16 7.61
OP1 UMP M . -14.10 -36.96 6.14
OP2 UMP M . -13.35 -36.03 8.24
OP3 UMP M . -15.56 -37.11 8.22
N1 MTX N . -9.86 -42.71 11.27
C2 MTX N . -11.18 -42.85 10.89
NA2 MTX N . -12.25 -42.69 11.83
N3 MTX N . -11.58 -43.08 9.60
C4 MTX N . -10.66 -43.23 8.67
NA4 MTX N . -10.98 -43.50 7.36
C4A MTX N . -9.32 -43.11 8.98
N5 MTX N . -8.44 -43.24 8.00
C6 MTX N . -7.10 -43.18 8.24
C7 MTX N . -6.67 -42.88 9.56
N8 MTX N . -7.56 -42.71 10.55
C8A MTX N . -8.92 -42.83 10.30
C9 MTX N . -6.16 -43.38 7.08
N10 MTX N . -4.78 -43.74 7.43
CM MTX N . -3.81 -42.72 7.15
C11 MTX N . -3.98 -47.38 9.48
C12 MTX N . -3.04 -46.40 9.37
C13 MTX N . -3.30 -45.23 8.66
C14 MTX N . -4.51 -44.96 8.12
C15 MTX N . -5.50 -45.94 8.33
C16 MTX N . -5.25 -47.07 9.02
C MTX N . -3.83 -48.58 10.34
O MTX N . -4.58 -48.34 11.29
N MTX N . -3.10 -49.87 10.69
CA MTX N . -2.16 -50.77 10.06
CT MTX N . -3.21 -51.67 9.56
O1 MTX N . -3.59 -52.65 10.30
O2 MTX N . -3.83 -51.36 8.41
CB MTX N . -1.18 -51.40 11.06
CG MTX N . -0.45 -52.76 10.89
CD MTX N . 0.89 -53.03 11.67
OE1 MTX N . 1.62 -52.01 12.15
OE2 MTX N . 1.36 -54.21 11.90
N1 UMP O . -41.51 28.65 33.91
C2 UMP O . -40.95 27.73 34.92
N3 UMP O . -41.13 26.35 34.55
C4 UMP O . -41.71 25.87 33.35
C5 UMP O . -42.23 26.80 32.35
C6 UMP O . -42.11 28.21 32.65
O2 UMP O . -40.41 28.02 36.01
O4 UMP O . -41.78 24.69 33.19
C1' UMP O . -41.41 30.08 34.13
C2' UMP O . -40.24 30.97 34.42
C3' UMP O . -40.71 32.32 34.09
C4' UMP O . -41.83 32.12 33.12
O3' UMP O . -41.11 32.96 35.29
O4' UMP O . -42.40 30.85 33.43
C5' UMP O . -41.31 32.03 31.73
O5' UMP O . -41.09 33.21 31.05
P UMP O . -39.91 33.48 30.10
OP1 UMP O . -39.94 32.85 28.72
OP2 UMP O . -39.76 35.00 30.04
OP3 UMP O . -38.73 32.98 30.95
N1 MTX P . -44.77 30.90 35.59
C2 MTX P . -44.93 31.93 34.80
NA2 MTX P . -44.68 33.20 35.40
N3 MTX P . -45.30 31.76 33.53
C4 MTX P . -45.52 30.52 33.05
NA4 MTX P . -45.89 30.29 31.76
C4A MTX P . -45.34 29.43 33.91
N5 MTX P . -45.52 28.20 33.50
C6 MTX P . -45.35 27.15 34.33
C7 MTX P . -44.94 27.39 35.66
N8 MTX P . -44.75 28.62 36.08
C8A MTX P . -44.95 29.66 35.21
C9 MTX P . -45.60 25.77 33.81
N10 MTX P . -45.85 24.76 34.80
CM MTX P . -44.92 23.71 34.98
C11 MTX P . -49.22 24.95 37.27
C12 MTX P . -49.07 25.80 36.25
C13 MTX P . -47.97 25.75 35.42
C14 MTX P . -47.01 24.82 35.63
C15 MTX P . -47.14 23.96 36.68
C16 MTX P . -48.22 24.03 37.48
C MTX P . -50.36 24.92 38.22
O MTX P . -50.09 24.78 39.37
N MTX P . -51.84 25.01 37.87
CA MTX P . -52.94 24.95 38.85
CT MTX P . -52.99 23.72 39.67
O1 MTX P . -54.04 22.94 39.73
O2 MTX P . -51.95 23.39 40.45
CB MTX P . -54.21 25.11 38.12
CG MTX P . -54.91 23.97 37.40
CD MTX P . -54.31 23.32 36.13
OE1 MTX P . -54.53 22.00 35.86
OE2 MTX P . -53.66 24.13 35.36
N1 UMP Q . 46.41 -3.51 -36.62
C2 UMP Q . 46.50 -2.30 -35.78
N3 UMP Q . 46.38 -1.05 -36.52
C4 UMP Q . 46.16 -0.94 -37.93
C5 UMP Q . 46.09 -2.16 -38.75
C6 UMP Q . 46.21 -3.47 -38.05
O2 UMP Q . 46.65 -2.30 -34.53
O4 UMP Q . 46.07 0.14 -38.43
C1' UMP Q . 46.55 -4.79 -36.04
C2' UMP Q . 45.74 -5.57 -35.05
C3' UMP Q . 46.15 -6.95 -35.25
C4' UMP Q . 46.69 -6.98 -36.63
O3' UMP Q . 47.12 -7.27 -34.29
O4' UMP Q . 47.28 -5.69 -36.87
C5' UMP Q . 45.60 -7.27 -37.63
O5' UMP Q . 45.18 -8.61 -37.69
P UMP Q . 43.69 -9.18 -37.57
OP1 UMP Q . 42.96 -8.86 -38.83
OP2 UMP Q . 43.88 -10.64 -37.09
OP3 UMP Q . 42.94 -8.46 -36.42
N1 MTX R . 50.52 -5.39 -35.89
C2 MTX R . 50.34 -6.65 -36.40
NA2 MTX R . 50.57 -7.78 -35.53
N3 MTX R . 49.95 -6.92 -37.71
C4 MTX R . 49.79 -5.89 -38.56
NA4 MTX R . 49.42 -6.12 -39.90
C4A MTX R . 49.99 -4.58 -38.09
N5 MTX R . 49.79 -3.54 -38.94
C6 MTX R . 49.95 -2.25 -38.52
C7 MTX R . 50.33 -2.01 -37.14
N8 MTX R . 50.53 -3.02 -36.28
C8A MTX R . 50.36 -4.34 -36.73
C9 MTX R . 49.75 -1.14 -39.54
N10 MTX R . 50.42 0.15 -39.31
CM MTX R . 49.63 1.35 -39.24
C11 MTX R . 54.61 0.33 -38.52
C12 MTX R . 53.73 1.31 -38.14
C13 MTX R . 52.38 1.25 -38.41
C14 MTX R . 51.86 0.19 -39.08
C15 MTX R . 52.77 -0.85 -39.46
C16 MTX R . 54.10 -0.78 -39.18
C MTX R . 56.06 0.46 -38.17
O MTX R . 56.72 -0.59 -38.03
N MTX R . 56.66 1.85 -37.92
CA MTX R . 58.03 2.26 -37.52
CT MTX R . 59.00 2.15 -38.68
O1 MTX R . 59.80 3.18 -38.96
O2 MTX R . 59.01 1.05 -39.47
CB MTX R . 58.39 1.61 -36.19
CG MTX R . 57.36 1.59 -35.04
CD MTX R . 57.71 1.73 -33.52
OE1 MTX R . 57.33 0.79 -32.61
OE2 MTX R . 58.33 2.78 -33.11
#